data_6F77
#
_entry.id   6F77
#
_cell.length_a   103.543
_cell.length_b   93.008
_cell.length_c   123.069
_cell.angle_alpha   90.00
_cell.angle_beta   91.36
_cell.angle_gamma   90.00
#
_symmetry.space_group_name_H-M   'P 1 21 1'
#
loop_
_entity.id
_entity.type
_entity.pdbx_description
1 polymer 'Aspartate aminotransferase A'
2 polymer 'Aspartate aminotransferase A'
3 non-polymer "PYRIDOXAL-5'-PHOSPHATE"
4 water water
#
loop_
_entity_poly.entity_id
_entity_poly.type
_entity_poly.pdbx_seq_one_letter_code
_entity_poly.pdbx_strand_id
1 'polypeptide(L)'
;MAFLADALSRVKPSATIAVSQKARELKAKGRDVIGLGAGEPDFDTPDNIKKAAIDAIDRGETKYTPVSGIPELREAIAKK
FKRENNLDYTAAQTIVGTGGKQILFNAFMATLNPGDEVVIPAPYWVSYPEMVALCGGTPVFVPTRQENNFKLKAEDLDRA
ITPKTKWFVFNSPSNPSGAAYSHEELKALTDVLMKHPHVWVLTDDMYEHLTYGDFRFATPVEVEPGLYERTLTMNGVSKA
YAMTGWRIGYAAGPLHLIKAMDMIQGQQTSGAASIAQWAAVEALNGPQDFIGRNKEIFQGRRDLVVSMLNQAKGISCPTP
EGAFYVYPSCAGLIGKTAPSGKVIETDEDFVSELLETEGVAVVHGSAFGLGPNFRISYATSEALLEEACRRIQRFCAACR
;
A,C,D,E,F
2 'polypeptide(L)'
;MAFLADALSRVKPSATIAVSQKARELKAKGRDVIGLGAGEPDFDTPDNIKKAAIDAIDRGETKYTPVSGIPELREAIAKK
FKRENNLDYTAAQTIVGTGGKQILFNAFMATLNPGDEVVIPAPYWVSYPEMVALCGGTPVFVPTRQENNFKLKAEDLDRA
ITPKTKWFVFNSPSNPSGAAYSHEELKALTDVLMKHPHVWVLTDDMYEHLTYGDFRFATPVEVEPGLYERTLTMNGVS
(LLP)AYAMTGWRIGYAAGPLHLIKAMDMIQGQQTSGAASIAQWAAVEALNGPQDFIGRNKEIFQGRRDLVVSMLNQAKG
ISCPTPEGAFYVYPSCAGLIGKTAPSGKVIETDEDFVSELLETEGVAVVHGSAFGLGPNFRISYATSEALLEEACRRIQR
FCAACR
;
B
#
loop_
_chem_comp.id
_chem_comp.type
_chem_comp.name
_chem_comp.formula
PLP non-polymer PYRIDOXAL-5'-PHOSPHATE 'C8 H10 N O6 P'
#
# COMPACT_ATOMS: atom_id res chain seq x y z
N ALA A 2 25.06 -58.71 25.55
CA ALA A 2 24.33 -59.80 24.94
C ALA A 2 23.90 -59.39 23.53
N PHE A 3 23.07 -60.21 22.89
CA PHE A 3 22.70 -59.92 21.50
C PHE A 3 21.82 -58.69 21.40
N LEU A 4 20.79 -58.59 22.24
CA LEU A 4 19.90 -57.45 22.17
C LEU A 4 20.55 -56.26 22.86
N ALA A 5 20.15 -55.06 22.44
CA ALA A 5 20.74 -53.84 22.98
C ALA A 5 20.43 -53.70 24.48
N ASP A 6 21.44 -53.29 25.24
CA ASP A 6 21.26 -52.99 26.66
C ASP A 6 20.11 -52.04 26.87
N ALA A 7 19.89 -51.14 25.91
CA ALA A 7 18.86 -50.10 26.03
C ALA A 7 17.48 -50.70 26.19
N LEU A 8 17.20 -51.85 25.55
CA LEU A 8 15.85 -52.42 25.63
C LEU A 8 15.49 -52.80 27.06
N SER A 9 16.48 -53.12 27.89
CA SER A 9 16.19 -53.50 29.27
CA SER A 9 16.20 -53.49 29.27
C SER A 9 15.70 -52.32 30.10
N ARG A 10 15.92 -51.09 29.64
CA ARG A 10 15.44 -49.90 30.33
CA ARG A 10 15.44 -49.92 30.36
C ARG A 10 13.94 -49.68 30.18
N VAL A 11 13.28 -50.43 29.31
CA VAL A 11 11.87 -50.24 29.02
C VAL A 11 11.09 -51.27 29.81
N LYS A 12 10.20 -50.80 30.68
CA LYS A 12 9.44 -51.76 31.47
C LYS A 12 8.32 -52.41 30.64
N PRO A 13 7.98 -53.66 30.95
CA PRO A 13 6.88 -54.32 30.23
C PRO A 13 5.58 -53.50 30.31
N SER A 14 4.78 -53.62 29.25
CA SER A 14 3.61 -52.77 29.08
C SER A 14 2.40 -53.38 29.79
N ALA A 15 1.86 -52.66 30.78
CA ALA A 15 0.63 -53.13 31.42
C ALA A 15 -0.56 -53.05 30.46
N THR A 16 -0.52 -52.10 29.52
CA THR A 16 -1.65 -51.90 28.59
C THR A 16 -1.75 -53.05 27.59
N ILE A 17 -0.62 -53.51 27.04
CA ILE A 17 -0.66 -54.64 26.14
C ILE A 17 -1.07 -55.90 26.89
N ALA A 18 -0.60 -56.04 28.14
CA ALA A 18 -0.96 -57.21 28.93
C ALA A 18 -2.47 -57.27 29.16
N VAL A 19 -3.11 -56.10 29.37
CA VAL A 19 -4.56 -56.08 29.55
C VAL A 19 -5.28 -56.50 28.28
N SER A 20 -4.85 -55.95 27.14
CA SER A 20 -5.43 -56.35 25.87
C SER A 20 -5.25 -57.84 25.63
N GLN A 21 -4.10 -58.39 26.06
CA GLN A 21 -3.83 -59.81 25.87
C GLN A 21 -4.74 -60.67 26.74
N LYS A 22 -4.91 -60.30 28.01
CA LYS A 22 -5.78 -61.07 28.90
C LYS A 22 -7.23 -60.99 28.45
N ALA A 23 -7.68 -59.80 28.03
CA ALA A 23 -9.01 -59.66 27.45
C ALA A 23 -9.16 -60.55 26.21
N ARG A 24 -8.17 -60.51 25.31
CA ARG A 24 -8.23 -61.35 24.11
C ARG A 24 -8.32 -62.83 24.46
N GLU A 25 -7.59 -63.25 25.50
CA GLU A 25 -7.65 -64.65 25.92
C GLU A 25 -9.02 -65.01 26.46
N LEU A 26 -9.65 -64.10 27.21
CA LEU A 26 -10.97 -64.39 27.76
C LEU A 26 -12.01 -64.51 26.65
N LYS A 27 -11.93 -63.64 25.64
CA LYS A 27 -12.88 -63.69 24.53
C LYS A 27 -12.68 -64.96 23.71
N ALA A 28 -11.45 -65.43 23.57
CA ALA A 28 -11.18 -66.61 22.76
C ALA A 28 -11.85 -67.84 23.37
N LYS A 29 -11.91 -67.92 24.69
CA LYS A 29 -12.57 -69.05 25.33
C LYS A 29 -14.03 -68.79 25.64
N GLY A 30 -14.68 -67.89 24.90
CA GLY A 30 -16.13 -67.78 24.95
C GLY A 30 -16.71 -66.76 25.90
N ARG A 31 -15.90 -65.97 26.58
CA ARG A 31 -16.44 -65.00 27.52
C ARG A 31 -16.97 -63.78 26.76
N ASP A 32 -18.03 -63.17 27.30
CA ASP A 32 -18.57 -61.94 26.74
C ASP A 32 -17.78 -60.76 27.31
N VAL A 33 -16.83 -60.27 26.54
CA VAL A 33 -15.88 -59.26 27.00
C VAL A 33 -16.22 -57.93 26.37
N ILE A 34 -16.21 -56.86 27.19
CA ILE A 34 -16.35 -55.49 26.69
C ILE A 34 -15.03 -54.78 26.97
N GLY A 35 -14.33 -54.37 25.90
CA GLY A 35 -13.07 -53.70 26.07
C GLY A 35 -13.30 -52.21 26.22
N LEU A 36 -12.73 -51.62 27.27
CA LEU A 36 -12.80 -50.18 27.46
C LEU A 36 -11.43 -49.53 27.39
N GLY A 37 -10.57 -50.02 26.49
CA GLY A 37 -9.22 -49.45 26.34
C GLY A 37 -8.90 -48.91 24.95
N ALA A 38 -9.92 -48.60 24.16
CA ALA A 38 -9.68 -48.10 22.79
C ALA A 38 -8.90 -46.79 22.82
N GLY A 39 -7.90 -46.69 21.94
CA GLY A 39 -7.19 -45.44 21.77
C GLY A 39 -7.54 -44.76 20.46
N GLU A 40 -8.68 -45.12 19.89
CA GLU A 40 -9.02 -44.60 18.58
C GLU A 40 -10.53 -44.46 18.52
N PRO A 41 -11.04 -43.46 17.81
CA PRO A 41 -12.50 -43.33 17.65
C PRO A 41 -13.08 -44.58 17.00
N ASP A 42 -14.34 -44.86 17.34
CA ASP A 42 -15.10 -45.95 16.73
C ASP A 42 -15.84 -45.50 15.46
N PHE A 43 -15.45 -44.38 14.87
CA PHE A 43 -16.00 -43.92 13.59
C PHE A 43 -15.00 -44.17 12.49
N ASP A 44 -15.48 -44.32 11.27
CA ASP A 44 -14.59 -44.43 10.11
C ASP A 44 -14.05 -43.06 9.72
N THR A 45 -13.00 -43.06 8.91
CA THR A 45 -12.48 -41.83 8.34
C THR A 45 -13.54 -41.15 7.47
N PRO A 46 -13.73 -39.83 7.58
CA PRO A 46 -14.75 -39.14 6.74
C PRO A 46 -14.52 -39.34 5.26
N ASP A 47 -15.62 -39.31 4.50
CA ASP A 47 -15.51 -39.60 3.08
C ASP A 47 -14.63 -38.59 2.36
N ASN A 48 -14.67 -37.31 2.75
CA ASN A 48 -13.87 -36.34 2.00
C ASN A 48 -12.39 -36.68 2.08
N ILE A 49 -11.94 -37.21 3.21
CA ILE A 49 -10.54 -37.60 3.34
C ILE A 49 -10.25 -38.85 2.52
N LYS A 50 -11.16 -39.83 2.58
CA LYS A 50 -11.01 -41.02 1.73
C LYS A 50 -10.88 -40.63 0.27
N LYS A 51 -11.74 -39.71 -0.19
CA LYS A 51 -11.74 -39.36 -1.61
C LYS A 51 -10.42 -38.71 -2.02
N ALA A 52 -9.87 -37.85 -1.15
CA ALA A 52 -8.57 -37.25 -1.44
C ALA A 52 -7.48 -38.30 -1.56
N ALA A 53 -7.46 -39.30 -0.66
CA ALA A 53 -6.49 -40.38 -0.78
C ALA A 53 -6.67 -41.13 -2.08
N ILE A 54 -7.90 -41.46 -2.43
CA ILE A 54 -8.14 -42.20 -3.66
C ILE A 54 -7.68 -41.38 -4.85
N ASP A 55 -7.93 -40.06 -4.79
CA ASP A 55 -7.48 -39.19 -5.87
C ASP A 55 -5.96 -39.22 -6.02
N ALA A 56 -5.25 -39.21 -4.90
CA ALA A 56 -3.80 -39.25 -4.98
C ALA A 56 -3.32 -40.59 -5.56
N ILE A 57 -4.00 -41.69 -5.21
CA ILE A 57 -3.68 -42.99 -5.80
C ILE A 57 -3.90 -42.93 -7.31
N ASP A 58 -5.04 -42.37 -7.72
CA ASP A 58 -5.37 -42.30 -9.14
C ASP A 58 -4.35 -41.46 -9.91
N ARG A 59 -3.86 -40.37 -9.31
CA ARG A 59 -2.92 -39.48 -9.99
C ARG A 59 -1.50 -40.04 -10.01
N GLY A 60 -1.22 -41.06 -9.21
CA GLY A 60 0.10 -41.64 -9.15
C GLY A 60 1.06 -40.98 -8.16
N GLU A 61 0.56 -40.45 -7.04
CA GLU A 61 1.39 -39.90 -5.97
C GLU A 61 1.91 -41.07 -5.13
N THR A 62 2.76 -41.88 -5.76
CA THR A 62 3.26 -43.13 -5.21
C THR A 62 4.77 -43.15 -5.06
N LYS A 63 5.42 -41.99 -5.12
CA LYS A 63 6.88 -41.87 -5.02
C LYS A 63 7.31 -41.38 -3.63
N TYR A 64 8.61 -41.56 -3.36
CA TYR A 64 9.20 -41.00 -2.15
C TYR A 64 8.83 -39.52 -2.03
N THR A 65 8.50 -39.09 -0.84
CA THR A 65 8.28 -37.68 -0.55
C THR A 65 9.53 -37.10 0.09
N PRO A 66 9.62 -35.77 0.21
CA PRO A 66 10.68 -35.23 1.07
C PRO A 66 10.49 -35.81 2.46
N VAL A 67 11.61 -36.03 3.15
CA VAL A 67 11.54 -36.75 4.43
C VAL A 67 10.59 -36.05 5.41
N SER A 68 10.60 -34.71 5.42
CA SER A 68 9.79 -33.96 6.38
C SER A 68 8.35 -33.77 5.91
N GLY A 69 8.02 -34.20 4.71
CA GLY A 69 6.64 -34.18 4.25
C GLY A 69 6.45 -33.54 2.89
N ILE A 70 5.35 -33.89 2.23
CA ILE A 70 5.06 -33.22 0.95
C ILE A 70 4.78 -31.75 1.19
N PRO A 71 5.19 -30.84 0.30
CA PRO A 71 5.03 -29.41 0.59
C PRO A 71 3.58 -28.99 0.80
N GLU A 72 2.63 -29.66 0.14
CA GLU A 72 1.22 -29.34 0.35
C GLU A 72 0.79 -29.55 1.79
N LEU A 73 1.33 -30.59 2.43
CA LEU A 73 0.95 -30.89 3.81
C LEU A 73 1.68 -30.00 4.80
N ARG A 74 2.97 -29.77 4.57
CA ARG A 74 3.70 -28.84 5.43
C ARG A 74 3.07 -27.46 5.39
N GLU A 75 2.60 -27.02 4.21
CA GLU A 75 1.88 -25.75 4.15
C GLU A 75 0.56 -25.84 4.90
N ALA A 76 -0.18 -26.94 4.73
CA ALA A 76 -1.46 -27.07 5.43
C ALA A 76 -1.27 -27.04 6.94
N ILE A 77 -0.18 -27.63 7.42
CA ILE A 77 0.12 -27.64 8.85
C ILE A 77 0.45 -26.23 9.35
N ALA A 78 1.30 -25.51 8.62
CA ALA A 78 1.61 -24.14 9.02
C ALA A 78 0.35 -23.28 9.08
N LYS A 79 -0.55 -23.45 8.10
CA LYS A 79 -1.79 -22.69 8.11
C LYS A 79 -2.70 -23.11 9.27
N LYS A 80 -2.77 -24.41 9.56
CA LYS A 80 -3.57 -24.88 10.70
C LYS A 80 -3.07 -24.26 11.99
N PHE A 81 -1.76 -24.23 12.21
CA PHE A 81 -1.23 -23.65 13.44
C PHE A 81 -1.60 -22.18 13.58
N LYS A 82 -1.61 -21.44 12.46
CA LYS A 82 -2.03 -20.05 12.51
C LYS A 82 -3.55 -19.93 12.69
N ARG A 83 -4.32 -20.68 11.91
CA ARG A 83 -5.76 -20.48 11.87
C ARG A 83 -6.42 -20.92 13.18
N GLU A 84 -6.00 -22.07 13.70
CA GLU A 84 -6.61 -22.69 14.88
C GLU A 84 -5.91 -22.31 16.19
N ASN A 85 -4.60 -22.12 16.18
CA ASN A 85 -3.85 -21.88 17.40
C ASN A 85 -3.15 -20.52 17.48
N ASN A 86 -3.31 -19.67 16.45
CA ASN A 86 -2.69 -18.33 16.41
C ASN A 86 -1.18 -18.38 16.60
N LEU A 87 -0.54 -19.40 16.03
CA LEU A 87 0.91 -19.56 16.04
C LEU A 87 1.48 -19.32 14.65
N ASP A 88 2.68 -18.73 14.60
CA ASP A 88 3.33 -18.34 13.33
C ASP A 88 4.52 -19.26 13.06
N TYR A 89 4.35 -20.23 12.17
CA TYR A 89 5.43 -21.12 11.73
C TYR A 89 5.51 -21.10 10.20
N THR A 90 6.73 -21.20 9.66
CA THR A 90 6.82 -21.43 8.23
C THR A 90 6.66 -22.93 7.95
N ALA A 91 6.39 -23.25 6.68
CA ALA A 91 6.36 -24.66 6.31
C ALA A 91 7.69 -25.36 6.60
N ALA A 92 8.80 -24.63 6.50
CA ALA A 92 10.11 -25.21 6.78
C ALA A 92 10.27 -25.60 8.24
N GLN A 93 9.46 -25.02 9.12
CA GLN A 93 9.49 -25.37 10.54
C GLN A 93 8.61 -26.56 10.88
N THR A 94 7.93 -27.17 9.90
CA THR A 94 7.01 -28.28 10.16
C THR A 94 7.65 -29.60 9.76
N ILE A 95 7.16 -30.67 10.36
CA ILE A 95 7.61 -32.01 10.01
C ILE A 95 6.43 -32.98 10.14
N VAL A 96 6.33 -33.86 9.16
CA VAL A 96 5.29 -34.90 9.10
C VAL A 96 5.96 -36.22 9.45
N GLY A 97 5.38 -36.95 10.41
CA GLY A 97 5.86 -38.26 10.79
C GLY A 97 4.81 -39.35 10.62
N THR A 98 5.27 -40.60 10.77
CA THR A 98 4.40 -41.76 10.71
C THR A 98 3.76 -41.91 12.09
N GLY A 99 2.67 -41.19 12.28
CA GLY A 99 2.01 -41.06 13.57
C GLY A 99 2.58 -39.90 14.36
N GLY A 100 1.76 -39.36 15.28
CA GLY A 100 2.31 -38.51 16.32
C GLY A 100 3.35 -39.25 17.15
N LYS A 101 3.22 -40.57 17.24
CA LYS A 101 4.23 -41.39 17.92
C LYS A 101 5.64 -41.12 17.38
N GLN A 102 5.80 -41.04 16.06
CA GLN A 102 7.16 -40.88 15.54
C GLN A 102 7.70 -39.48 15.78
N ILE A 103 6.83 -38.47 15.83
CA ILE A 103 7.28 -37.13 16.18
C ILE A 103 7.88 -37.13 17.58
N LEU A 104 7.14 -37.69 18.56
CA LEU A 104 7.66 -37.74 19.92
C LEU A 104 8.94 -38.54 19.98
N PHE A 105 8.95 -39.70 19.32
CA PHE A 105 10.11 -40.57 19.43
C PHE A 105 11.35 -39.86 18.92
N ASN A 106 11.24 -39.21 17.77
CA ASN A 106 12.44 -38.60 17.19
C ASN A 106 12.80 -37.29 17.84
N ALA A 107 11.84 -36.59 18.44
CA ALA A 107 12.21 -35.44 19.28
C ALA A 107 13.12 -35.89 20.41
N PHE A 108 12.80 -37.03 21.01
CA PHE A 108 13.63 -37.57 22.07
C PHE A 108 14.94 -38.14 21.53
N MET A 109 14.87 -38.95 20.47
CA MET A 109 16.12 -39.53 19.98
C MET A 109 17.07 -38.46 19.47
N ALA A 110 16.53 -37.34 18.95
CA ALA A 110 17.41 -36.27 18.46
C ALA A 110 18.07 -35.48 19.59
N THR A 111 17.61 -35.62 20.84
CA THR A 111 18.05 -34.71 21.88
C THR A 111 18.61 -35.42 23.11
N LEU A 112 18.12 -36.61 23.46
CA LEU A 112 18.48 -37.16 24.77
C LEU A 112 19.89 -37.77 24.80
N ASN A 113 20.64 -37.38 25.82
CA ASN A 113 21.89 -37.93 26.29
C ASN A 113 21.69 -38.57 27.66
N PRO A 114 22.47 -39.58 27.99
CA PRO A 114 22.47 -40.09 29.37
C PRO A 114 22.61 -38.97 30.39
N GLY A 115 21.73 -38.99 31.39
CA GLY A 115 21.68 -37.95 32.39
C GLY A 115 20.64 -36.86 32.14
N ASP A 116 20.14 -36.74 30.91
CA ASP A 116 19.10 -35.76 30.63
C ASP A 116 17.79 -36.19 31.28
N GLU A 117 17.13 -35.26 31.96
CA GLU A 117 15.89 -35.56 32.62
C GLU A 117 14.71 -35.03 31.81
N VAL A 118 13.61 -35.77 31.86
CA VAL A 118 12.39 -35.40 31.17
C VAL A 118 11.29 -35.42 32.22
N VAL A 119 10.71 -34.25 32.48
CA VAL A 119 9.63 -34.12 33.46
C VAL A 119 8.29 -34.49 32.80
N ILE A 120 7.60 -35.46 33.38
CA ILE A 120 6.39 -36.07 32.85
C ILE A 120 5.34 -36.05 33.96
N PRO A 121 4.27 -35.28 33.80
CA PRO A 121 3.22 -35.27 34.82
C PRO A 121 2.48 -36.59 34.83
N ALA A 122 2.14 -37.07 36.05
CA ALA A 122 1.30 -38.25 36.22
C ALA A 122 -0.13 -37.85 36.57
N PRO A 123 -1.15 -38.57 36.08
CA PRO A 123 -0.95 -39.78 35.26
C PRO A 123 -0.47 -39.47 33.86
N TYR A 124 0.39 -40.32 33.32
CA TYR A 124 0.96 -40.11 32.01
C TYR A 124 0.55 -41.20 31.03
N TRP A 125 0.50 -40.84 29.75
CA TRP A 125 0.46 -41.86 28.71
C TRP A 125 1.74 -42.68 28.80
N VAL A 126 1.59 -44.01 28.85
CA VAL A 126 2.73 -44.84 29.22
C VAL A 126 3.82 -44.82 28.16
N SER A 127 3.49 -44.45 26.93
CA SER A 127 4.55 -44.40 25.91
C SER A 127 5.59 -43.33 26.19
N TYR A 128 5.23 -42.24 26.91
CA TYR A 128 6.20 -41.17 27.18
C TYR A 128 7.44 -41.68 27.93
N PRO A 129 7.33 -42.28 29.12
CA PRO A 129 8.56 -42.74 29.79
C PRO A 129 9.24 -43.90 29.08
N GLU A 130 8.48 -44.72 28.34
CA GLU A 130 9.11 -45.80 27.59
C GLU A 130 10.08 -45.25 26.54
N MET A 131 9.63 -44.24 25.78
CA MET A 131 10.47 -43.59 24.77
C MET A 131 11.70 -42.93 25.39
N VAL A 132 11.49 -42.15 26.45
CA VAL A 132 12.61 -41.48 27.13
C VAL A 132 13.64 -42.51 27.58
N ALA A 133 13.16 -43.59 28.20
CA ALA A 133 14.07 -44.61 28.71
C ALA A 133 14.81 -45.32 27.57
N LEU A 134 14.10 -45.67 26.49
CA LEU A 134 14.76 -46.32 25.36
C LEU A 134 15.80 -45.42 24.73
N CYS A 135 15.52 -44.12 24.66
CA CYS A 135 16.49 -43.18 24.09
C CYS A 135 17.57 -42.77 25.09
N GLY A 136 17.51 -43.28 26.31
CA GLY A 136 18.60 -43.11 27.27
C GLY A 136 18.42 -41.99 28.28
N GLY A 137 17.30 -41.30 28.26
CA GLY A 137 17.04 -40.24 29.22
C GLY A 137 16.45 -40.78 30.50
N THR A 138 16.24 -39.87 31.45
CA THR A 138 15.68 -40.23 32.75
C THR A 138 14.32 -39.61 32.94
N PRO A 139 13.23 -40.38 32.95
CA PRO A 139 11.93 -39.80 33.31
C PRO A 139 11.92 -39.32 34.74
N VAL A 140 11.33 -38.15 34.95
CA VAL A 140 11.11 -37.59 36.28
C VAL A 140 9.62 -37.33 36.39
N PHE A 141 8.93 -38.07 37.25
CA PHE A 141 7.48 -38.00 37.29
C PHE A 141 7.05 -36.97 38.33
N VAL A 142 6.02 -36.20 37.99
CA VAL A 142 5.43 -35.22 38.88
C VAL A 142 3.97 -35.59 39.08
N PRO A 143 3.60 -36.10 40.24
CA PRO A 143 2.22 -36.53 40.45
C PRO A 143 1.26 -35.36 40.50
N THR A 144 0.07 -35.55 39.96
CA THR A 144 -1.06 -34.67 40.18
C THR A 144 -2.02 -35.36 41.15
N ARG A 145 -3.04 -34.63 41.60
CA ARG A 145 -3.97 -35.15 42.56
C ARG A 145 -5.39 -35.11 41.99
N GLN A 146 -6.19 -36.11 42.33
CA GLN A 146 -7.58 -36.13 41.87
C GLN A 146 -8.35 -34.93 42.40
N GLU A 147 -8.02 -34.48 43.61
CA GLU A 147 -8.71 -33.32 44.18
C GLU A 147 -8.44 -32.06 43.38
N ASN A 148 -7.36 -32.02 42.60
CA ASN A 148 -7.11 -30.93 41.67
CA ASN A 148 -7.09 -30.93 41.67
C ASN A 148 -7.46 -31.29 40.23
N ASN A 149 -8.39 -32.25 40.05
CA ASN A 149 -8.80 -32.70 38.73
C ASN A 149 -7.63 -33.15 37.87
N PHE A 150 -6.60 -33.73 38.50
CA PHE A 150 -5.44 -34.30 37.82
C PHE A 150 -4.61 -33.25 37.09
N LYS A 151 -4.69 -32.00 37.50
CA LYS A 151 -3.90 -30.95 36.87
C LYS A 151 -2.72 -30.56 37.76
N LEU A 152 -1.58 -30.35 37.10
CA LEU A 152 -0.32 -30.01 37.76
C LEU A 152 -0.40 -28.65 38.49
N LYS A 153 0.08 -28.63 39.73
CA LYS A 153 0.34 -27.38 40.45
C LYS A 153 1.69 -26.80 39.99
N ALA A 154 1.71 -25.48 39.79
CA ALA A 154 2.93 -24.83 39.35
C ALA A 154 4.10 -25.14 40.30
N GLU A 155 3.83 -25.13 41.60
CA GLU A 155 4.89 -25.37 42.58
CA GLU A 155 4.88 -25.38 42.59
C GLU A 155 5.47 -26.77 42.42
N ASP A 156 4.65 -27.75 42.03
CA ASP A 156 5.18 -29.11 41.84
C ASP A 156 6.03 -29.18 40.57
N LEU A 157 5.60 -28.50 39.51
CA LEU A 157 6.44 -28.45 38.32
C LEU A 157 7.77 -27.79 38.62
N ASP A 158 7.75 -26.67 39.37
CA ASP A 158 8.98 -25.94 39.65
C ASP A 158 9.96 -26.77 40.47
N ARG A 159 9.46 -27.54 41.43
CA ARG A 159 10.36 -28.33 42.27
C ARG A 159 11.04 -29.44 41.48
N ALA A 160 10.39 -29.92 40.42
CA ALA A 160 10.91 -31.07 39.69
C ALA A 160 12.01 -30.69 38.71
N ILE A 161 12.08 -29.42 38.31
CA ILE A 161 13.03 -28.97 37.30
C ILE A 161 14.41 -28.81 37.91
N THR A 162 15.43 -29.34 37.24
CA THR A 162 16.82 -29.25 37.67
C THR A 162 17.65 -28.74 36.50
N PRO A 163 18.93 -28.41 36.74
CA PRO A 163 19.81 -28.10 35.60
C PRO A 163 19.91 -29.25 34.60
N LYS A 164 19.59 -30.48 35.01
CA LYS A 164 19.64 -31.61 34.10
C LYS A 164 18.36 -31.78 33.29
N THR A 165 17.28 -31.09 33.66
CA THR A 165 16.04 -31.17 32.89
C THR A 165 16.25 -30.65 31.48
N LYS A 166 15.91 -31.47 30.49
CA LYS A 166 15.95 -31.04 29.11
C LYS A 166 14.58 -30.80 28.52
N TRP A 167 13.57 -31.56 28.95
CA TRP A 167 12.21 -31.52 28.39
C TRP A 167 11.18 -31.56 29.50
N PHE A 168 10.07 -30.86 29.27
CA PHE A 168 8.84 -30.98 30.03
C PHE A 168 7.78 -31.41 29.03
N VAL A 169 7.12 -32.53 29.29
CA VAL A 169 6.08 -33.05 28.41
C VAL A 169 4.74 -32.56 28.92
N PHE A 170 4.00 -31.87 28.05
CA PHE A 170 2.72 -31.28 28.42
C PHE A 170 1.68 -31.83 27.46
N ASN A 171 0.73 -32.62 27.97
CA ASN A 171 -0.24 -33.32 27.17
C ASN A 171 -1.61 -32.88 27.66
N SER A 172 -2.26 -32.01 26.88
CA SER A 172 -3.59 -31.49 27.24
C SER A 172 -4.43 -31.33 25.98
N PRO A 173 -5.64 -31.92 25.91
CA PRO A 173 -6.26 -32.80 26.91
C PRO A 173 -5.46 -34.08 27.08
N SER A 174 -5.56 -34.66 28.27
CA SER A 174 -4.69 -35.75 28.69
C SER A 174 -5.25 -37.11 28.33
N ASN A 175 -4.40 -37.96 27.77
CA ASN A 175 -4.55 -39.39 27.92
C ASN A 175 -3.66 -39.78 29.09
N PRO A 176 -4.17 -40.35 30.19
CA PRO A 176 -5.44 -41.03 30.43
C PRO A 176 -6.52 -40.28 31.20
N SER A 177 -6.33 -39.03 31.62
CA SER A 177 -7.25 -38.48 32.61
C SER A 177 -8.41 -37.70 32.01
N GLY A 178 -8.30 -37.28 30.76
CA GLY A 178 -9.29 -36.40 30.20
C GLY A 178 -9.23 -34.98 30.73
N ALA A 179 -8.25 -34.68 31.58
CA ALA A 179 -8.09 -33.32 32.09
C ALA A 179 -7.62 -32.41 30.96
N ALA A 180 -8.13 -31.18 30.96
CA ALA A 180 -7.72 -30.19 29.97
C ALA A 180 -7.46 -28.86 30.66
N TYR A 181 -6.29 -28.27 30.41
CA TYR A 181 -5.91 -27.05 31.09
C TYR A 181 -6.53 -25.84 30.42
N SER A 182 -7.20 -25.00 31.21
CA SER A 182 -7.61 -23.71 30.69
C SER A 182 -6.39 -22.84 30.39
N HIS A 183 -6.65 -21.74 29.67
CA HIS A 183 -5.61 -20.74 29.42
C HIS A 183 -4.93 -20.32 30.73
N GLU A 184 -5.75 -20.02 31.75
CA GLU A 184 -5.20 -19.51 33.01
C GLU A 184 -4.43 -20.58 33.78
N GLU A 185 -4.92 -21.82 33.76
CA GLU A 185 -4.17 -22.92 34.39
C GLU A 185 -2.84 -23.13 33.70
N LEU A 186 -2.83 -23.09 32.38
CA LEU A 186 -1.59 -23.25 31.62
C LEU A 186 -0.65 -22.07 31.84
N LYS A 187 -1.19 -20.85 31.99
CA LYS A 187 -0.34 -19.69 32.21
C LYS A 187 0.47 -19.83 33.49
N ALA A 188 -0.11 -20.48 34.51
CA ALA A 188 0.61 -20.71 35.75
C ALA A 188 1.80 -21.61 35.53
N LEU A 189 1.68 -22.56 34.60
CA LEU A 189 2.79 -23.46 34.28
C LEU A 189 3.80 -22.80 33.36
N THR A 190 3.36 -22.00 32.39
CA THR A 190 4.34 -21.32 31.55
C THR A 190 5.12 -20.27 32.33
N ASP A 191 4.48 -19.67 33.35
CA ASP A 191 5.22 -18.75 34.20
C ASP A 191 6.38 -19.44 34.89
N VAL A 192 6.19 -20.71 35.28
CA VAL A 192 7.28 -21.48 35.85
C VAL A 192 8.35 -21.76 34.79
N LEU A 193 7.91 -22.17 33.60
CA LEU A 193 8.89 -22.53 32.56
C LEU A 193 9.71 -21.32 32.15
N MET A 194 9.12 -20.12 32.25
CA MET A 194 9.86 -18.92 31.88
C MET A 194 10.96 -18.63 32.89
N LYS A 195 10.87 -19.23 34.08
CA LYS A 195 11.92 -19.14 35.10
C LYS A 195 13.04 -20.17 34.93
N HIS A 196 12.91 -21.09 33.98
CA HIS A 196 13.90 -22.14 33.74
C HIS A 196 14.14 -22.21 32.24
N PRO A 197 14.90 -21.25 31.69
CA PRO A 197 14.91 -21.06 30.24
C PRO A 197 15.62 -22.15 29.46
N HIS A 198 16.32 -23.07 30.12
CA HIS A 198 16.96 -24.19 29.44
C HIS A 198 16.00 -25.35 29.16
N VAL A 199 14.81 -25.34 29.76
CA VAL A 199 13.89 -26.46 29.64
C VAL A 199 13.05 -26.28 28.38
N TRP A 200 13.14 -27.26 27.48
CA TRP A 200 12.29 -27.28 26.30
C TRP A 200 10.93 -27.90 26.62
N VAL A 201 9.91 -27.48 25.87
CA VAL A 201 8.54 -27.93 26.10
C VAL A 201 8.13 -28.81 24.92
N LEU A 202 7.66 -30.01 25.23
CA LEU A 202 7.11 -30.91 24.23
C LEU A 202 5.62 -30.97 24.49
N THR A 203 4.81 -30.32 23.63
CA THR A 203 3.39 -30.25 23.89
C THR A 203 2.65 -31.17 22.92
N ASP A 204 1.81 -32.05 23.47
CA ASP A 204 1.13 -33.10 22.72
C ASP A 204 -0.33 -32.66 22.64
N ASP A 205 -0.70 -32.02 21.54
CA ASP A 205 -2.02 -31.43 21.34
C ASP A 205 -2.98 -32.37 20.59
N MET A 206 -2.71 -33.68 20.62
CA MET A 206 -3.44 -34.66 19.82
CA MET A 206 -3.45 -34.60 19.77
C MET A 206 -4.96 -34.59 20.03
N TYR A 207 -5.41 -34.32 21.25
CA TYR A 207 -6.82 -34.32 21.55
C TYR A 207 -7.43 -32.92 21.54
N GLU A 208 -6.73 -31.96 20.93
CA GLU A 208 -7.20 -30.58 20.76
C GLU A 208 -8.67 -30.46 20.39
N HIS A 209 -9.10 -31.26 19.40
CA HIS A 209 -10.44 -31.11 18.86
C HIS A 209 -11.47 -32.01 19.54
N LEU A 210 -11.11 -32.64 20.65
CA LEU A 210 -12.03 -33.47 21.42
C LEU A 210 -12.16 -32.80 22.79
N THR A 211 -12.97 -31.76 22.87
CA THR A 211 -13.17 -31.05 24.13
C THR A 211 -14.66 -30.77 24.29
N TYR A 212 -15.10 -30.58 25.52
CA TYR A 212 -16.52 -30.56 25.80
C TYR A 212 -16.95 -29.24 26.42
N GLY A 213 -18.24 -28.96 26.26
CA GLY A 213 -18.82 -27.77 26.88
C GLY A 213 -18.21 -26.54 26.26
N ASP A 214 -18.01 -25.51 27.10
CA ASP A 214 -17.45 -24.25 26.64
C ASP A 214 -15.94 -24.18 26.85
N PHE A 215 -15.30 -25.32 27.11
CA PHE A 215 -13.85 -25.34 27.24
C PHE A 215 -13.20 -24.80 25.96
N ARG A 216 -12.20 -23.95 26.11
CA ARG A 216 -11.47 -23.38 24.99
C ARG A 216 -10.01 -23.85 25.03
N PHE A 217 -9.61 -24.59 24.01
CA PHE A 217 -8.25 -25.13 23.96
C PHE A 217 -7.22 -24.02 23.84
N ALA A 218 -6.12 -24.18 24.55
CA ALA A 218 -4.97 -23.29 24.40
C ALA A 218 -3.68 -24.11 24.46
N THR A 219 -2.68 -23.69 23.67
CA THR A 219 -1.43 -24.42 23.60
C THR A 219 -0.30 -23.55 24.16
N PRO A 220 0.75 -24.16 24.72
CA PRO A 220 1.75 -23.37 25.48
C PRO A 220 2.33 -22.14 24.78
N VAL A 221 2.77 -22.24 23.53
CA VAL A 221 3.37 -21.08 22.89
C VAL A 221 2.32 -19.99 22.62
N GLU A 222 1.06 -20.38 22.46
CA GLU A 222 -0.01 -19.39 22.34
C GLU A 222 -0.21 -18.64 23.65
N VAL A 223 -0.11 -19.34 24.78
CA VAL A 223 -0.29 -18.74 26.08
C VAL A 223 0.94 -17.93 26.48
N GLU A 224 2.14 -18.40 26.11
CA GLU A 224 3.38 -17.72 26.44
C GLU A 224 4.28 -17.68 25.20
N PRO A 225 4.18 -16.61 24.39
CA PRO A 225 5.05 -16.49 23.21
C PRO A 225 6.53 -16.59 23.54
N GLY A 226 6.90 -16.29 24.79
CA GLY A 226 8.29 -16.43 25.17
C GLY A 226 8.83 -17.85 25.09
N LEU A 227 7.96 -18.84 24.92
CA LEU A 227 8.36 -20.24 24.79
C LEU A 227 8.62 -20.66 23.35
N TYR A 228 8.50 -19.72 22.40
CA TYR A 228 8.46 -20.09 20.98
C TYR A 228 9.75 -20.78 20.54
N GLU A 229 10.90 -20.30 21.01
CA GLU A 229 12.18 -20.82 20.56
C GLU A 229 12.64 -22.06 21.34
N ARG A 230 11.80 -22.62 22.22
CA ARG A 230 12.17 -23.87 22.87
C ARG A 230 10.98 -24.79 23.07
N THR A 231 10.02 -24.76 22.15
CA THR A 231 8.88 -25.67 22.18
C THR A 231 8.71 -26.38 20.85
N LEU A 232 8.45 -27.67 20.94
CA LEU A 232 7.97 -28.46 19.82
C LEU A 232 6.46 -28.63 19.97
N THR A 233 5.69 -28.03 19.06
CA THR A 233 4.23 -28.11 19.10
C THR A 233 3.80 -29.28 18.23
N MET A 234 3.38 -30.37 18.87
CA MET A 234 3.08 -31.62 18.20
C MET A 234 1.57 -31.86 18.18
N ASN A 235 1.09 -32.43 17.08
CA ASN A 235 -0.33 -32.70 16.89
C ASN A 235 -0.43 -33.85 15.87
N GLY A 236 -1.62 -34.06 15.31
CA GLY A 236 -1.82 -35.18 14.41
C GLY A 236 -3.27 -35.28 14.00
N VAL A 237 -3.52 -36.10 12.98
CA VAL A 237 -4.87 -36.28 12.49
C VAL A 237 -5.55 -37.53 13.06
N SER A 238 -4.82 -38.34 13.86
CA SER A 238 -5.33 -39.64 14.30
C SER A 238 -6.68 -39.51 15.00
N LYS A 239 -6.72 -38.74 16.09
CA LYS A 239 -7.93 -38.69 16.91
CA LYS A 239 -7.92 -38.67 16.92
C LYS A 239 -8.99 -37.78 16.29
N ALA A 240 -8.61 -36.55 15.92
CA ALA A 240 -9.60 -35.59 15.44
C ALA A 240 -10.34 -36.09 14.21
N TYR A 241 -9.64 -36.80 13.33
CA TYR A 241 -10.22 -37.17 12.05
C TYR A 241 -10.43 -38.68 11.89
N ALA A 242 -10.34 -39.44 12.99
CA ALA A 242 -10.53 -40.89 12.94
C ALA A 242 -9.65 -41.48 11.84
N MET A 243 -8.36 -41.17 11.95
CA MET A 243 -7.36 -41.56 10.96
C MET A 243 -6.22 -42.36 11.59
N THR A 244 -6.48 -43.03 12.72
CA THR A 244 -5.41 -43.69 13.45
C THR A 244 -4.59 -44.64 12.58
N GLY A 245 -5.28 -45.44 11.75
CA GLY A 245 -4.59 -46.40 10.89
C GLY A 245 -3.69 -45.77 9.83
N TRP A 246 -3.95 -44.53 9.42
CA TRP A 246 -3.21 -43.91 8.32
C TRP A 246 -1.80 -43.49 8.72
N ARG A 247 -1.58 -43.26 10.03
CA ARG A 247 -0.29 -42.90 10.65
C ARG A 247 0.25 -41.57 10.10
N ILE A 248 -0.40 -40.48 10.50
CA ILE A 248 0.09 -39.15 10.14
C ILE A 248 0.05 -38.29 11.39
N GLY A 249 1.22 -37.91 11.89
CA GLY A 249 1.34 -36.90 12.91
C GLY A 249 2.25 -35.80 12.41
N TYR A 250 2.27 -34.67 13.13
CA TYR A 250 3.12 -33.57 12.69
C TYR A 250 3.54 -32.70 13.88
N ALA A 251 4.45 -31.79 13.61
CA ALA A 251 4.88 -30.84 14.63
C ALA A 251 5.52 -29.63 13.97
N ALA A 252 5.71 -28.59 14.76
CA ALA A 252 6.44 -27.41 14.31
C ALA A 252 7.26 -26.89 15.47
N GLY A 253 8.44 -26.34 15.15
CA GLY A 253 9.32 -25.83 16.18
C GLY A 253 10.54 -25.18 15.57
N PRO A 254 11.56 -24.96 16.39
CA PRO A 254 12.76 -24.28 15.90
C PRO A 254 13.46 -25.10 14.84
N LEU A 255 14.02 -24.40 13.85
CA LEU A 255 14.61 -25.05 12.68
C LEU A 255 15.68 -26.07 13.06
N HIS A 256 16.52 -25.76 14.06
CA HIS A 256 17.63 -26.69 14.31
C HIS A 256 17.14 -28.00 14.92
N LEU A 257 16.05 -27.96 15.67
CA LEU A 257 15.44 -29.22 16.13
C LEU A 257 14.77 -29.95 14.99
N ILE A 258 14.02 -29.23 14.17
CA ILE A 258 13.33 -29.84 13.03
C ILE A 258 14.34 -30.50 12.08
N LYS A 259 15.48 -29.85 11.87
CA LYS A 259 16.52 -30.43 11.02
C LYS A 259 17.10 -31.72 11.62
N ALA A 260 17.29 -31.75 12.94
CA ALA A 260 17.81 -32.95 13.58
C ALA A 260 16.81 -34.10 13.52
N MET A 261 15.52 -33.81 13.71
CA MET A 261 14.50 -34.84 13.62
C MET A 261 14.36 -35.33 12.18
N ASP A 262 14.47 -34.43 11.21
CA ASP A 262 14.48 -34.84 9.81
C ASP A 262 15.65 -35.77 9.51
N MET A 263 16.81 -35.53 10.09
CA MET A 263 17.94 -36.42 9.82
CA MET A 263 17.93 -36.42 9.81
C MET A 263 17.67 -37.81 10.37
N ILE A 264 17.15 -37.90 11.59
CA ILE A 264 16.86 -39.22 12.16
C ILE A 264 15.73 -39.90 11.42
N GLN A 265 14.67 -39.17 11.13
CA GLN A 265 13.55 -39.74 10.39
C GLN A 265 13.99 -40.25 9.03
N GLY A 266 14.92 -39.55 8.39
CA GLY A 266 15.45 -40.01 7.12
C GLY A 266 16.12 -41.37 7.20
N GLN A 267 16.78 -41.67 8.33
CA GLN A 267 17.40 -42.97 8.51
C GLN A 267 16.39 -44.05 8.89
N GLN A 268 15.28 -43.66 9.49
CA GLN A 268 14.30 -44.57 10.07
C GLN A 268 13.25 -45.03 9.06
N THR A 269 12.55 -44.09 8.47
CA THR A 269 11.41 -44.40 7.61
C THR A 269 11.43 -43.68 6.28
N SER A 270 12.31 -42.68 6.10
CA SER A 270 12.16 -41.69 5.03
C SER A 270 10.83 -40.98 5.30
N GLY A 271 10.17 -40.43 4.28
CA GLY A 271 8.91 -39.78 4.53
C GLY A 271 7.78 -40.75 4.84
N ALA A 272 6.72 -40.23 5.47
CA ALA A 272 5.50 -41.00 5.71
C ALA A 272 4.83 -41.34 4.38
N ALA A 273 4.00 -42.41 4.40
CA ALA A 273 3.33 -42.88 3.20
C ALA A 273 2.72 -41.73 2.42
N SER A 274 3.03 -41.67 1.13
CA SER A 274 2.60 -40.53 0.31
C SER A 274 1.09 -40.39 0.28
N ILE A 275 0.38 -41.52 0.15
CA ILE A 275 -1.08 -41.49 0.05
C ILE A 275 -1.69 -40.96 1.35
N ALA A 276 -1.15 -41.38 2.50
CA ALA A 276 -1.66 -40.88 3.77
C ALA A 276 -1.41 -39.39 3.91
N GLN A 277 -0.31 -38.89 3.35
CA GLN A 277 -0.06 -37.46 3.47
C GLN A 277 -1.10 -36.66 2.70
N TRP A 278 -1.45 -37.12 1.49
CA TRP A 278 -2.47 -36.41 0.73
C TRP A 278 -3.81 -36.46 1.44
N ALA A 279 -4.11 -37.59 2.10
CA ALA A 279 -5.29 -37.68 2.95
C ALA A 279 -5.25 -36.61 4.04
N ALA A 280 -4.11 -36.47 4.72
CA ALA A 280 -4.01 -35.48 5.80
C ALA A 280 -4.16 -34.06 5.26
N VAL A 281 -3.69 -33.77 4.03
CA VAL A 281 -3.92 -32.44 3.47
C VAL A 281 -5.41 -32.12 3.45
N GLU A 282 -6.23 -33.07 2.99
CA GLU A 282 -7.68 -32.83 2.95
C GLU A 282 -8.26 -32.76 4.36
N ALA A 283 -7.77 -33.57 5.29
CA ALA A 283 -8.28 -33.49 6.66
C ALA A 283 -8.16 -32.08 7.22
N LEU A 284 -6.97 -31.47 7.05
CA LEU A 284 -6.71 -30.15 7.60
C LEU A 284 -7.41 -29.04 6.81
N ASN A 285 -7.37 -29.12 5.47
CA ASN A 285 -7.87 -28.05 4.62
C ASN A 285 -9.36 -28.16 4.30
N GLY A 286 -9.95 -29.33 4.45
CA GLY A 286 -11.33 -29.55 4.10
C GLY A 286 -12.31 -29.06 5.15
N PRO A 287 -13.59 -29.35 4.94
CA PRO A 287 -14.62 -28.94 5.89
C PRO A 287 -14.39 -29.63 7.23
N GLN A 288 -14.78 -28.95 8.31
CA GLN A 288 -14.49 -29.43 9.66
C GLN A 288 -15.73 -29.90 10.41
N ASP A 289 -16.81 -30.22 9.69
CA ASP A 289 -18.08 -30.62 10.33
C ASP A 289 -17.92 -31.85 11.21
N PHE A 290 -17.06 -32.78 10.82
CA PHE A 290 -16.83 -34.00 11.59
C PHE A 290 -16.48 -33.67 13.03
N ILE A 291 -15.64 -32.65 13.23
CA ILE A 291 -15.20 -32.28 14.57
CA ILE A 291 -15.21 -32.26 14.56
C ILE A 291 -16.40 -31.93 15.44
N GLY A 292 -17.26 -31.02 14.96
CA GLY A 292 -18.40 -30.58 15.76
C GLY A 292 -19.39 -31.70 16.00
N ARG A 293 -19.61 -32.54 14.98
CA ARG A 293 -20.49 -33.70 15.12
C ARG A 293 -20.02 -34.62 16.22
N ASN A 294 -18.72 -34.88 16.29
CA ASN A 294 -18.21 -35.84 17.25
C ASN A 294 -18.14 -35.28 18.67
N LYS A 295 -17.95 -33.97 18.82
CA LYS A 295 -17.99 -33.40 20.17
CA LYS A 295 -18.01 -33.38 20.16
C LYS A 295 -19.32 -33.74 20.85
N GLU A 296 -20.43 -33.63 20.12
CA GLU A 296 -21.74 -33.91 20.70
C GLU A 296 -21.90 -35.40 21.02
N ILE A 297 -21.47 -36.28 20.11
CA ILE A 297 -21.54 -37.72 20.35
C ILE A 297 -20.73 -38.10 21.57
N PHE A 298 -19.47 -37.67 21.61
CA PHE A 298 -18.60 -38.01 22.73
C PHE A 298 -19.07 -37.40 24.04
N GLN A 299 -19.59 -36.17 24.01
CA GLN A 299 -20.05 -35.58 25.27
C GLN A 299 -21.16 -36.42 25.89
N GLY A 300 -22.07 -36.94 25.06
CA GLY A 300 -23.13 -37.79 25.59
C GLY A 300 -22.60 -39.07 26.19
N ARG A 301 -21.60 -39.68 25.55
CA ARG A 301 -21.00 -40.89 26.08
C ARG A 301 -20.30 -40.60 27.40
N ARG A 302 -19.56 -39.49 27.44
CA ARG A 302 -18.91 -39.06 28.67
C ARG A 302 -19.93 -38.91 29.79
N ASP A 303 -21.03 -38.22 29.51
CA ASP A 303 -22.05 -37.99 30.53
C ASP A 303 -22.62 -39.31 31.03
N LEU A 304 -22.87 -40.25 30.11
CA LEU A 304 -23.39 -41.55 30.52
C LEU A 304 -22.43 -42.23 31.50
N VAL A 305 -21.15 -42.31 31.13
CA VAL A 305 -20.16 -43.02 31.93
CA VAL A 305 -20.20 -43.05 31.96
C VAL A 305 -19.92 -42.31 33.26
N VAL A 306 -19.85 -40.97 33.25
CA VAL A 306 -19.68 -40.25 34.52
C VAL A 306 -20.87 -40.50 35.43
N SER A 307 -22.08 -40.48 34.89
CA SER A 307 -23.25 -40.75 35.72
C SER A 307 -23.21 -42.16 36.31
N MET A 308 -22.93 -43.15 35.47
CA MET A 308 -23.05 -44.53 35.93
C MET A 308 -21.92 -44.88 36.89
N LEU A 309 -20.70 -44.41 36.62
CA LEU A 309 -19.57 -44.75 37.47
C LEU A 309 -19.72 -44.15 38.87
N ASN A 310 -20.24 -42.92 38.96
CA ASN A 310 -20.46 -42.34 40.28
C ASN A 310 -21.62 -42.97 41.04
N GLN A 311 -22.38 -43.87 40.41
CA GLN A 311 -23.36 -44.64 41.16
C GLN A 311 -22.76 -45.92 41.76
N ALA A 312 -21.60 -46.36 41.26
CA ALA A 312 -21.00 -47.60 41.70
C ALA A 312 -20.37 -47.44 43.08
N LYS A 313 -20.60 -48.43 43.94
CA LYS A 313 -20.06 -48.38 45.30
CA LYS A 313 -20.07 -48.40 45.30
C LYS A 313 -18.54 -48.32 45.29
N GLY A 314 -17.99 -47.37 46.04
CA GLY A 314 -16.56 -47.20 46.13
C GLY A 314 -15.89 -46.53 44.95
N ILE A 315 -16.66 -46.06 43.97
CA ILE A 315 -16.08 -45.43 42.78
C ILE A 315 -16.40 -43.93 42.79
N SER A 316 -15.42 -43.12 42.41
CA SER A 316 -15.59 -41.69 42.27
C SER A 316 -14.98 -41.27 40.95
N CYS A 317 -15.76 -40.59 40.10
CA CYS A 317 -15.31 -40.30 38.74
C CYS A 317 -15.38 -38.81 38.45
N PRO A 318 -14.25 -38.11 38.30
CA PRO A 318 -14.31 -36.70 37.90
C PRO A 318 -14.85 -36.58 36.48
N THR A 319 -15.41 -35.40 36.18
CA THR A 319 -15.92 -35.16 34.84
C THR A 319 -14.79 -34.57 33.99
N PRO A 320 -14.35 -35.25 32.95
CA PRO A 320 -13.23 -34.75 32.14
C PRO A 320 -13.69 -33.69 31.16
N GLU A 321 -12.72 -32.91 30.67
CA GLU A 321 -13.03 -31.85 29.73
C GLU A 321 -12.58 -32.13 28.31
N GLY A 322 -11.78 -33.16 28.09
CA GLY A 322 -11.29 -33.40 26.75
C GLY A 322 -10.86 -34.84 26.58
N ALA A 323 -10.42 -35.16 25.36
CA ALA A 323 -10.11 -36.54 24.99
C ALA A 323 -11.34 -37.44 25.15
N PHE A 324 -11.16 -38.76 25.24
CA PHE A 324 -12.33 -39.63 25.44
C PHE A 324 -12.05 -40.66 26.51
N TYR A 325 -11.43 -40.21 27.59
CA TYR A 325 -11.10 -41.05 28.75
C TYR A 325 -11.70 -40.48 30.02
N VAL A 326 -12.06 -41.38 30.95
CA VAL A 326 -12.31 -41.03 32.34
C VAL A 326 -11.31 -41.80 33.20
N TYR A 327 -11.02 -41.25 34.37
CA TYR A 327 -9.99 -41.79 35.24
C TYR A 327 -10.54 -41.97 36.66
N PRO A 328 -11.61 -42.75 36.82
CA PRO A 328 -12.22 -42.92 38.16
C PRO A 328 -11.28 -43.53 39.18
N SER A 329 -11.58 -43.25 40.43
CA SER A 329 -10.89 -43.81 41.59
C SER A 329 -11.64 -45.02 42.11
N CYS A 330 -10.90 -46.09 42.42
CA CYS A 330 -11.47 -47.24 43.12
C CYS A 330 -10.99 -47.29 44.57
N ALA A 331 -10.65 -46.12 45.12
CA ALA A 331 -10.11 -46.06 46.48
C ALA A 331 -11.08 -46.63 47.49
N GLY A 332 -12.37 -46.53 47.22
CA GLY A 332 -13.35 -47.02 48.17
C GLY A 332 -13.46 -48.52 48.22
N LEU A 333 -12.79 -49.22 47.32
CA LEU A 333 -12.82 -50.68 47.30
C LEU A 333 -11.51 -51.30 47.77
N ILE A 334 -10.47 -50.48 47.97
CA ILE A 334 -9.20 -51.01 48.48
C ILE A 334 -9.42 -51.62 49.85
N GLY A 335 -8.96 -52.86 50.02
CA GLY A 335 -9.11 -53.57 51.26
C GLY A 335 -10.33 -54.45 51.33
N LYS A 336 -11.25 -54.32 50.38
CA LYS A 336 -12.45 -55.15 50.39
C LYS A 336 -12.20 -56.44 49.63
N THR A 337 -13.13 -57.38 49.77
CA THR A 337 -13.01 -58.69 49.15
C THR A 337 -13.89 -58.72 47.91
N ALA A 338 -13.27 -59.03 46.77
CA ALA A 338 -13.98 -59.22 45.53
C ALA A 338 -14.84 -60.49 45.60
N PRO A 339 -15.81 -60.63 44.68
CA PRO A 339 -16.65 -61.85 44.67
C PRO A 339 -15.86 -63.16 44.66
N SER A 340 -14.68 -63.18 44.05
CA SER A 340 -13.88 -64.39 43.97
C SER A 340 -13.22 -64.76 45.29
N GLY A 341 -13.26 -63.89 46.29
CA GLY A 341 -12.49 -64.06 47.51
C GLY A 341 -11.20 -63.27 47.54
N LYS A 342 -10.76 -62.73 46.41
CA LYS A 342 -9.52 -61.97 46.37
C LYS A 342 -9.68 -60.66 47.14
N VAL A 343 -8.76 -60.40 48.06
CA VAL A 343 -8.73 -59.11 48.75
C VAL A 343 -8.11 -58.09 47.79
N ILE A 344 -8.84 -57.03 47.49
CA ILE A 344 -8.43 -56.00 46.54
C ILE A 344 -7.42 -55.07 47.24
N GLU A 345 -6.12 -55.29 47.01
CA GLU A 345 -5.10 -54.51 47.68
C GLU A 345 -4.60 -53.32 46.85
N THR A 346 -4.79 -53.35 45.54
CA THR A 346 -4.27 -52.34 44.63
C THR A 346 -5.28 -52.13 43.51
N ASP A 347 -5.10 -51.06 42.75
CA ASP A 347 -5.99 -50.90 41.59
C ASP A 347 -5.75 -51.98 40.54
N GLU A 348 -4.55 -52.56 40.49
CA GLU A 348 -4.34 -53.70 39.59
C GLU A 348 -5.19 -54.90 40.00
N ASP A 349 -5.32 -55.15 41.31
CA ASP A 349 -6.22 -56.21 41.77
C ASP A 349 -7.66 -55.91 41.37
N PHE A 350 -8.09 -54.67 41.54
CA PHE A 350 -9.44 -54.30 41.17
C PHE A 350 -9.69 -54.58 39.71
N VAL A 351 -8.77 -54.17 38.86
CA VAL A 351 -8.99 -54.26 37.42
C VAL A 351 -8.95 -55.70 36.95
N SER A 352 -8.05 -56.51 37.53
CA SER A 352 -7.95 -57.89 37.09
C SER A 352 -9.14 -58.72 37.59
N GLU A 353 -9.62 -58.42 38.81
CA GLU A 353 -10.83 -59.10 39.28
C GLU A 353 -12.04 -58.66 38.44
N LEU A 354 -12.15 -57.37 38.11
CA LEU A 354 -13.25 -56.90 37.28
C LEU A 354 -13.28 -57.61 35.93
N LEU A 355 -12.11 -57.73 35.30
CA LEU A 355 -12.04 -58.42 34.03
C LEU A 355 -12.48 -59.88 34.16
N GLU A 356 -11.97 -60.58 35.18
CA GLU A 356 -12.27 -62.01 35.28
C GLU A 356 -13.73 -62.23 35.65
N THR A 357 -14.25 -61.46 36.61
CA THR A 357 -15.63 -61.66 37.08
C THR A 357 -16.65 -61.15 36.06
N GLU A 358 -16.43 -59.95 35.50
CA GLU A 358 -17.44 -59.32 34.65
C GLU A 358 -17.06 -59.22 33.18
N GLY A 359 -15.84 -59.57 32.80
CA GLY A 359 -15.46 -59.43 31.41
C GLY A 359 -15.33 -58.01 30.91
N VAL A 360 -15.14 -57.03 31.79
CA VAL A 360 -14.92 -55.63 31.41
C VAL A 360 -13.45 -55.32 31.56
N ALA A 361 -12.79 -54.90 30.47
CA ALA A 361 -11.35 -54.68 30.43
C ALA A 361 -11.03 -53.20 30.53
N VAL A 362 -10.37 -52.80 31.62
CA VAL A 362 -9.89 -51.43 31.82
C VAL A 362 -8.41 -51.55 32.21
N VAL A 363 -7.74 -50.43 32.32
CA VAL A 363 -6.31 -50.41 32.67
C VAL A 363 -6.17 -49.76 34.03
N HIS A 364 -5.40 -50.39 34.93
CA HIS A 364 -5.26 -49.85 36.27
C HIS A 364 -4.41 -48.59 36.30
N GLY A 365 -4.77 -47.69 37.23
CA GLY A 365 -4.15 -46.37 37.27
C GLY A 365 -2.67 -46.37 37.55
N SER A 366 -2.21 -47.29 38.42
CA SER A 366 -0.78 -47.35 38.73
C SER A 366 0.08 -47.55 37.48
N ALA A 367 -0.48 -48.15 36.43
CA ALA A 367 0.24 -48.30 35.17
C ALA A 367 0.57 -46.95 34.53
N PHE A 368 -0.25 -45.94 34.80
CA PHE A 368 -0.06 -44.58 34.30
C PHE A 368 0.57 -43.66 35.35
N GLY A 369 1.01 -44.21 36.47
CA GLY A 369 1.68 -43.42 37.47
C GLY A 369 0.81 -42.80 38.55
N LEU A 370 -0.49 -43.13 38.60
CA LEU A 370 -1.37 -42.57 39.63
C LEU A 370 -2.52 -43.52 39.93
N GLY A 371 -2.56 -44.00 41.19
CA GLY A 371 -3.65 -44.82 41.66
C GLY A 371 -4.05 -44.45 43.07
N PRO A 372 -5.06 -45.14 43.64
CA PRO A 372 -5.79 -46.27 43.06
C PRO A 372 -6.89 -45.80 42.10
N ASN A 373 -6.68 -46.03 40.81
CA ASN A 373 -7.55 -45.49 39.78
C ASN A 373 -7.65 -46.51 38.65
N PHE A 374 -8.51 -46.25 37.67
CA PHE A 374 -8.49 -47.04 36.45
C PHE A 374 -8.95 -46.16 35.30
N ARG A 375 -8.47 -46.44 34.09
CA ARG A 375 -8.86 -45.68 32.91
C ARG A 375 -9.93 -46.40 32.12
N ILE A 376 -10.96 -45.66 31.71
CA ILE A 376 -11.96 -46.14 30.76
C ILE A 376 -11.90 -45.24 29.53
N SER A 377 -11.82 -45.86 28.36
CA SER A 377 -12.03 -45.14 27.12
C SER A 377 -13.48 -45.29 26.72
N TYR A 378 -14.16 -44.17 26.47
CA TYR A 378 -15.53 -44.26 26.00
C TYR A 378 -15.65 -44.07 24.50
N ALA A 379 -14.60 -44.40 23.74
CA ALA A 379 -14.68 -44.49 22.28
C ALA A 379 -15.28 -45.85 21.88
N THR A 380 -16.51 -46.07 22.31
CA THR A 380 -17.29 -47.24 21.90
C THR A 380 -18.76 -46.88 22.04
N SER A 381 -19.63 -47.79 21.65
CA SER A 381 -21.04 -47.47 21.56
C SER A 381 -21.64 -47.21 22.93
N GLU A 382 -22.72 -46.42 22.95
CA GLU A 382 -23.44 -46.17 24.19
C GLU A 382 -24.01 -47.46 24.76
N ALA A 383 -24.50 -48.36 23.90
CA ALA A 383 -25.03 -49.64 24.39
C ALA A 383 -23.96 -50.42 25.14
N LEU A 384 -22.74 -50.49 24.58
CA LEU A 384 -21.65 -51.20 25.23
C LEU A 384 -21.19 -50.49 26.50
N LEU A 385 -21.19 -49.14 26.51
CA LEU A 385 -20.80 -48.42 27.72
C LEU A 385 -21.81 -48.65 28.84
N GLU A 386 -23.10 -48.59 28.51
CA GLU A 386 -24.14 -48.84 29.50
C GLU A 386 -24.02 -50.24 30.06
N GLU A 387 -23.85 -51.24 29.19
CA GLU A 387 -23.72 -52.62 29.68
C GLU A 387 -22.47 -52.78 30.54
N ALA A 388 -21.33 -52.25 30.09
CA ALA A 388 -20.11 -52.33 30.88
C ALA A 388 -20.25 -51.63 32.23
N CYS A 389 -20.88 -50.45 32.26
CA CYS A 389 -21.02 -49.75 33.54
C CYS A 389 -22.02 -50.44 34.46
N ARG A 390 -23.06 -51.07 33.89
CA ARG A 390 -23.94 -51.91 34.71
C ARG A 390 -23.16 -53.02 35.38
N ARG A 391 -22.25 -53.65 34.64
CA ARG A 391 -21.44 -54.74 35.20
C ARG A 391 -20.49 -54.23 36.26
N ILE A 392 -19.89 -53.06 36.04
CA ILE A 392 -19.03 -52.45 37.07
C ILE A 392 -19.84 -52.17 38.34
N GLN A 393 -21.03 -51.59 38.20
CA GLN A 393 -21.91 -51.36 39.35
C GLN A 393 -22.17 -52.65 40.11
N ARG A 394 -22.53 -53.72 39.38
CA ARG A 394 -22.82 -55.00 40.03
C ARG A 394 -21.59 -55.57 40.73
N PHE A 395 -20.42 -55.47 40.09
CA PHE A 395 -19.19 -55.95 40.69
C PHE A 395 -18.85 -55.20 41.97
N CYS A 396 -18.94 -53.87 41.94
CA CYS A 396 -18.59 -53.07 43.11
C CYS A 396 -19.56 -53.34 44.26
N ALA A 397 -20.85 -53.53 43.94
CA ALA A 397 -21.82 -53.84 44.98
C ALA A 397 -21.54 -55.19 45.62
N ALA A 398 -20.91 -56.11 44.90
CA ALA A 398 -20.61 -57.44 45.42
C ALA A 398 -19.31 -57.49 46.20
N CYS A 399 -18.54 -56.42 46.22
CA CYS A 399 -17.32 -56.37 47.02
C CYS A 399 -17.68 -56.09 48.46
N ARG A 400 -17.08 -56.85 49.37
CA ARG A 400 -17.42 -56.77 50.79
C ARG A 400 -16.16 -56.60 51.62
N ALA B 2 25.22 -30.84 24.99
CA ALA B 2 24.47 -29.85 24.22
C ALA B 2 23.00 -30.25 24.12
N PHE B 3 22.19 -29.41 23.48
CA PHE B 3 20.78 -29.72 23.33
C PHE B 3 20.56 -30.93 22.42
N LEU B 4 21.19 -30.92 21.24
CA LEU B 4 21.09 -32.10 20.37
C LEU B 4 21.93 -33.24 20.92
N ALA B 5 21.48 -34.46 20.64
CA ALA B 5 22.12 -35.65 21.20
C ALA B 5 23.50 -35.86 20.58
N ASP B 6 24.44 -36.32 21.41
CA ASP B 6 25.79 -36.61 20.93
C ASP B 6 25.79 -37.61 19.78
N ALA B 7 24.84 -38.55 19.78
CA ALA B 7 24.77 -39.55 18.72
C ALA B 7 24.70 -38.92 17.33
N LEU B 8 24.02 -37.77 17.21
CA LEU B 8 23.88 -37.12 15.90
C LEU B 8 25.23 -36.77 15.29
N SER B 9 26.23 -36.46 16.12
CA SER B 9 27.53 -36.08 15.57
C SER B 9 28.30 -37.27 15.02
N ARG B 10 27.81 -38.49 15.22
CA ARG B 10 28.45 -39.67 14.64
C ARG B 10 28.08 -39.88 13.19
N VAL B 11 27.07 -39.18 12.68
CA VAL B 11 26.62 -39.35 11.30
C VAL B 11 27.25 -38.25 10.45
N LYS B 12 28.02 -38.66 9.44
CA LYS B 12 28.62 -37.71 8.51
C LYS B 12 27.54 -37.06 7.64
N PRO B 13 27.75 -35.81 7.22
CA PRO B 13 26.80 -35.17 6.31
C PRO B 13 26.72 -35.90 4.97
N SER B 14 25.50 -35.97 4.42
CA SER B 14 25.20 -36.83 3.28
C SER B 14 25.60 -36.18 1.97
N ALA B 15 26.44 -36.87 1.19
CA ALA B 15 26.76 -36.39 -0.15
C ALA B 15 25.63 -36.67 -1.13
N THR B 16 24.84 -37.73 -0.90
CA THR B 16 23.68 -38.01 -1.75
C THR B 16 22.71 -36.85 -1.73
N ILE B 17 22.46 -36.26 -0.56
CA ILE B 17 21.57 -35.10 -0.48
C ILE B 17 22.26 -33.88 -1.08
N ALA B 18 23.56 -33.74 -0.86
CA ALA B 18 24.28 -32.60 -1.40
C ALA B 18 24.20 -32.55 -2.92
N VAL B 19 24.50 -33.68 -3.61
CA VAL B 19 24.44 -33.67 -5.07
C VAL B 19 23.03 -33.39 -5.54
N SER B 20 22.02 -33.97 -4.87
CA SER B 20 20.64 -33.67 -5.20
C SER B 20 20.32 -32.20 -4.98
N GLN B 21 21.10 -31.52 -4.14
CA GLN B 21 20.89 -30.10 -3.88
C GLN B 21 21.44 -29.24 -5.02
N LYS B 22 22.66 -29.54 -5.45
CA LYS B 22 23.26 -28.80 -6.57
C LYS B 22 22.47 -28.99 -7.84
N ALA B 23 21.91 -30.19 -8.07
CA ALA B 23 21.09 -30.43 -9.24
C ALA B 23 19.82 -29.59 -9.21
N ARG B 24 19.10 -29.61 -8.09
CA ARG B 24 17.93 -28.75 -7.93
C ARG B 24 18.29 -27.28 -8.12
N GLU B 25 19.46 -26.87 -7.61
CA GLU B 25 19.87 -25.47 -7.74
C GLU B 25 20.18 -25.13 -9.20
N LEU B 26 20.93 -25.99 -9.89
CA LEU B 26 21.20 -25.77 -11.31
C LEU B 26 19.92 -25.70 -12.12
N LYS B 27 18.96 -26.59 -11.82
CA LYS B 27 17.67 -26.54 -12.52
C LYS B 27 16.99 -25.20 -12.31
N ALA B 28 17.14 -24.62 -11.10
CA ALA B 28 16.54 -23.32 -10.83
C ALA B 28 17.13 -22.22 -11.70
N LYS B 29 18.40 -22.35 -12.10
CA LYS B 29 19.03 -21.36 -12.97
C LYS B 29 18.70 -21.60 -14.44
N GLY B 30 17.79 -22.52 -14.76
CA GLY B 30 17.36 -22.73 -16.12
C GLY B 30 18.12 -23.76 -16.92
N ARG B 31 18.98 -24.55 -16.27
CA ARG B 31 19.70 -25.58 -17.00
C ARG B 31 18.83 -26.81 -17.19
N ASP B 32 19.04 -27.50 -18.30
CA ASP B 32 18.32 -28.74 -18.60
C ASP B 32 19.11 -29.88 -17.96
N VAL B 33 18.77 -30.16 -16.71
CA VAL B 33 19.43 -31.18 -15.90
C VAL B 33 18.76 -32.54 -16.14
N ILE B 34 19.58 -33.58 -16.27
CA ILE B 34 19.09 -34.95 -16.29
C ILE B 34 19.61 -35.62 -15.02
N GLY B 35 18.68 -36.01 -14.16
CA GLY B 35 19.03 -36.63 -12.91
C GLY B 35 19.13 -38.14 -13.04
N LEU B 36 20.30 -38.68 -12.75
CA LEU B 36 20.54 -40.11 -12.76
C LEU B 36 20.82 -40.65 -11.36
N GLY B 37 20.31 -39.97 -10.34
CA GLY B 37 20.42 -40.42 -8.95
C GLY B 37 19.13 -40.99 -8.39
N ALA B 38 18.19 -41.34 -9.27
CA ALA B 38 16.94 -41.93 -8.79
C ALA B 38 17.19 -43.18 -7.97
N GLY B 39 16.31 -43.42 -7.02
CA GLY B 39 16.35 -44.69 -6.32
C GLY B 39 15.01 -45.36 -6.43
N GLU B 40 14.21 -44.96 -7.41
CA GLU B 40 12.88 -45.51 -7.47
C GLU B 40 12.44 -45.71 -8.92
N PRO B 41 11.64 -46.75 -9.16
CA PRO B 41 11.09 -46.97 -10.50
C PRO B 41 10.43 -45.73 -11.06
N ASP B 42 10.58 -45.51 -12.37
CA ASP B 42 9.83 -44.46 -13.04
C ASP B 42 8.39 -44.86 -13.33
N PHE B 43 8.09 -46.16 -13.33
CA PHE B 43 6.73 -46.62 -13.55
C PHE B 43 5.90 -46.43 -12.28
N ASP B 44 4.59 -46.38 -12.46
CA ASP B 44 3.68 -46.19 -11.34
C ASP B 44 3.31 -47.54 -10.73
N THR B 45 2.79 -47.49 -9.52
CA THR B 45 2.25 -48.69 -8.88
C THR B 45 1.24 -49.37 -9.79
N PRO B 46 1.35 -50.68 -9.99
CA PRO B 46 0.39 -51.38 -10.85
C PRO B 46 -1.04 -51.21 -10.38
N ASP B 47 -1.98 -51.33 -11.34
CA ASP B 47 -3.38 -51.05 -11.02
C ASP B 47 -3.97 -52.03 -10.00
N ASN B 48 -3.62 -53.32 -10.08
CA ASN B 48 -4.22 -54.28 -9.15
C ASN B 48 -3.90 -53.91 -7.71
N ILE B 49 -2.70 -53.40 -7.46
CA ILE B 49 -2.32 -52.95 -6.13
C ILE B 49 -3.09 -51.67 -5.78
N LYS B 50 -3.18 -50.74 -6.73
CA LYS B 50 -3.92 -49.51 -6.45
C LYS B 50 -5.36 -49.84 -6.09
N LYS B 51 -5.97 -50.76 -6.84
CA LYS B 51 -7.36 -51.12 -6.60
C LYS B 51 -7.53 -51.73 -5.22
N ALA B 52 -6.60 -52.60 -4.83
CA ALA B 52 -6.65 -53.20 -3.50
C ALA B 52 -6.62 -52.13 -2.43
N ALA B 53 -5.71 -51.15 -2.58
CA ALA B 53 -5.64 -50.01 -1.67
C ALA B 53 -6.96 -49.26 -1.61
N ILE B 54 -7.54 -48.98 -2.77
CA ILE B 54 -8.80 -48.25 -2.80
C ILE B 54 -9.89 -49.07 -2.12
N ASP B 55 -9.96 -50.37 -2.40
CA ASP B 55 -10.93 -51.23 -1.70
C ASP B 55 -10.77 -51.14 -0.19
N ALA B 56 -9.53 -51.15 0.31
CA ALA B 56 -9.29 -51.09 1.74
C ALA B 56 -9.76 -49.76 2.32
N ILE B 57 -9.55 -48.67 1.59
CA ILE B 57 -10.07 -47.38 2.01
C ILE B 57 -11.59 -47.41 2.07
N ASP B 58 -12.22 -47.88 0.98
CA ASP B 58 -13.67 -47.91 0.89
C ASP B 58 -14.30 -48.65 2.05
N ARG B 59 -13.77 -49.81 2.42
CA ARG B 59 -14.43 -50.61 3.45
C ARG B 59 -13.94 -50.28 4.85
N GLY B 60 -13.06 -49.29 4.99
CA GLY B 60 -12.74 -48.76 6.28
C GLY B 60 -11.60 -49.41 7.03
N GLU B 61 -10.54 -49.86 6.32
CA GLU B 61 -9.34 -50.39 6.98
C GLU B 61 -8.48 -49.22 7.45
N THR B 62 -9.02 -48.47 8.41
CA THR B 62 -8.44 -47.18 8.79
C THR B 62 -8.07 -47.13 10.26
N LYS B 63 -8.05 -48.28 10.94
CA LYS B 63 -7.77 -48.38 12.36
C LYS B 63 -6.34 -48.82 12.60
N TYR B 64 -5.90 -48.69 13.85
CA TYR B 64 -4.60 -49.23 14.26
C TYR B 64 -4.51 -50.72 13.93
N THR B 65 -3.35 -51.14 13.44
CA THR B 65 -3.07 -52.54 13.15
C THR B 65 -2.20 -53.12 14.23
N PRO B 66 -2.04 -54.43 14.30
CA PRO B 66 -0.97 -54.98 15.14
C PRO B 66 0.35 -54.34 14.72
N VAL B 67 1.21 -54.09 15.71
CA VAL B 67 2.44 -53.36 15.45
C VAL B 67 3.26 -54.05 14.37
N SER B 68 3.35 -55.38 14.42
CA SER B 68 4.16 -56.15 13.47
C SER B 68 3.46 -56.36 12.13
N GLY B 69 2.20 -55.92 12.00
CA GLY B 69 1.49 -55.96 10.74
C GLY B 69 0.16 -56.68 10.80
N ILE B 70 -0.73 -56.38 9.85
CA ILE B 70 -2.02 -57.08 9.78
C ILE B 70 -1.76 -58.55 9.47
N PRO B 71 -2.57 -59.48 10.00
CA PRO B 71 -2.27 -60.91 9.80
C PRO B 71 -2.25 -61.32 8.33
N GLU B 72 -3.08 -60.69 7.50
CA GLU B 72 -3.11 -61.03 6.08
C GLU B 72 -1.75 -60.76 5.43
N LEU B 73 -1.09 -59.67 5.81
CA LEU B 73 0.19 -59.35 5.19
C LEU B 73 1.32 -60.21 5.77
N ARG B 74 1.30 -60.44 7.08
CA ARG B 74 2.31 -61.32 7.66
C ARG B 74 2.19 -62.74 7.12
N GLU B 75 0.98 -63.23 6.89
CA GLU B 75 0.83 -64.53 6.26
C GLU B 75 1.31 -64.50 4.81
N ALA B 76 0.98 -63.44 4.07
CA ALA B 76 1.44 -63.32 2.69
C ALA B 76 2.97 -63.29 2.62
N ILE B 77 3.62 -62.65 3.59
CA ILE B 77 5.07 -62.60 3.63
C ILE B 77 5.64 -63.99 3.87
N ALA B 78 5.13 -64.70 4.87
CA ALA B 78 5.61 -66.05 5.12
C ALA B 78 5.44 -66.93 3.89
N LYS B 79 4.32 -66.77 3.17
CA LYS B 79 4.10 -67.59 1.99
C LYS B 79 5.04 -67.19 0.85
N LYS B 80 5.36 -65.90 0.76
CA LYS B 80 6.31 -65.45 -0.26
C LYS B 80 7.70 -66.00 0.01
N PHE B 81 8.14 -66.00 1.28
CA PHE B 81 9.46 -66.53 1.56
C PHE B 81 9.54 -68.02 1.24
N LYS B 82 8.45 -68.77 1.43
CA LYS B 82 8.46 -70.18 1.07
C LYS B 82 8.37 -70.36 -0.45
N ARG B 83 7.42 -69.65 -1.09
CA ARG B 83 7.16 -69.86 -2.52
C ARG B 83 8.32 -69.37 -3.39
N GLU B 84 8.93 -68.24 -3.04
CA GLU B 84 9.94 -67.63 -3.90
C GLU B 84 11.38 -67.94 -3.48
N ASN B 85 11.65 -68.16 -2.18
CA ASN B 85 13.01 -68.37 -1.70
C ASN B 85 13.21 -69.71 -1.00
N ASN B 86 12.17 -70.55 -0.95
CA ASN B 86 12.18 -71.86 -0.29
CA ASN B 86 12.24 -71.86 -0.31
C ASN B 86 12.68 -71.77 1.15
N LEU B 87 12.24 -70.71 1.85
CA LEU B 87 12.54 -70.56 3.26
C LEU B 87 11.32 -70.89 4.09
N ASP B 88 11.54 -71.40 5.28
CA ASP B 88 10.47 -71.85 6.17
C ASP B 88 10.35 -70.89 7.35
N TYR B 89 9.39 -69.96 7.27
CA TYR B 89 9.08 -69.05 8.36
C TYR B 89 7.59 -69.11 8.66
N THR B 90 7.22 -68.99 9.93
CA THR B 90 5.82 -68.79 10.27
C THR B 90 5.49 -67.31 10.19
N ALA B 91 4.19 -67.01 10.14
CA ALA B 91 3.76 -65.61 10.16
C ALA B 91 4.21 -64.90 11.44
N ALA B 92 4.33 -65.62 12.55
CA ALA B 92 4.78 -64.97 13.78
C ALA B 92 6.24 -64.51 13.68
N GLN B 93 6.98 -65.07 12.73
CA GLN B 93 8.38 -64.68 12.55
C GLN B 93 8.54 -63.50 11.60
N THR B 94 7.45 -62.93 11.09
CA THR B 94 7.54 -61.83 10.14
C THR B 94 7.22 -60.51 10.84
N ILE B 95 7.73 -59.44 10.27
CA ILE B 95 7.44 -58.10 10.78
C ILE B 95 7.33 -57.15 9.58
N VAL B 96 6.33 -56.28 9.63
CA VAL B 96 6.05 -55.30 8.58
C VAL B 96 6.44 -53.93 9.12
N GLY B 97 7.21 -53.17 8.32
CA GLY B 97 7.69 -51.87 8.73
C GLY B 97 7.38 -50.78 7.71
N THR B 98 7.61 -49.53 8.12
CA THR B 98 7.38 -48.36 7.28
C THR B 98 8.63 -48.20 6.42
N GLY B 99 8.65 -48.93 5.31
CA GLY B 99 9.81 -49.04 4.45
C GLY B 99 10.73 -50.16 4.91
N GLY B 100 11.53 -50.67 3.96
CA GLY B 100 12.64 -51.50 4.38
C GLY B 100 13.60 -50.76 5.29
N LYS B 101 13.65 -49.43 5.17
CA LYS B 101 14.56 -48.67 6.03
C LYS B 101 14.28 -48.89 7.51
N GLN B 102 13.00 -48.93 7.89
CA GLN B 102 12.69 -49.10 9.30
C GLN B 102 13.00 -50.50 9.79
N ILE B 103 12.86 -51.50 8.91
CA ILE B 103 13.31 -52.85 9.22
C ILE B 103 14.80 -52.84 9.53
N LEU B 104 15.60 -52.27 8.62
CA LEU B 104 17.04 -52.21 8.86
C LEU B 104 17.35 -51.38 10.10
N PHE B 105 16.71 -50.21 10.22
CA PHE B 105 17.00 -49.33 11.35
C PHE B 105 16.74 -50.04 12.67
N ASN B 106 15.61 -50.73 12.79
CA ASN B 106 15.32 -51.31 14.09
C ASN B 106 16.06 -52.62 14.35
N ALA B 107 16.47 -53.33 13.30
CA ALA B 107 17.38 -54.45 13.52
C ALA B 107 18.63 -53.95 14.24
N PHE B 108 19.17 -52.81 13.82
CA PHE B 108 20.33 -52.26 14.52
C PHE B 108 19.96 -51.65 15.86
N MET B 109 18.88 -50.87 15.94
CA MET B 109 18.57 -50.25 17.22
C MET B 109 18.27 -51.31 18.28
N ALA B 110 17.67 -52.43 17.90
CA ALA B 110 17.37 -53.51 18.84
C ALA B 110 18.61 -54.27 19.29
N THR B 111 19.75 -54.12 18.62
CA THR B 111 20.89 -54.98 18.93
C THR B 111 22.18 -54.25 19.29
N LEU B 112 22.42 -53.06 18.76
CA LEU B 112 23.77 -52.49 18.82
C LEU B 112 24.08 -51.90 20.18
N ASN B 113 25.22 -52.30 20.73
CA ASN B 113 25.82 -51.71 21.91
C ASN B 113 27.14 -51.05 21.53
N PRO B 114 27.62 -50.11 22.34
CA PRO B 114 28.91 -49.49 22.05
C PRO B 114 30.00 -50.55 21.86
N GLY B 115 30.75 -50.41 20.77
CA GLY B 115 31.80 -51.36 20.44
C GLY B 115 31.38 -52.50 19.53
N ASP B 116 30.08 -52.76 19.39
CA ASP B 116 29.62 -53.75 18.42
C ASP B 116 30.01 -53.29 17.02
N GLU B 117 30.60 -54.19 16.24
CA GLU B 117 31.04 -53.85 14.89
C GLU B 117 30.07 -54.44 13.88
N VAL B 118 29.89 -53.73 12.77
CA VAL B 118 29.03 -54.17 11.68
C VAL B 118 29.85 -54.16 10.41
N VAL B 119 30.05 -55.33 9.82
CA VAL B 119 30.84 -55.46 8.59
C VAL B 119 29.97 -55.10 7.41
N ILE B 120 30.40 -54.11 6.64
CA ILE B 120 29.67 -53.57 5.50
C ILE B 120 30.57 -53.63 4.27
N PRO B 121 30.27 -54.48 3.28
CA PRO B 121 31.04 -54.44 2.04
C PRO B 121 30.86 -53.11 1.31
N ALA B 122 31.95 -52.61 0.72
CA ALA B 122 31.99 -51.44 -0.14
C ALA B 122 32.07 -51.89 -1.59
N PRO B 123 31.33 -51.29 -2.53
CA PRO B 123 30.54 -50.08 -2.27
C PRO B 123 29.24 -50.40 -1.53
N TYR B 124 28.84 -49.52 -0.62
CA TYR B 124 27.70 -49.80 0.24
C TYR B 124 26.64 -48.73 0.04
N TRP B 125 25.38 -49.13 0.23
CA TRP B 125 24.30 -48.16 0.34
C TRP B 125 24.60 -47.21 1.49
N VAL B 126 24.48 -45.90 1.25
CA VAL B 126 25.03 -44.93 2.20
C VAL B 126 24.32 -44.99 3.55
N SER B 127 23.05 -45.41 3.56
CA SER B 127 22.30 -45.46 4.81
C SER B 127 22.84 -46.51 5.80
N TYR B 128 23.49 -47.60 5.33
CA TYR B 128 23.94 -48.62 6.27
C TYR B 128 24.86 -48.08 7.35
N PRO B 129 26.01 -47.47 7.03
CA PRO B 129 26.87 -46.95 8.11
C PRO B 129 26.23 -45.81 8.89
N GLU B 130 25.34 -45.02 8.27
CA GLU B 130 24.67 -43.94 8.98
C GLU B 130 23.79 -44.50 10.11
N MET B 131 23.01 -45.54 9.80
CA MET B 131 22.20 -46.22 10.81
C MET B 131 23.06 -46.79 11.92
N VAL B 132 24.08 -47.55 11.55
CA VAL B 132 24.95 -48.20 12.54
C VAL B 132 25.53 -47.15 13.48
N ALA B 133 26.08 -46.08 12.90
CA ALA B 133 26.68 -45.02 13.70
C ALA B 133 25.65 -44.33 14.58
N LEU B 134 24.45 -44.06 14.05
CA LEU B 134 23.45 -43.40 14.87
C LEU B 134 23.10 -44.24 16.09
N CYS B 135 22.99 -45.56 15.92
CA CYS B 135 22.62 -46.46 16.99
C CYS B 135 23.81 -46.85 17.86
N GLY B 136 24.98 -46.28 17.63
CA GLY B 136 26.12 -46.48 18.50
C GLY B 136 27.11 -47.55 18.07
N GLY B 137 26.86 -48.22 16.97
CA GLY B 137 27.77 -49.23 16.49
C GLY B 137 28.95 -48.65 15.72
N THR B 138 29.87 -49.54 15.37
CA THR B 138 31.06 -49.18 14.61
C THR B 138 31.02 -49.84 13.24
N PRO B 139 30.83 -49.08 12.16
CA PRO B 139 30.94 -49.67 10.82
C PRO B 139 32.36 -50.10 10.54
N VAL B 140 32.49 -51.29 9.96
CA VAL B 140 33.78 -51.84 9.51
C VAL B 140 33.63 -52.14 8.03
N PHE B 141 34.36 -51.41 7.20
CA PHE B 141 34.15 -51.51 5.77
C PHE B 141 35.11 -52.52 5.17
N VAL B 142 34.63 -53.30 4.22
CA VAL B 142 35.50 -54.26 3.56
C VAL B 142 35.37 -54.05 2.06
N PRO B 143 36.43 -53.58 1.40
CA PRO B 143 36.32 -53.21 -0.01
C PRO B 143 36.24 -54.43 -0.91
N THR B 144 35.51 -54.29 -2.00
CA THR B 144 35.53 -55.23 -3.11
C THR B 144 36.26 -54.59 -4.29
N ARG B 145 36.49 -55.40 -5.32
CA ARG B 145 37.25 -54.97 -6.49
C ARG B 145 36.36 -55.02 -7.73
N GLN B 146 36.53 -54.03 -8.62
CA GLN B 146 35.76 -54.02 -9.85
C GLN B 146 36.08 -55.23 -10.73
N GLU B 147 37.32 -55.74 -10.64
CA GLU B 147 37.70 -56.92 -11.42
C GLU B 147 36.87 -58.15 -11.04
N ASN B 148 36.29 -58.16 -9.84
CA ASN B 148 35.39 -59.22 -9.40
C ASN B 148 33.93 -58.80 -9.50
N ASN B 149 33.65 -57.75 -10.27
CA ASN B 149 32.34 -57.09 -10.31
C ASN B 149 31.79 -56.86 -8.90
N PHE B 150 32.67 -56.39 -8.01
CA PHE B 150 32.30 -55.86 -6.69
C PHE B 150 31.72 -56.95 -5.78
N LYS B 151 32.13 -58.19 -5.97
CA LYS B 151 31.72 -59.29 -5.11
C LYS B 151 32.83 -59.59 -4.11
N LEU B 152 32.45 -59.67 -2.85
CA LEU B 152 33.40 -59.89 -1.78
C LEU B 152 34.02 -61.28 -1.89
N LYS B 153 35.33 -61.37 -1.66
CA LYS B 153 36.03 -62.64 -1.56
C LYS B 153 35.95 -63.17 -0.13
N ALA B 154 35.79 -64.49 -0.01
CA ALA B 154 35.68 -65.13 1.30
C ALA B 154 36.82 -64.73 2.22
N GLU B 155 38.06 -64.74 1.71
CA GLU B 155 39.22 -64.36 2.51
C GLU B 155 39.07 -62.95 3.06
N ASP B 156 38.49 -62.04 2.28
CA ASP B 156 38.33 -60.67 2.75
C ASP B 156 37.28 -60.56 3.84
N LEU B 157 36.15 -61.25 3.67
CA LEU B 157 35.15 -61.28 4.74
C LEU B 157 35.75 -61.84 6.03
N ASP B 158 36.47 -62.96 5.92
CA ASP B 158 36.99 -63.60 7.12
C ASP B 158 37.96 -62.71 7.87
N ARG B 159 38.75 -61.90 7.15
CA ARG B 159 39.73 -61.04 7.81
C ARG B 159 39.08 -59.87 8.53
N ALA B 160 37.91 -59.45 8.08
CA ALA B 160 37.24 -58.30 8.68
C ALA B 160 36.47 -58.65 9.94
N ILE B 161 36.10 -59.92 10.10
CA ILE B 161 35.33 -60.37 11.26
C ILE B 161 36.25 -60.45 12.48
N THR B 162 35.82 -59.86 13.59
CA THR B 162 36.54 -59.87 14.85
C THR B 162 35.60 -60.40 15.91
N PRO B 163 36.09 -60.62 17.13
CA PRO B 163 35.16 -60.98 18.21
C PRO B 163 34.06 -59.96 18.45
N LYS B 164 34.27 -58.69 18.07
CA LYS B 164 33.26 -57.66 18.30
C LYS B 164 32.23 -57.56 17.17
N THR B 165 32.44 -58.22 16.04
CA THR B 165 31.44 -58.20 14.97
C THR B 165 30.12 -58.78 15.49
N LYS B 166 29.05 -57.99 15.38
CA LYS B 166 27.72 -58.51 15.63
C LYS B 166 26.93 -58.78 14.36
N TRP B 167 27.17 -57.99 13.30
CA TRP B 167 26.39 -58.07 12.09
C TRP B 167 27.31 -58.12 10.88
N PHE B 168 26.86 -58.83 9.85
CA PHE B 168 27.37 -58.70 8.50
C PHE B 168 26.22 -58.29 7.60
N VAL B 169 26.38 -57.19 6.88
CA VAL B 169 25.33 -56.69 6.00
C VAL B 169 25.55 -57.25 4.60
N PHE B 170 24.55 -57.97 4.09
CA PHE B 170 24.65 -58.62 2.80
C PHE B 170 23.56 -58.09 1.89
N ASN B 171 23.94 -57.29 0.91
CA ASN B 171 22.97 -56.59 0.06
C ASN B 171 23.19 -57.06 -1.39
N SER B 172 22.30 -57.95 -1.87
CA SER B 172 22.42 -58.56 -3.19
C SER B 172 21.04 -58.81 -3.79
N PRO B 173 20.71 -58.23 -4.97
CA PRO B 173 21.54 -57.31 -5.77
C PRO B 173 21.81 -56.00 -5.05
N SER B 174 22.96 -55.40 -5.36
CA SER B 174 23.47 -54.28 -4.59
C SER B 174 23.04 -52.92 -5.13
N ASN B 175 22.63 -52.04 -4.21
CA ASN B 175 22.77 -50.60 -4.40
C ASN B 175 24.08 -50.19 -3.72
N PRO B 176 25.05 -49.64 -4.44
CA PRO B 176 25.02 -48.97 -5.75
C PRO B 176 25.55 -49.77 -6.94
N SER B 177 26.10 -50.96 -6.72
CA SER B 177 26.91 -51.57 -7.77
C SER B 177 26.12 -52.43 -8.74
N GLY B 178 24.90 -52.85 -8.38
CA GLY B 178 24.19 -53.78 -9.24
C GLY B 178 24.76 -55.18 -9.27
N ALA B 179 25.75 -55.47 -8.45
CA ALA B 179 26.28 -56.83 -8.37
C ALA B 179 25.28 -57.74 -7.68
N ALA B 180 25.15 -58.96 -8.18
CA ALA B 180 24.32 -59.94 -7.48
C ALA B 180 25.07 -61.25 -7.41
N TYR B 181 25.18 -61.81 -6.20
CA TYR B 181 25.94 -63.03 -5.98
C TYR B 181 25.17 -64.23 -6.48
N SER B 182 25.82 -65.07 -7.28
CA SER B 182 25.24 -66.37 -7.61
C SER B 182 25.19 -67.24 -6.35
N HIS B 183 24.41 -68.30 -6.44
CA HIS B 183 24.32 -69.29 -5.37
C HIS B 183 25.72 -69.78 -4.99
N GLU B 184 26.56 -70.07 -5.99
CA GLU B 184 27.93 -70.48 -5.74
C GLU B 184 28.73 -69.41 -5.02
N GLU B 185 28.66 -68.17 -5.51
CA GLU B 185 29.46 -67.09 -4.91
C GLU B 185 29.02 -66.82 -3.47
N LEU B 186 27.72 -66.94 -3.21
CA LEU B 186 27.23 -66.73 -1.85
C LEU B 186 27.67 -67.87 -0.92
N LYS B 187 27.72 -69.11 -1.42
CA LYS B 187 28.17 -70.22 -0.59
C LYS B 187 29.58 -70.00 -0.07
N ALA B 188 30.43 -69.32 -0.85
CA ALA B 188 31.79 -69.05 -0.39
C ALA B 188 31.78 -68.17 0.87
N LEU B 189 30.84 -67.21 0.94
CA LEU B 189 30.72 -66.36 2.12
C LEU B 189 30.00 -67.04 3.27
N THR B 190 28.94 -67.79 2.99
CA THR B 190 28.27 -68.49 4.11
C THR B 190 29.19 -69.52 4.74
N ASP B 191 30.09 -70.12 3.96
CA ASP B 191 31.09 -71.02 4.53
C ASP B 191 31.96 -70.31 5.55
N VAL B 192 32.34 -69.07 5.25
CA VAL B 192 33.06 -68.24 6.23
C VAL B 192 32.16 -67.95 7.44
N LEU B 193 30.93 -67.53 7.19
CA LEU B 193 30.04 -67.17 8.30
C LEU B 193 29.75 -68.35 9.22
N MET B 194 29.76 -69.58 8.68
CA MET B 194 29.56 -70.73 9.54
C MET B 194 30.74 -70.94 10.50
N LYS B 195 31.91 -70.34 10.22
CA LYS B 195 33.02 -70.43 11.14
C LYS B 195 33.02 -69.33 12.19
N HIS B 196 32.11 -68.36 12.09
CA HIS B 196 32.03 -67.22 13.03
C HIS B 196 30.62 -67.13 13.58
N PRO B 197 30.26 -68.02 14.51
CA PRO B 197 28.85 -68.17 14.91
C PRO B 197 28.26 -66.98 15.62
N HIS B 198 29.06 -66.01 16.05
CA HIS B 198 28.51 -64.84 16.72
C HIS B 198 28.05 -63.76 15.75
N VAL B 199 28.30 -63.94 14.46
CA VAL B 199 27.99 -62.90 13.48
C VAL B 199 26.61 -63.17 12.92
N TRP B 200 25.67 -62.25 13.17
CA TRP B 200 24.37 -62.31 12.54
C TRP B 200 24.46 -61.74 11.12
N VAL B 201 23.55 -62.20 10.27
CA VAL B 201 23.50 -61.80 8.88
C VAL B 201 22.25 -60.95 8.69
N LEU B 202 22.45 -59.74 8.18
CA LEU B 202 21.35 -58.85 7.80
C LEU B 202 21.35 -58.87 6.27
N THR B 203 20.44 -59.62 5.66
CA THR B 203 20.41 -59.71 4.20
C THR B 203 19.30 -58.84 3.65
N ASP B 204 19.68 -57.93 2.76
CA ASP B 204 18.78 -56.93 2.21
C ASP B 204 18.49 -57.36 0.78
N ASP B 205 17.35 -58.05 0.60
CA ASP B 205 16.95 -58.64 -0.67
C ASP B 205 16.03 -57.72 -1.47
N MET B 206 16.11 -56.42 -1.22
CA MET B 206 15.19 -55.46 -1.81
CA MET B 206 15.21 -55.44 -1.81
C MET B 206 15.12 -55.56 -3.34
N TYR B 207 16.24 -55.85 -4.00
CA TYR B 207 16.25 -55.85 -5.46
C TYR B 207 16.10 -57.26 -6.05
N GLU B 208 15.63 -58.21 -5.24
CA GLU B 208 15.45 -59.61 -5.61
C GLU B 208 14.83 -59.77 -6.99
N HIS B 209 13.78 -59.01 -7.27
CA HIS B 209 13.01 -59.23 -8.47
C HIS B 209 13.48 -58.39 -9.64
N LEU B 210 14.64 -57.75 -9.49
CA LEU B 210 15.28 -57.01 -10.58
C LEU B 210 16.62 -57.70 -10.87
N THR B 211 16.56 -58.82 -11.59
CA THR B 211 17.75 -59.53 -12.05
C THR B 211 17.62 -59.78 -13.54
N TYR B 212 18.76 -60.00 -14.21
CA TYR B 212 18.76 -60.03 -15.65
C TYR B 212 19.30 -61.37 -16.16
N GLY B 213 18.91 -61.67 -17.39
CA GLY B 213 19.43 -62.87 -18.05
C GLY B 213 18.98 -64.11 -17.32
N ASP B 214 19.87 -65.09 -17.26
CA ASP B 214 19.59 -66.38 -16.66
C ASP B 214 19.91 -66.41 -15.18
N PHE B 215 20.27 -65.27 -14.60
CA PHE B 215 20.65 -65.22 -13.19
C PHE B 215 19.52 -65.68 -12.30
N ARG B 216 19.85 -66.47 -11.29
CA ARG B 216 18.87 -66.95 -10.32
C ARG B 216 19.24 -66.40 -8.95
N PHE B 217 18.36 -65.57 -8.41
CA PHE B 217 18.55 -65.01 -7.08
C PHE B 217 18.62 -66.11 -6.03
N ALA B 218 19.52 -65.94 -5.07
CA ALA B 218 19.60 -66.83 -3.92
C ALA B 218 19.85 -65.97 -2.68
N THR B 219 19.27 -66.39 -1.55
CA THR B 219 19.39 -65.62 -0.31
C THR B 219 20.12 -66.47 0.73
N PRO B 220 20.88 -65.85 1.64
CA PRO B 220 21.82 -66.64 2.49
C PRO B 220 21.23 -67.86 3.20
N VAL B 221 20.06 -67.73 3.82
CA VAL B 221 19.50 -68.85 4.57
C VAL B 221 19.10 -69.98 3.63
N GLU B 222 18.71 -69.66 2.40
CA GLU B 222 18.46 -70.68 1.39
C GLU B 222 19.74 -71.40 1.01
N VAL B 223 20.84 -70.64 0.88
CA VAL B 223 22.14 -71.20 0.53
C VAL B 223 22.69 -72.02 1.69
N GLU B 224 22.50 -71.54 2.92
CA GLU B 224 23.09 -72.19 4.09
C GLU B 224 22.05 -72.20 5.21
N PRO B 225 21.26 -73.26 5.33
CA PRO B 225 20.25 -73.32 6.42
C PRO B 225 20.84 -73.23 7.81
N GLY B 226 22.15 -73.49 7.96
CA GLY B 226 22.82 -73.30 9.23
C GLY B 226 22.82 -71.85 9.72
N LEU B 227 22.47 -70.89 8.86
CA LEU B 227 22.38 -69.49 9.27
C LEU B 227 20.98 -69.10 9.73
N TYR B 228 20.04 -70.04 9.74
CA TYR B 228 18.64 -69.71 9.99
C TYR B 228 18.45 -68.99 11.32
N GLU B 229 19.15 -69.43 12.36
CA GLU B 229 18.91 -68.88 13.69
C GLU B 229 19.69 -67.60 13.95
N ARG B 230 20.41 -67.07 12.97
CA ARG B 230 21.08 -65.81 13.15
C ARG B 230 21.04 -64.97 11.89
N THR B 231 19.95 -65.03 11.14
CA THR B 231 19.77 -64.16 9.99
C THR B 231 18.43 -63.45 10.08
N LEU B 232 18.43 -62.17 9.74
CA LEU B 232 17.21 -61.42 9.46
C LEU B 232 17.09 -61.30 7.95
N THR B 233 16.10 -61.96 7.37
CA THR B 233 15.90 -61.91 5.92
C THR B 233 14.97 -60.77 5.63
N MET B 234 15.51 -59.68 5.07
CA MET B 234 14.78 -58.44 4.89
C MET B 234 14.47 -58.24 3.41
N ASN B 235 13.30 -57.67 3.14
CA ASN B 235 12.85 -57.45 1.77
C ASN B 235 11.80 -56.33 1.79
N GLY B 236 11.10 -56.15 0.68
CA GLY B 236 10.10 -55.09 0.62
C GLY B 236 9.47 -55.01 -0.75
N VAL B 237 8.44 -54.17 -0.84
CA VAL B 237 7.71 -54.00 -2.10
C VAL B 237 8.12 -52.73 -2.84
N SER B 238 8.99 -51.90 -2.26
CA SER B 238 9.30 -50.59 -2.87
C SER B 238 9.80 -50.70 -4.29
N1 LLP B 239 18.07 -51.15 0.78
C2 LLP B 239 18.58 -50.69 -0.36
C2' LLP B 239 19.92 -51.27 -0.91
C3 LLP B 239 17.90 -49.68 -1.08
O3 LLP B 239 18.49 -49.25 -2.25
C4 LLP B 239 16.69 -49.14 -0.64
C4' LLP B 239 15.95 -47.97 -1.55
C5 LLP B 239 16.18 -49.62 0.55
C6 LLP B 239 16.88 -50.61 1.26
C5' LLP B 239 14.88 -49.12 1.26
OP4 LLP B 239 13.70 -49.16 0.52
P LLP B 239 12.42 -48.63 1.22
OP1 LLP B 239 11.47 -49.81 1.34
OP2 LLP B 239 11.90 -47.58 0.35
OP3 LLP B 239 12.75 -48.01 2.54
N LLP B 239 10.80 -51.55 -4.50
CA LLP B 239 11.44 -51.57 -5.82
CB LLP B 239 12.91 -51.94 -5.66
CG LLP B 239 13.61 -51.17 -4.51
CD LLP B 239 13.94 -49.65 -4.56
CE LLP B 239 14.28 -49.08 -3.13
NZ LLP B 239 15.61 -48.43 -2.91
C LLP B 239 10.72 -52.49 -6.77
O LLP B 239 10.44 -52.09 -7.90
N ALA B 240 10.39 -53.71 -6.35
CA ALA B 240 9.77 -54.69 -7.25
C ALA B 240 8.38 -54.28 -7.76
N TYR B 241 7.58 -53.60 -6.94
CA TYR B 241 6.22 -53.24 -7.31
C TYR B 241 6.05 -51.75 -7.47
N ALA B 242 7.15 -51.00 -7.56
CA ALA B 242 7.08 -49.55 -7.75
C ALA B 242 6.16 -48.94 -6.70
N MET B 243 6.48 -49.22 -5.44
CA MET B 243 5.68 -48.79 -4.31
C MET B 243 6.49 -47.94 -3.32
N THR B 244 7.51 -47.21 -3.80
CA THR B 244 8.39 -46.51 -2.86
C THR B 244 7.62 -45.59 -1.90
N GLY B 245 6.69 -44.80 -2.44
CA GLY B 245 5.95 -43.85 -1.61
C GLY B 245 4.97 -44.48 -0.64
N TRP B 246 4.63 -45.77 -0.81
CA TRP B 246 3.71 -46.43 0.10
C TRP B 246 4.36 -46.83 1.43
N ARG B 247 5.69 -46.98 1.44
CA ARG B 247 6.50 -47.32 2.63
C ARG B 247 6.08 -48.65 3.27
N ILE B 248 6.38 -49.75 2.58
CA ILE B 248 6.19 -51.09 3.17
C ILE B 248 7.44 -51.91 2.95
N GLY B 249 8.10 -52.27 4.06
CA GLY B 249 9.18 -53.24 4.04
C GLY B 249 8.88 -54.33 5.05
N TYR B 250 9.62 -55.42 4.95
CA TYR B 250 9.34 -56.52 5.86
C TYR B 250 10.58 -57.38 6.03
N ALA B 251 10.50 -58.27 7.02
CA ALA B 251 11.57 -59.23 7.25
C ALA B 251 10.95 -60.44 7.93
N ALA B 252 11.74 -61.52 7.95
CA ALA B 252 11.49 -62.65 8.84
C ALA B 252 12.81 -63.08 9.48
N GLY B 253 12.70 -63.65 10.67
CA GLY B 253 13.86 -64.15 11.36
C GLY B 253 13.48 -64.79 12.68
N PRO B 254 14.47 -65.00 13.53
CA PRO B 254 14.22 -65.62 14.84
C PRO B 254 13.31 -64.76 15.70
N LEU B 255 12.44 -65.43 16.46
CA LEU B 255 11.43 -64.72 17.23
C LEU B 255 12.04 -63.76 18.24
N HIS B 256 13.18 -64.12 18.85
CA HIS B 256 13.67 -63.23 19.90
C HIS B 256 14.09 -61.88 19.31
N LEU B 257 14.61 -61.86 18.08
CA LEU B 257 14.88 -60.59 17.41
C LEU B 257 13.60 -59.91 16.91
N ILE B 258 12.71 -60.67 16.28
CA ILE B 258 11.48 -60.06 15.75
C ILE B 258 10.68 -59.38 16.87
N LYS B 259 10.65 -60.01 18.06
CA LYS B 259 9.91 -59.44 19.17
C LYS B 259 10.57 -58.18 19.70
N ALA B 260 11.91 -58.12 19.67
CA ALA B 260 12.60 -56.89 20.07
C ALA B 260 12.34 -55.77 19.07
N MET B 261 12.41 -56.08 17.78
CA MET B 261 12.11 -55.09 16.75
C MET B 261 10.67 -54.57 16.86
N ASP B 262 9.74 -55.48 17.17
CA ASP B 262 8.35 -55.08 17.39
C ASP B 262 8.23 -54.12 18.57
N MET B 263 8.94 -54.37 19.65
CA MET B 263 8.86 -53.46 20.78
CA MET B 263 8.85 -53.46 20.78
C MET B 263 9.34 -52.07 20.40
N ILE B 264 10.43 -52.00 19.64
CA ILE B 264 10.94 -50.69 19.27
C ILE B 264 10.01 -50.03 18.26
N GLN B 265 9.50 -50.81 17.31
CA GLN B 265 8.57 -50.26 16.33
C GLN B 265 7.31 -49.74 17.00
N GLY B 266 6.86 -50.43 18.06
CA GLY B 266 5.70 -49.97 18.81
C GLY B 266 5.90 -48.59 19.41
N GLN B 267 7.11 -48.30 19.90
CA GLN B 267 7.45 -46.97 20.43
CA GLN B 267 7.38 -46.96 20.43
C GLN B 267 7.58 -45.92 19.33
N GLN B 268 7.95 -46.32 18.12
CA GLN B 268 8.30 -45.36 17.08
C GLN B 268 7.09 -44.98 16.22
N THR B 269 6.42 -45.97 15.64
CA THR B 269 5.34 -45.73 14.69
C THR B 269 4.04 -46.43 15.04
N SER B 270 4.07 -47.41 15.93
CA SER B 270 2.93 -48.31 16.17
C SER B 270 2.48 -49.04 14.89
N GLY B 271 3.37 -49.30 13.95
CA GLY B 271 2.81 -50.08 12.86
C GLY B 271 2.55 -49.25 11.62
N ALA B 272 2.66 -49.89 10.46
CA ALA B 272 2.63 -49.19 9.18
C ALA B 272 1.20 -48.83 8.77
N ALA B 273 1.10 -47.80 7.92
CA ALA B 273 -0.17 -47.31 7.39
C ALA B 273 -1.04 -48.45 6.89
N SER B 274 -2.26 -48.55 7.42
CA SER B 274 -3.09 -49.74 7.19
C SER B 274 -3.40 -49.91 5.72
N ILE B 275 -3.70 -48.82 5.03
CA ILE B 275 -4.05 -48.86 3.61
C ILE B 275 -2.87 -49.38 2.80
N ALA B 276 -1.66 -48.98 3.18
CA ALA B 276 -0.46 -49.46 2.49
C ALA B 276 -0.22 -50.94 2.76
N GLN B 277 -0.56 -51.43 3.95
CA GLN B 277 -0.40 -52.86 4.19
C GLN B 277 -1.32 -53.67 3.29
N TRP B 278 -2.57 -53.21 3.11
CA TRP B 278 -3.47 -53.96 2.25
C TRP B 278 -3.01 -53.91 0.79
N ALA B 279 -2.45 -52.78 0.36
CA ALA B 279 -1.86 -52.74 -0.98
C ALA B 279 -0.75 -53.79 -1.11
N ALA B 280 0.08 -53.92 -0.08
CA ALA B 280 1.19 -54.87 -0.18
C ALA B 280 0.73 -56.32 -0.10
N VAL B 281 -0.38 -56.60 0.60
CA VAL B 281 -1.00 -57.92 0.50
C VAL B 281 -1.25 -58.29 -0.96
N GLU B 282 -1.84 -57.35 -1.71
CA GLU B 282 -2.13 -57.62 -3.10
C GLU B 282 -0.84 -57.72 -3.93
N ALA B 283 0.16 -56.91 -3.60
CA ALA B 283 1.43 -57.01 -4.31
C ALA B 283 1.97 -58.43 -4.26
N LEU B 284 2.02 -59.01 -3.06
CA LEU B 284 2.64 -60.33 -2.89
C LEU B 284 1.76 -61.46 -3.39
N ASN B 285 0.44 -61.35 -3.16
CA ASN B 285 -0.48 -62.44 -3.48
C ASN B 285 -1.06 -62.37 -4.88
N GLY B 286 -0.98 -61.22 -5.55
CA GLY B 286 -1.61 -61.04 -6.83
C GLY B 286 -0.77 -61.53 -8.00
N PRO B 287 -1.25 -61.27 -9.22
CA PRO B 287 -0.48 -61.65 -10.42
C PRO B 287 0.88 -60.97 -10.42
N GLN B 288 1.90 -61.68 -10.92
CA GLN B 288 3.25 -61.16 -10.87
C GLN B 288 3.76 -60.74 -12.25
N ASP B 289 2.86 -60.41 -13.18
CA ASP B 289 3.25 -60.09 -14.55
C ASP B 289 4.11 -58.83 -14.62
N PHE B 290 3.85 -57.87 -13.72
CA PHE B 290 4.65 -56.66 -13.63
C PHE B 290 6.14 -56.96 -13.51
N ILE B 291 6.50 -57.91 -12.64
CA ILE B 291 7.90 -58.27 -12.41
CA ILE B 291 7.91 -58.21 -12.42
C ILE B 291 8.55 -58.74 -13.70
N GLY B 292 7.88 -59.66 -14.40
CA GLY B 292 8.45 -60.20 -15.63
C GLY B 292 8.54 -59.15 -16.73
N ARG B 293 7.50 -58.33 -16.87
CA ARG B 293 7.52 -57.25 -17.85
CA ARG B 293 7.54 -57.26 -17.86
C ARG B 293 8.72 -56.33 -17.61
N ASN B 294 8.97 -55.98 -16.36
CA ASN B 294 9.99 -54.99 -16.04
C ASN B 294 11.39 -55.55 -16.18
N LYS B 295 11.56 -56.87 -15.99
CA LYS B 295 12.84 -57.50 -16.27
CA LYS B 295 12.87 -57.46 -16.26
C LYS B 295 13.32 -57.16 -17.69
N GLU B 296 12.42 -57.33 -18.65
CA GLU B 296 12.77 -57.07 -20.04
C GLU B 296 13.10 -55.59 -20.27
N ILE B 297 12.22 -54.70 -19.79
CA ILE B 297 12.42 -53.27 -20.01
C ILE B 297 13.74 -52.81 -19.38
N PHE B 298 13.94 -53.18 -18.12
CA PHE B 298 15.16 -52.77 -17.43
C PHE B 298 16.41 -53.41 -18.03
N GLN B 299 16.31 -54.66 -18.50
CA GLN B 299 17.50 -55.26 -19.13
C GLN B 299 17.91 -54.46 -20.37
N GLY B 300 16.93 -53.98 -21.14
CA GLY B 300 17.26 -53.21 -22.32
C GLY B 300 17.90 -51.88 -21.98
N ARG B 301 17.40 -51.23 -20.93
CA ARG B 301 18.02 -49.99 -20.46
C ARG B 301 19.43 -50.25 -19.97
N ARG B 302 19.62 -51.31 -19.19
CA ARG B 302 20.96 -51.67 -18.73
C ARG B 302 21.90 -51.83 -19.92
N ASP B 303 21.49 -52.61 -20.92
CA ASP B 303 22.37 -52.88 -22.07
C ASP B 303 22.73 -51.58 -22.77
N LEU B 304 21.76 -50.67 -22.89
CA LEU B 304 21.99 -49.38 -23.53
C LEU B 304 23.03 -48.55 -22.79
N VAL B 305 22.86 -48.46 -21.46
CA VAL B 305 23.73 -47.62 -20.64
C VAL B 305 25.14 -48.19 -20.58
N VAL B 306 25.27 -49.50 -20.33
CA VAL B 306 26.60 -50.10 -20.29
C VAL B 306 27.33 -49.88 -21.61
N SER B 307 26.65 -50.12 -22.73
CA SER B 307 27.34 -50.00 -24.01
CA SER B 307 27.31 -49.99 -24.02
C SER B 307 27.75 -48.56 -24.29
N MET B 308 26.88 -47.58 -23.99
CA MET B 308 27.25 -46.19 -24.26
C MET B 308 28.35 -45.72 -23.31
N LEU B 309 28.26 -46.10 -22.03
CA LEU B 309 29.31 -45.67 -21.09
C LEU B 309 30.66 -46.25 -21.49
N ASN B 310 30.69 -47.47 -22.00
CA ASN B 310 31.97 -48.03 -22.44
C ASN B 310 32.46 -47.41 -23.75
N GLN B 311 31.69 -46.52 -24.37
CA GLN B 311 32.19 -45.72 -25.48
C GLN B 311 32.65 -44.33 -25.03
N ALA B 312 32.55 -44.02 -23.74
CA ALA B 312 32.99 -42.73 -23.22
C ALA B 312 34.46 -42.83 -22.82
N LYS B 313 35.26 -41.85 -23.25
CA LYS B 313 36.69 -41.90 -23.03
C LYS B 313 37.01 -41.98 -21.54
N GLY B 314 37.88 -42.91 -21.18
CA GLY B 314 38.31 -43.04 -19.80
C GLY B 314 37.32 -43.69 -18.86
N ILE B 315 36.20 -44.19 -19.36
CA ILE B 315 35.16 -44.80 -18.53
C ILE B 315 35.16 -46.31 -18.77
N SER B 316 34.99 -47.07 -17.68
CA SER B 316 34.88 -48.53 -17.75
C SER B 316 33.65 -48.95 -16.94
N CYS B 317 32.67 -49.51 -17.62
CA CYS B 317 31.40 -49.83 -16.98
C CYS B 317 31.17 -51.33 -16.93
N PRO B 318 31.14 -51.92 -15.74
CA PRO B 318 30.81 -53.35 -15.63
C PRO B 318 29.33 -53.56 -15.94
N THR B 319 28.98 -54.81 -16.23
CA THR B 319 27.60 -55.16 -16.48
C THR B 319 26.99 -55.68 -15.19
N PRO B 320 26.01 -55.00 -14.61
CA PRO B 320 25.44 -55.46 -13.34
C PRO B 320 24.51 -56.65 -13.56
N GLU B 321 24.35 -57.46 -12.51
CA GLU B 321 23.47 -58.62 -12.56
C GLU B 321 22.05 -58.32 -12.09
N GLY B 322 21.85 -57.26 -11.31
CA GLY B 322 20.54 -56.93 -10.79
C GLY B 322 20.47 -55.49 -10.30
N ALA B 323 19.33 -55.17 -9.68
CA ALA B 323 18.97 -53.78 -9.32
C ALA B 323 18.85 -52.93 -10.59
N PHE B 324 18.91 -51.61 -10.46
CA PHE B 324 18.89 -50.78 -11.66
C PHE B 324 19.94 -49.69 -11.59
N TYR B 325 21.14 -50.06 -11.14
CA TYR B 325 22.28 -49.17 -11.07
C TYR B 325 23.44 -49.76 -11.88
N VAL B 326 24.23 -48.85 -12.47
CA VAL B 326 25.56 -49.20 -12.95
C VAL B 326 26.55 -48.41 -12.11
N TYR B 327 27.77 -48.93 -12.02
CA TYR B 327 28.80 -48.36 -11.16
C TYR B 327 30.10 -48.20 -11.96
N PRO B 328 30.06 -47.44 -13.06
CA PRO B 328 31.24 -47.31 -13.92
C PRO B 328 32.42 -46.64 -13.22
N SER B 329 33.61 -47.01 -13.68
CA SER B 329 34.84 -46.39 -13.21
C SER B 329 35.20 -45.17 -14.06
N CYS B 330 35.63 -44.09 -13.40
CA CYS B 330 36.27 -42.97 -14.09
C CYS B 330 37.77 -42.94 -13.84
N ALA B 331 38.37 -44.09 -13.51
CA ALA B 331 39.80 -44.13 -13.24
C ALA B 331 40.63 -43.59 -14.40
N GLY B 332 40.18 -43.83 -15.64
CA GLY B 332 40.89 -43.34 -16.80
C GLY B 332 40.89 -41.84 -16.95
N LEU B 333 40.03 -41.13 -16.21
CA LEU B 333 40.02 -39.66 -16.25
C LEU B 333 40.77 -39.02 -15.10
N ILE B 334 41.16 -39.78 -14.08
CA ILE B 334 41.85 -39.21 -12.95
C ILE B 334 43.17 -38.61 -13.41
N GLY B 335 43.40 -37.34 -13.05
CA GLY B 335 44.59 -36.62 -13.46
C GLY B 335 44.46 -35.88 -14.77
N LYS B 336 43.41 -36.16 -15.55
CA LYS B 336 43.14 -35.35 -16.72
C LYS B 336 42.46 -34.05 -16.28
N THR B 337 42.49 -33.06 -17.17
CA THR B 337 41.82 -31.79 -16.92
C THR B 337 40.44 -31.82 -17.55
N ALA B 338 39.42 -31.51 -16.75
CA ALA B 338 38.04 -31.46 -17.24
C ALA B 338 37.89 -30.31 -18.24
N PRO B 339 36.77 -30.27 -18.98
CA PRO B 339 36.53 -29.13 -19.88
C PRO B 339 36.67 -27.77 -19.21
N SER B 340 36.36 -27.66 -17.91
CA SER B 340 36.48 -26.39 -17.20
C SER B 340 37.94 -25.96 -17.02
N GLY B 341 38.88 -26.87 -17.18
CA GLY B 341 40.27 -26.61 -16.85
C GLY B 341 40.69 -27.14 -15.50
N LYS B 342 39.75 -27.66 -14.71
CA LYS B 342 40.05 -28.21 -13.41
C LYS B 342 40.61 -29.62 -13.56
N VAL B 343 41.66 -29.93 -12.80
CA VAL B 343 42.25 -31.26 -12.84
C VAL B 343 41.41 -32.21 -11.99
N ILE B 344 40.98 -33.31 -12.59
CA ILE B 344 40.14 -34.32 -11.92
C ILE B 344 41.06 -35.17 -11.04
N GLU B 345 41.04 -34.90 -9.74
CA GLU B 345 41.86 -35.68 -8.80
C GLU B 345 41.10 -36.86 -8.23
N THR B 346 39.79 -36.72 -8.03
CA THR B 346 38.95 -37.70 -7.38
C THR B 346 37.68 -37.92 -8.21
N ASP B 347 36.96 -39.01 -7.90
CA ASP B 347 35.68 -39.18 -8.56
C ASP B 347 34.67 -38.12 -8.11
N GLU B 348 34.84 -37.54 -6.92
CA GLU B 348 33.98 -36.42 -6.54
C GLU B 348 34.21 -35.23 -7.47
N ASP B 349 35.45 -35.02 -7.90
CA ASP B 349 35.73 -33.98 -8.88
C ASP B 349 35.07 -34.29 -10.20
N PHE B 350 35.16 -35.54 -10.66
CA PHE B 350 34.55 -35.90 -11.93
C PHE B 350 33.05 -35.63 -11.90
N VAL B 351 32.39 -36.04 -10.82
CA VAL B 351 30.95 -35.93 -10.71
C VAL B 351 30.50 -34.47 -10.65
N SER B 352 31.20 -33.63 -9.88
CA SER B 352 30.76 -32.24 -9.80
C SER B 352 31.07 -31.46 -11.07
N GLU B 353 32.12 -31.84 -11.79
CA GLU B 353 32.40 -31.19 -13.07
C GLU B 353 31.40 -31.64 -14.11
N LEU B 354 31.06 -32.93 -14.13
CA LEU B 354 30.04 -33.43 -15.04
C LEU B 354 28.72 -32.70 -14.83
N LEU B 355 28.33 -32.49 -13.58
CA LEU B 355 27.09 -31.78 -13.30
C LEU B 355 27.16 -30.34 -13.79
N GLU B 356 28.23 -29.64 -13.44
CA GLU B 356 28.33 -28.22 -13.77
C GLU B 356 28.46 -28.00 -15.27
N THR B 357 29.21 -28.87 -15.97
CA THR B 357 29.49 -28.65 -17.38
C THR B 357 28.38 -29.21 -18.27
N GLU B 358 27.82 -30.38 -17.93
CA GLU B 358 26.85 -31.05 -18.79
C GLU B 358 25.45 -31.20 -18.17
N GLY B 359 25.25 -30.81 -16.91
CA GLY B 359 23.93 -30.93 -16.33
C GLY B 359 23.45 -32.35 -16.12
N VAL B 360 24.36 -33.31 -16.00
CA VAL B 360 24.00 -34.69 -15.68
C VAL B 360 24.38 -34.93 -14.23
N ALA B 361 23.41 -35.36 -13.43
CA ALA B 361 23.60 -35.54 -11.99
C ALA B 361 23.78 -37.03 -11.69
N VAL B 362 24.96 -37.39 -11.20
CA VAL B 362 25.27 -38.74 -10.73
C VAL B 362 25.85 -38.62 -9.33
N VAL B 363 26.19 -39.74 -8.71
CA VAL B 363 26.74 -39.75 -7.36
C VAL B 363 28.13 -40.37 -7.41
N HIS B 364 29.10 -39.70 -6.79
CA HIS B 364 30.47 -40.16 -6.84
C HIS B 364 30.68 -41.39 -5.96
N GLY B 365 31.59 -42.26 -6.41
CA GLY B 365 31.75 -43.56 -5.78
C GLY B 365 32.30 -43.52 -4.37
N SER B 366 33.13 -42.52 -4.06
CA SER B 366 33.65 -42.39 -2.71
C SER B 366 32.53 -42.16 -1.69
N ALA B 367 31.38 -41.64 -2.12
CA ALA B 367 30.22 -41.57 -1.22
C ALA B 367 29.77 -42.96 -0.76
N PHE B 368 30.01 -43.98 -1.58
CA PHE B 368 29.63 -45.34 -1.23
C PHE B 368 30.83 -46.16 -0.76
N GLY B 369 31.98 -45.52 -0.54
CA GLY B 369 33.14 -46.21 -0.02
C GLY B 369 34.03 -46.90 -1.04
N LEU B 370 33.82 -46.67 -2.34
CA LEU B 370 34.71 -47.27 -3.35
C LEU B 370 34.76 -46.40 -4.59
N GLY B 371 35.95 -45.93 -4.92
CA GLY B 371 36.18 -45.16 -6.12
C GLY B 371 37.47 -45.55 -6.81
N PRO B 372 37.85 -44.85 -7.90
CA PRO B 372 37.08 -43.77 -8.57
C PRO B 372 35.97 -44.33 -9.45
N ASN B 373 34.74 -44.14 -9.01
CA ASN B 373 33.56 -44.66 -9.69
C ASN B 373 32.45 -43.64 -9.55
N PHE B 374 31.34 -43.90 -10.24
CA PHE B 374 30.14 -43.08 -10.05
C PHE B 374 28.92 -43.94 -10.31
N ARG B 375 27.87 -43.68 -9.56
CA ARG B 375 26.65 -44.47 -9.67
C ARG B 375 25.66 -43.77 -10.60
N ILE B 376 25.08 -44.53 -11.52
CA ILE B 376 23.98 -44.08 -12.36
C ILE B 376 22.79 -44.99 -12.14
N SER B 377 21.61 -44.41 -11.91
CA SER B 377 20.37 -45.19 -11.92
C SER B 377 19.75 -45.13 -13.31
N TYR B 378 19.38 -46.29 -13.87
CA TYR B 378 18.69 -46.29 -15.16
C TYR B 378 17.20 -46.57 -15.00
N ALA B 379 16.64 -46.21 -13.84
CA ALA B 379 15.19 -46.13 -13.68
C ALA B 379 14.70 -44.80 -14.25
N THR B 380 14.83 -44.66 -15.56
CA THR B 380 14.34 -43.49 -16.30
C THR B 380 14.22 -43.91 -17.76
N SER B 381 13.64 -43.03 -18.57
CA SER B 381 13.29 -43.39 -19.93
C SER B 381 14.54 -43.63 -20.77
N GLU B 382 14.39 -44.40 -21.85
CA GLU B 382 15.55 -44.66 -22.71
C GLU B 382 16.00 -43.39 -23.40
N ALA B 383 15.08 -42.49 -23.73
CA ALA B 383 15.48 -41.22 -24.35
C ALA B 383 16.35 -40.40 -23.41
N LEU B 384 16.00 -40.36 -22.12
CA LEU B 384 16.80 -39.60 -21.16
C LEU B 384 18.14 -40.26 -20.89
N LEU B 385 18.18 -41.59 -20.82
CA LEU B 385 19.46 -42.30 -20.65
C LEU B 385 20.38 -42.03 -21.83
N GLU B 386 19.82 -42.10 -23.04
CA GLU B 386 20.63 -41.93 -24.24
C GLU B 386 21.20 -40.52 -24.31
N GLU B 387 20.36 -39.51 -24.06
CA GLU B 387 20.83 -38.13 -24.05
C GLU B 387 21.87 -37.91 -22.95
N ALA B 388 21.60 -38.41 -21.75
CA ALA B 388 22.58 -38.27 -20.67
C ALA B 388 23.90 -38.95 -21.02
N CYS B 389 23.84 -40.15 -21.60
CA CYS B 389 25.08 -40.84 -21.97
C CYS B 389 25.83 -40.13 -23.09
N ARG B 390 25.10 -39.50 -24.02
CA ARG B 390 25.77 -38.69 -25.04
C ARG B 390 26.51 -37.52 -24.40
N ARG B 391 25.87 -36.85 -23.44
CA ARG B 391 26.53 -35.75 -22.74
C ARG B 391 27.76 -36.22 -21.99
N ILE B 392 27.68 -37.42 -21.40
CA ILE B 392 28.84 -37.95 -20.69
C ILE B 392 29.96 -38.25 -21.66
N GLN B 393 29.62 -38.82 -22.82
CA GLN B 393 30.63 -39.08 -23.86
C GLN B 393 31.30 -37.78 -24.29
N ARG B 394 30.50 -36.75 -24.56
CA ARG B 394 31.03 -35.46 -24.96
C ARG B 394 31.94 -34.87 -23.88
N PHE B 395 31.48 -34.90 -22.62
CA PHE B 395 32.30 -34.44 -21.50
C PHE B 395 33.62 -35.18 -21.45
N CYS B 396 33.56 -36.52 -21.47
CA CYS B 396 34.78 -37.31 -21.34
C CYS B 396 35.74 -37.05 -22.48
N ALA B 397 35.20 -36.92 -23.70
CA ALA B 397 36.07 -36.66 -24.84
C ALA B 397 36.78 -35.32 -24.70
N ALA B 398 36.17 -34.37 -24.00
CA ALA B 398 36.74 -33.04 -23.79
C ALA B 398 37.70 -32.99 -22.61
N CYS B 399 37.85 -34.09 -21.88
CA CYS B 399 38.90 -34.18 -20.87
C CYS B 399 40.23 -34.49 -21.57
N ARG B 400 41.24 -33.69 -21.28
CA ARG B 400 42.53 -33.81 -21.94
C ARG B 400 43.63 -34.21 -20.94
N ALA C 2 24.59 22.04 26.82
CA ALA C 2 23.96 22.87 25.81
C ALA C 2 22.53 22.42 25.56
N PHE C 3 21.73 23.30 24.95
CA PHE C 3 20.36 22.94 24.61
C PHE C 3 20.31 21.76 23.65
N LEU C 4 21.16 21.80 22.63
CA LEU C 4 21.22 20.68 21.69
C LEU C 4 21.99 19.52 22.31
N ALA C 5 21.59 18.31 21.94
CA ALA C 5 22.15 17.11 22.57
C ALA C 5 23.61 16.92 22.22
N ASP C 6 24.40 16.48 23.21
CA ASP C 6 25.81 16.19 22.99
C ASP C 6 26.01 15.07 21.96
N ALA C 7 24.99 14.23 21.76
CA ALA C 7 25.11 13.18 20.75
C ALA C 7 25.05 13.74 19.33
N LEU C 8 24.52 14.96 19.15
CA LEU C 8 24.49 15.56 17.82
C LEU C 8 25.90 15.92 17.36
N SER C 9 26.73 16.43 18.28
CA SER C 9 28.08 16.84 17.92
C SER C 9 28.94 15.66 17.46
N ARG C 10 28.58 14.44 17.85
CA ARG C 10 29.32 13.26 17.42
C ARG C 10 29.02 12.85 15.98
N VAL C 11 28.26 13.65 15.24
CA VAL C 11 27.90 13.35 13.86
C VAL C 11 28.24 14.55 12.98
N LYS C 12 29.11 14.34 11.99
CA LYS C 12 29.41 15.42 11.08
C LYS C 12 28.44 15.42 9.90
N PRO C 13 28.12 16.60 9.34
CA PRO C 13 27.14 16.71 8.26
C PRO C 13 27.57 16.01 6.96
N VAL C 33 22.09 23.39 -14.52
CA VAL C 33 22.86 22.39 -13.78
C VAL C 33 22.25 20.99 -13.90
N ILE C 34 23.11 19.98 -13.80
CA ILE C 34 22.72 18.59 -13.99
C ILE C 34 23.00 17.82 -12.70
N GLY C 35 21.94 17.32 -12.07
CA GLY C 35 22.10 16.57 -10.84
C GLY C 35 22.38 15.09 -11.04
N LEU C 36 23.62 14.66 -10.77
CA LEU C 36 24.00 13.25 -10.86
C LEU C 36 24.15 12.60 -9.48
N GLY C 37 23.63 13.22 -8.43
CA GLY C 37 23.84 12.70 -7.09
C GLY C 37 22.70 11.85 -6.55
N ALA C 38 21.53 11.98 -7.15
CA ALA C 38 20.33 11.36 -6.57
C ALA C 38 20.39 9.85 -6.67
N GLY C 39 19.98 9.18 -5.59
CA GLY C 39 19.87 7.74 -5.61
C GLY C 39 18.46 7.30 -5.99
N GLU C 40 17.99 7.73 -7.17
CA GLU C 40 16.63 7.45 -7.58
C GLU C 40 16.51 7.44 -9.10
N PRO C 41 15.68 6.56 -9.64
CA PRO C 41 15.47 6.50 -11.09
C PRO C 41 14.82 7.76 -11.64
N ASP C 42 15.14 8.08 -12.89
CA ASP C 42 14.36 9.10 -13.58
C ASP C 42 13.05 8.56 -14.12
N PHE C 43 12.84 7.24 -14.05
CA PHE C 43 11.54 6.66 -14.37
C PHE C 43 10.52 7.09 -13.33
N ASP C 44 9.25 7.12 -13.75
CA ASP C 44 8.17 7.30 -12.81
C ASP C 44 7.70 5.93 -12.31
N THR C 45 6.94 5.96 -11.22
CA THR C 45 6.39 4.73 -10.67
C THR C 45 5.53 4.03 -11.71
N PRO C 46 5.62 2.70 -11.83
CA PRO C 46 4.79 1.98 -12.80
C PRO C 46 3.30 2.15 -12.53
N ASP C 47 2.51 2.05 -13.60
CA ASP C 47 1.10 2.42 -13.51
C ASP C 47 0.27 1.43 -12.70
N ASN C 48 0.68 0.16 -12.66
CA ASN C 48 -0.06 -0.78 -11.81
C ASN C 48 0.06 -0.38 -10.35
N ILE C 49 1.22 0.12 -9.95
CA ILE C 49 1.41 0.57 -8.57
C ILE C 49 0.64 1.85 -8.32
N LYS C 50 0.69 2.79 -9.27
CA LYS C 50 -0.04 4.04 -9.13
C LYS C 50 -1.54 3.81 -8.96
N LYS C 51 -2.10 2.91 -9.77
CA LYS C 51 -3.55 2.68 -9.72
C LYS C 51 -3.96 1.96 -8.44
N ALA C 52 -3.08 1.14 -7.87
CA ALA C 52 -3.40 0.50 -6.61
C ALA C 52 -3.35 1.51 -5.46
N ALA C 53 -2.43 2.47 -5.53
CA ALA C 53 -2.41 3.54 -4.55
C ALA C 53 -3.68 4.37 -4.63
N ILE C 54 -4.13 4.68 -5.85
CA ILE C 54 -5.35 5.42 -6.06
C ILE C 54 -6.55 4.64 -5.56
N ASP C 55 -6.56 3.32 -5.81
CA ASP C 55 -7.58 2.46 -5.22
C ASP C 55 -7.63 2.63 -3.71
N ALA C 56 -6.46 2.62 -3.07
CA ALA C 56 -6.41 2.76 -1.62
C ALA C 56 -6.93 4.12 -1.16
N ILE C 57 -6.61 5.18 -1.89
CA ILE C 57 -7.12 6.51 -1.56
C ILE C 57 -8.64 6.52 -1.72
N ASP C 58 -9.13 5.97 -2.83
CA ASP C 58 -10.57 5.94 -3.10
C ASP C 58 -11.32 5.21 -2.00
N ARG C 59 -10.89 4.01 -1.65
CA ARG C 59 -11.70 3.25 -0.72
C ARG C 59 -11.45 3.64 0.73
N GLY C 60 -10.63 4.66 0.98
CA GLY C 60 -10.51 5.23 2.30
C GLY C 60 -9.53 4.53 3.22
N GLU C 61 -8.40 4.05 2.66
CA GLU C 61 -7.31 3.49 3.46
C GLU C 61 -6.47 4.63 4.03
N THR C 62 -7.09 5.39 4.91
CA THR C 62 -6.55 6.65 5.41
C THR C 62 -6.39 6.65 6.92
N LYS C 63 -6.42 5.47 7.54
CA LYS C 63 -6.37 5.31 8.98
C LYS C 63 -5.01 4.73 9.41
N TYR C 64 -4.74 4.83 10.71
CA TYR C 64 -3.56 4.19 11.28
C TYR C 64 -3.53 2.72 10.91
N THR C 65 -2.34 2.23 10.58
CA THR C 65 -2.10 0.82 10.33
C THR C 65 -1.39 0.20 11.53
N PRO C 66 -1.36 -1.13 11.66
CA PRO C 66 -0.46 -1.74 12.64
C PRO C 66 0.95 -1.22 12.45
N VAL C 67 1.69 -1.07 13.55
CA VAL C 67 2.99 -0.39 13.51
C VAL C 67 3.94 -1.09 12.53
N SER C 68 3.96 -2.42 12.55
CA SER C 68 4.90 -3.17 11.70
C SER C 68 4.38 -3.37 10.28
N GLY C 69 3.21 -2.86 9.95
CA GLY C 69 2.69 -2.89 8.59
C GLY C 69 1.33 -3.56 8.51
N ILE C 70 0.57 -3.20 7.48
CA ILE C 70 -0.70 -3.85 7.21
C ILE C 70 -0.45 -5.32 6.93
N PRO C 71 -1.36 -6.22 7.31
CA PRO C 71 -1.10 -7.66 7.11
C PRO C 71 -0.85 -8.04 5.66
N GLU C 72 -1.52 -7.39 4.71
CA GLU C 72 -1.35 -7.76 3.31
C GLU C 72 0.08 -7.49 2.84
N LEU C 73 0.70 -6.41 3.33
CA LEU C 73 2.07 -6.11 2.93
C LEU C 73 3.05 -7.04 3.62
N ARG C 74 2.82 -7.34 4.90
CA ARG C 74 3.66 -8.28 5.63
C ARG C 74 3.63 -9.66 4.99
N GLU C 75 2.45 -10.10 4.55
CA GLU C 75 2.34 -11.37 3.83
C GLU C 75 3.06 -11.30 2.48
N ALA C 76 2.91 -10.17 1.78
CA ALA C 76 3.57 -10.02 0.48
C ALA C 76 5.08 -10.07 0.63
N ILE C 77 5.60 -9.47 1.69
CA ILE C 77 7.04 -9.50 1.95
C ILE C 77 7.52 -10.92 2.20
N ALA C 78 6.79 -11.66 3.04
CA ALA C 78 7.13 -13.05 3.30
C ALA C 78 7.11 -13.88 2.02
N LYS C 79 6.12 -13.64 1.16
CA LYS C 79 6.04 -14.38 -0.09
C LYS C 79 7.16 -13.97 -1.04
N LYS C 80 7.55 -12.69 -1.04
CA LYS C 80 8.67 -12.25 -1.87
C LYS C 80 9.97 -12.90 -1.44
N PHE C 81 10.22 -12.99 -0.13
CA PHE C 81 11.48 -13.56 0.32
C PHE C 81 11.55 -15.04 -0.06
N LYS C 82 10.42 -15.74 -0.02
CA LYS C 82 10.42 -17.14 -0.42
C LYS C 82 10.49 -17.27 -1.94
N ARG C 83 9.69 -16.47 -2.66
CA ARG C 83 9.61 -16.61 -4.11
C ARG C 83 10.90 -16.14 -4.80
N GLU C 84 11.47 -15.02 -4.35
CA GLU C 84 12.63 -14.45 -5.04
C GLU C 84 13.96 -14.84 -4.40
N ASN C 85 13.99 -15.12 -3.10
CA ASN C 85 15.24 -15.36 -2.39
C ASN C 85 15.34 -16.74 -1.77
N ASN C 86 14.30 -17.56 -1.89
CA ASN C 86 14.25 -18.89 -1.28
C ASN C 86 14.52 -18.81 0.22
N LEU C 87 13.95 -17.80 0.88
CA LEU C 87 14.08 -17.62 2.32
C LEU C 87 12.73 -17.85 3.00
N ASP C 88 12.77 -18.42 4.21
CA ASP C 88 11.57 -18.85 4.94
C ASP C 88 11.30 -17.93 6.13
N TYR C 89 10.37 -17.00 5.96
CA TYR C 89 9.94 -16.12 7.04
C TYR C 89 8.42 -16.11 7.15
N THR C 90 7.92 -16.05 8.39
CA THR C 90 6.50 -15.77 8.57
C THR C 90 6.24 -14.28 8.43
N ALA C 91 4.99 -13.94 8.12
CA ALA C 91 4.57 -12.54 8.16
C ALA C 91 4.94 -11.88 9.49
N ALA C 92 4.90 -12.64 10.59
CA ALA C 92 5.23 -12.11 11.91
C ALA C 92 6.70 -11.69 12.01
N GLN C 93 7.57 -12.30 11.22
CA GLN C 93 8.98 -11.93 11.24
C GLN C 93 9.29 -10.70 10.38
N THR C 94 8.30 -10.09 9.74
CA THR C 94 8.55 -8.96 8.85
C THR C 94 8.14 -7.65 9.51
N ILE C 95 8.79 -6.57 9.08
CA ILE C 95 8.47 -5.23 9.57
C ILE C 95 8.57 -4.26 8.39
N VAL C 96 7.58 -3.38 8.30
CA VAL C 96 7.48 -2.37 7.25
C VAL C 96 7.89 -1.02 7.84
N GLY C 97 8.75 -0.28 7.13
CA GLY C 97 9.21 1.01 7.61
C GLY C 97 9.11 2.11 6.56
N THR C 98 9.34 3.35 7.00
CA THR C 98 9.37 4.54 6.15
C THR C 98 10.75 4.63 5.52
N GLY C 99 10.91 3.93 4.41
CA GLY C 99 12.19 3.78 3.74
C GLY C 99 13.09 2.73 4.40
N GLY C 100 14.12 2.34 3.66
CA GLY C 100 15.15 1.49 4.24
C GLY C 100 15.93 2.14 5.37
N LYS C 101 16.00 3.47 5.40
CA LYS C 101 16.70 4.16 6.49
C LYS C 101 16.07 3.86 7.84
N GLN C 102 14.73 3.84 7.92
CA GLN C 102 14.13 3.60 9.23
C GLN C 102 14.36 2.17 9.69
N ILE C 103 14.44 1.22 8.75
CA ILE C 103 14.78 -0.15 9.11
C ILE C 103 16.17 -0.20 9.72
N LEU C 104 17.14 0.41 9.03
CA LEU C 104 18.50 0.42 9.54
C LEU C 104 18.60 1.19 10.84
N PHE C 105 18.06 2.42 10.85
CA PHE C 105 18.14 3.28 12.02
C PHE C 105 17.70 2.54 13.27
N ASN C 106 16.58 1.82 13.19
CA ASN C 106 16.01 1.20 14.37
C ASN C 106 16.62 -0.15 14.69
N ALA C 107 17.16 -0.87 13.70
CA ALA C 107 17.98 -2.02 14.04
C ALA C 107 19.14 -1.60 14.92
N PHE C 108 19.74 -0.45 14.61
CA PHE C 108 20.86 0.07 15.39
C PHE C 108 20.38 0.66 16.73
N MET C 109 19.33 1.48 16.71
CA MET C 109 18.87 2.06 17.98
C MET C 109 18.33 1.01 18.93
N ALA C 110 17.96 -0.16 18.43
CA ALA C 110 17.45 -1.22 19.30
C ALA C 110 18.53 -2.03 19.96
N THR C 111 19.73 -2.09 19.36
CA THR C 111 20.76 -3.04 19.77
C THR C 111 22.07 -2.40 20.21
N LEU C 112 22.35 -1.16 19.80
CA LEU C 112 23.67 -0.58 20.02
C LEU C 112 23.80 -0.04 21.44
N ASN C 113 24.81 -0.52 22.16
CA ASN C 113 25.29 -0.02 23.42
C ASN C 113 26.60 0.73 23.22
N PRO C 114 26.99 1.58 24.16
CA PRO C 114 28.35 2.16 24.10
C PRO C 114 29.38 1.04 24.09
N GLY C 115 30.29 1.12 23.13
CA GLY C 115 31.32 0.13 22.95
C GLY C 115 31.05 -0.89 21.86
N ASP C 116 29.79 -1.04 21.45
CA ASP C 116 29.45 -1.99 20.38
C ASP C 116 30.04 -1.53 19.06
N GLU C 117 30.70 -2.44 18.37
CA GLU C 117 31.36 -2.14 17.11
C GLU C 117 30.55 -2.70 15.94
N VAL C 118 30.52 -1.94 14.85
CA VAL C 118 29.77 -2.33 13.66
C VAL C 118 30.73 -2.29 12.48
N VAL C 119 30.93 -3.44 11.85
CA VAL C 119 31.90 -3.57 10.76
C VAL C 119 31.24 -3.14 9.45
N ILE C 120 31.83 -2.14 8.80
CA ILE C 120 31.26 -1.53 7.61
C ILE C 120 32.30 -1.51 6.51
N PRO C 121 32.10 -2.27 5.42
CA PRO C 121 33.06 -2.23 4.31
C PRO C 121 33.03 -0.87 3.63
N ALA C 122 34.22 -0.38 3.26
CA ALA C 122 34.38 0.83 2.47
C ALA C 122 34.67 0.47 1.01
N PRO C 123 34.14 1.21 0.03
CA PRO C 123 33.31 2.40 0.20
C PRO C 123 31.90 2.08 0.68
N TYR C 124 31.36 2.92 1.55
CA TYR C 124 30.09 2.66 2.19
C TYR C 124 29.09 3.77 1.89
N TRP C 125 27.83 3.39 1.80
CA TRP C 125 26.76 4.36 1.88
C TRP C 125 26.92 5.20 3.15
N VAL C 126 27.07 6.52 2.98
CA VAL C 126 27.51 7.40 4.06
C VAL C 126 26.59 7.35 5.28
N SER C 127 25.39 6.78 5.14
CA SER C 127 24.45 6.76 6.25
C SER C 127 24.76 5.68 7.28
N TYR C 128 25.36 4.55 6.87
CA TYR C 128 25.67 3.49 7.83
C TYR C 128 26.45 4.04 9.02
N PRO C 129 27.63 4.67 8.85
CA PRO C 129 28.34 5.19 10.04
C PRO C 129 27.57 6.26 10.78
N GLU C 130 26.83 7.11 10.06
CA GLU C 130 26.10 8.19 10.72
C GLU C 130 25.05 7.63 11.68
N MET C 131 24.27 6.64 11.23
CA MET C 131 23.30 6.01 12.11
C MET C 131 23.97 5.37 13.32
N VAL C 132 25.02 4.59 13.08
CA VAL C 132 25.73 3.93 14.17
C VAL C 132 26.19 4.95 15.21
N ALA C 133 26.81 6.03 14.75
CA ALA C 133 27.33 7.03 15.68
C ALA C 133 26.20 7.72 16.43
N LEU C 134 25.11 8.06 15.74
CA LEU C 134 24.00 8.73 16.39
C LEU C 134 23.34 7.84 17.43
N CYS C 135 23.37 6.53 17.24
CA CYS C 135 22.82 5.57 18.19
C CYS C 135 23.84 5.12 19.23
N GLY C 136 25.06 5.65 19.20
CA GLY C 136 26.03 5.40 20.25
C GLY C 136 27.01 4.27 20.01
N GLY C 137 27.01 3.68 18.81
CA GLY C 137 27.95 2.63 18.49
C GLY C 137 29.21 3.18 17.85
N THR C 138 30.17 2.27 17.63
CA THR C 138 31.45 2.62 17.01
C THR C 138 31.57 2.01 15.62
N PRO C 139 31.59 2.81 14.56
CA PRO C 139 31.81 2.22 13.23
C PRO C 139 33.23 1.74 13.07
N VAL C 140 33.39 0.56 12.48
CA VAL C 140 34.70 -0.02 12.20
C VAL C 140 34.76 -0.28 10.70
N PHE C 141 35.58 0.49 9.99
CA PHE C 141 35.63 0.44 8.53
C PHE C 141 36.65 -0.58 8.04
N VAL C 142 36.25 -1.36 7.04
CA VAL C 142 37.11 -2.33 6.38
C VAL C 142 37.27 -1.90 4.93
N PRO C 143 38.47 -1.55 4.49
CA PRO C 143 38.64 -1.10 3.11
C PRO C 143 38.55 -2.26 2.13
N THR C 144 37.87 -2.02 1.02
CA THR C 144 37.94 -2.89 -0.15
C THR C 144 38.77 -2.17 -1.21
N ARG C 145 39.37 -2.94 -2.10
CA ARG C 145 40.32 -2.42 -3.07
C ARG C 145 39.71 -2.39 -4.47
N GLN C 146 39.99 -1.33 -5.21
CA GLN C 146 39.51 -1.22 -6.59
C GLN C 146 40.04 -2.36 -7.45
N GLU C 147 41.25 -2.85 -7.13
CA GLU C 147 41.80 -4.00 -7.85
C GLU C 147 40.96 -5.25 -7.67
N ASN C 148 40.17 -5.33 -6.61
CA ASN C 148 39.30 -6.47 -6.32
C ASN C 148 37.89 -6.28 -6.84
N ASN C 149 37.62 -5.16 -7.52
CA ASN C 149 36.27 -4.72 -7.91
C ASN C 149 35.48 -4.28 -6.68
N PHE C 150 36.20 -3.73 -5.69
CA PHE C 150 35.62 -3.20 -4.46
C PHE C 150 34.94 -4.28 -3.63
N LYS C 151 35.40 -5.52 -3.75
CA LYS C 151 34.80 -6.64 -3.05
C LYS C 151 35.69 -7.09 -1.90
N LEU C 152 35.04 -7.34 -0.77
CA LEU C 152 35.75 -7.58 0.49
C LEU C 152 36.39 -8.97 0.50
N LYS C 153 37.65 -9.03 0.89
CA LYS C 153 38.35 -10.30 1.06
C LYS C 153 38.04 -10.89 2.43
N ALA C 154 37.90 -12.23 2.47
CA ALA C 154 37.51 -12.91 3.70
C ALA C 154 38.48 -12.59 4.85
N GLU C 155 39.77 -12.51 4.55
CA GLU C 155 40.75 -12.23 5.58
C GLU C 155 40.61 -10.83 6.13
N ASP C 156 40.25 -9.87 5.27
CA ASP C 156 40.03 -8.51 5.74
C ASP C 156 38.84 -8.45 6.69
N LEU C 157 37.76 -9.17 6.36
CA LEU C 157 36.61 -9.25 7.25
C LEU C 157 37.00 -9.85 8.59
N ASP C 158 37.74 -10.95 8.56
CA ASP C 158 38.10 -11.65 9.79
C ASP C 158 38.92 -10.75 10.71
N ARG C 159 39.91 -10.05 10.17
CA ARG C 159 40.75 -9.19 10.99
C ARG C 159 39.99 -8.00 11.57
N ALA C 160 38.88 -7.58 10.95
CA ALA C 160 38.15 -6.43 11.46
C ALA C 160 37.29 -6.78 12.66
N ILE C 161 36.80 -8.02 12.72
CA ILE C 161 35.92 -8.45 13.80
C ILE C 161 36.72 -8.53 15.09
N THR C 162 36.15 -8.00 16.17
CA THR C 162 36.72 -8.06 17.51
C THR C 162 35.66 -8.63 18.44
N PRO C 163 36.04 -9.00 19.66
CA PRO C 163 35.02 -9.39 20.65
C PRO C 163 33.99 -8.30 20.92
N LYS C 164 34.25 -7.06 20.50
CA LYS C 164 33.31 -5.96 20.65
C LYS C 164 32.36 -5.80 19.47
N THR C 165 32.59 -6.54 18.39
CA THR C 165 31.76 -6.41 17.19
C THR C 165 30.39 -7.01 17.41
N LYS C 166 29.34 -6.23 17.12
CA LYS C 166 27.97 -6.71 17.21
C LYS C 166 27.29 -6.88 15.87
N TRP C 167 27.69 -6.10 14.85
CA TRP C 167 27.05 -6.13 13.55
C TRP C 167 28.11 -6.08 12.46
N PHE C 168 27.82 -6.76 11.35
CA PHE C 168 28.50 -6.59 10.07
C PHE C 168 27.47 -6.19 9.03
N VAL C 169 27.71 -5.08 8.33
CA VAL C 169 26.77 -4.56 7.34
C VAL C 169 27.17 -5.07 5.97
N PHE C 170 26.25 -5.78 5.29
CA PHE C 170 26.53 -6.33 3.97
C PHE C 170 25.58 -5.72 2.93
N ASN C 171 26.12 -4.83 2.09
CA ASN C 171 25.33 -4.12 1.08
C ASN C 171 25.74 -4.63 -0.30
N SER C 172 24.89 -5.45 -0.92
CA SER C 172 25.21 -5.98 -2.25
C SER C 172 23.93 -6.13 -3.07
N PRO C 173 23.84 -5.53 -4.25
CA PRO C 173 24.80 -4.65 -4.90
C PRO C 173 25.02 -3.37 -4.10
N SER C 174 26.24 -2.83 -4.17
CA SER C 174 26.68 -1.79 -3.24
C SER C 174 26.43 -0.38 -3.78
N ASN C 175 26.08 0.49 -2.85
CA ASN C 175 26.16 1.94 -3.02
C ASN C 175 27.35 2.39 -2.20
N PRO C 176 28.37 3.06 -2.77
CA PRO C 176 28.53 3.73 -4.07
C PRO C 176 29.23 2.94 -5.17
N SER C 177 29.72 1.75 -4.87
CA SER C 177 30.65 1.09 -5.80
C SER C 177 29.96 0.34 -6.93
N GLY C 178 28.71 -0.06 -6.75
CA GLY C 178 28.08 -0.93 -7.73
C GLY C 178 28.61 -2.34 -7.73
N ALA C 179 29.43 -2.71 -6.76
CA ALA C 179 29.95 -4.07 -6.68
C ALA C 179 28.83 -5.04 -6.29
N ALA C 180 28.81 -6.21 -6.92
CA ALA C 180 27.80 -7.21 -6.63
C ALA C 180 28.49 -8.55 -6.41
N TYR C 181 28.26 -9.15 -5.24
CA TYR C 181 28.95 -10.38 -4.90
C TYR C 181 28.27 -11.58 -5.56
N SER C 182 29.07 -12.42 -6.20
CA SER C 182 28.56 -13.72 -6.63
C SER C 182 28.37 -14.61 -5.41
N HIS C 183 27.72 -15.76 -5.63
CA HIS C 183 27.50 -16.70 -4.55
C HIS C 183 28.83 -17.14 -3.94
N GLU C 184 29.78 -17.51 -4.79
CA GLU C 184 31.09 -17.96 -4.33
C GLU C 184 31.82 -16.85 -3.57
N GLU C 185 31.72 -15.62 -4.06
CA GLU C 185 32.33 -14.50 -3.34
C GLU C 185 31.63 -14.26 -2.01
N LEU C 186 30.31 -14.34 -1.99
CA LEU C 186 29.58 -14.21 -0.73
C LEU C 186 29.93 -15.37 0.22
N LYS C 187 30.04 -16.59 -0.32
CA LYS C 187 30.29 -17.76 0.53
C LYS C 187 31.65 -17.67 1.24
N ALA C 188 32.64 -17.01 0.61
CA ALA C 188 33.90 -16.78 1.30
C ALA C 188 33.69 -15.92 2.54
N LEU C 189 32.70 -15.02 2.52
CA LEU C 189 32.44 -14.14 3.65
C LEU C 189 31.58 -14.81 4.71
N THR C 190 30.54 -15.54 4.29
CA THR C 190 29.71 -16.22 5.28
C THR C 190 30.47 -17.31 6.01
N ASP C 191 31.50 -17.88 5.38
CA ASP C 191 32.38 -18.81 6.08
C ASP C 191 33.08 -18.13 7.25
N VAL C 192 33.60 -16.92 7.04
CA VAL C 192 34.17 -16.13 8.11
C VAL C 192 33.14 -15.88 9.20
N LEU C 193 31.95 -15.42 8.81
CA LEU C 193 30.91 -15.11 9.78
C LEU C 193 30.56 -16.31 10.65
N MET C 194 30.57 -17.52 10.06
CA MET C 194 30.26 -18.71 10.84
C MET C 194 31.28 -19.01 11.92
N LYS C 195 32.47 -18.40 11.86
CA LYS C 195 33.47 -18.54 12.92
C LYS C 195 33.29 -17.51 14.04
N HIS C 196 32.32 -16.61 13.92
CA HIS C 196 32.10 -15.53 14.88
C HIS C 196 30.62 -15.46 15.18
N PRO C 197 30.14 -16.28 16.12
CA PRO C 197 28.68 -16.37 16.37
C PRO C 197 28.09 -15.10 16.93
N HIS C 198 28.87 -14.31 17.66
CA HIS C 198 28.37 -13.06 18.23
C HIS C 198 27.88 -12.09 17.15
N VAL C 199 28.42 -12.18 15.95
CA VAL C 199 28.23 -11.12 14.95
C VAL C 199 26.91 -11.32 14.22
N TRP C 200 26.01 -10.35 14.37
CA TRP C 200 24.82 -10.29 13.53
C TRP C 200 25.13 -9.64 12.19
N VAL C 201 24.39 -10.07 11.17
CA VAL C 201 24.53 -9.57 9.80
C VAL C 201 23.31 -8.71 9.46
N LEU C 202 23.56 -7.48 9.02
CA LEU C 202 22.51 -6.63 8.47
C LEU C 202 22.73 -6.60 6.97
N THR C 203 21.90 -7.30 6.20
CA THR C 203 22.07 -7.35 4.76
C THR C 203 21.10 -6.38 4.09
N ASP C 204 21.63 -5.51 3.24
CA ASP C 204 20.88 -4.46 2.57
C ASP C 204 20.81 -4.86 1.09
N ASP C 205 19.67 -5.42 0.70
CA ASP C 205 19.45 -5.96 -0.63
C ASP C 205 18.65 -5.00 -1.51
N MET C 206 18.67 -3.69 -1.20
CA MET C 206 17.84 -2.72 -1.91
CA MET C 206 17.80 -2.76 -1.91
C MET C 206 18.06 -2.73 -3.41
N TYR C 207 19.29 -3.00 -3.85
CA TYR C 207 19.59 -2.97 -5.27
C TYR C 207 19.50 -4.34 -5.92
N GLU C 208 18.90 -5.30 -5.22
CA GLU C 208 18.73 -6.68 -5.70
C GLU C 208 18.36 -6.77 -7.17
N HIS C 209 17.39 -5.96 -7.60
CA HIS C 209 16.83 -6.08 -8.94
C HIS C 209 17.54 -5.21 -9.97
N LEU C 210 18.63 -4.55 -9.58
CA LEU C 210 19.38 -3.69 -10.49
C LEU C 210 20.75 -4.33 -10.69
N THR C 211 20.78 -5.36 -11.55
CA THR C 211 21.99 -6.11 -11.87
C THR C 211 22.06 -6.29 -13.38
N TYR C 212 23.26 -6.50 -13.89
CA TYR C 212 23.50 -6.44 -15.32
C TYR C 212 24.16 -7.72 -15.83
N GLY C 213 24.15 -7.88 -17.14
CA GLY C 213 24.64 -9.11 -17.74
C GLY C 213 23.78 -10.26 -17.28
N ASP C 214 24.43 -11.39 -16.96
CA ASP C 214 23.72 -12.55 -16.44
C ASP C 214 23.93 -12.72 -14.93
N PHE C 215 24.26 -11.64 -14.22
CA PHE C 215 24.51 -11.76 -12.80
C PHE C 215 23.27 -12.29 -12.09
N ARG C 216 23.48 -13.21 -11.16
CA ARG C 216 22.42 -13.83 -10.39
C ARG C 216 22.58 -13.40 -8.93
N PHE C 217 21.60 -12.66 -8.43
CA PHE C 217 21.68 -12.15 -7.07
C PHE C 217 21.52 -13.27 -6.05
N ALA C 218 22.30 -13.18 -4.97
CA ALA C 218 22.19 -14.10 -3.85
C ALA C 218 22.29 -13.31 -2.57
N THR C 219 21.52 -13.71 -1.54
CA THR C 219 21.53 -13.03 -0.26
C THR C 219 22.21 -13.89 0.81
N PRO C 220 22.80 -13.29 1.85
CA PRO C 220 23.61 -14.09 2.80
C PRO C 220 22.92 -15.29 3.44
N VAL C 221 21.66 -15.17 3.85
CA VAL C 221 21.05 -16.32 4.52
C VAL C 221 20.74 -17.43 3.51
N GLU C 222 20.53 -17.06 2.25
CA GLU C 222 20.34 -18.06 1.20
C GLU C 222 21.64 -18.80 0.92
N VAL C 223 22.78 -18.11 1.09
CA VAL C 223 24.08 -18.73 0.85
C VAL C 223 24.51 -19.57 2.05
N GLU C 224 24.29 -19.05 3.26
CA GLU C 224 24.67 -19.74 4.49
C GLU C 224 23.46 -19.75 5.42
N PRO C 225 22.66 -20.82 5.37
CA PRO C 225 21.47 -20.90 6.24
C PRO C 225 21.79 -20.86 7.73
N GLY C 226 23.04 -21.12 8.13
CA GLY C 226 23.41 -20.99 9.52
C GLY C 226 23.43 -19.58 10.05
N LEU C 227 23.26 -18.59 9.18
CA LEU C 227 23.12 -17.19 9.56
C LEU C 227 21.68 -16.78 9.83
N TYR C 228 20.73 -17.69 9.65
CA TYR C 228 19.31 -17.34 9.77
C TYR C 228 18.97 -16.71 11.12
N GLU C 229 19.50 -17.28 12.20
CA GLU C 229 19.22 -16.87 13.57
C GLU C 229 19.87 -15.55 13.96
N ARG C 230 20.68 -14.93 13.08
CA ARG C 230 21.38 -13.71 13.46
C ARG C 230 21.56 -12.80 12.24
N THR C 231 20.57 -12.77 11.34
CA THR C 231 20.58 -11.87 10.21
C THR C 231 19.25 -11.15 10.11
N LEU C 232 19.33 -9.85 9.82
CA LEU C 232 18.19 -9.03 9.44
C LEU C 232 18.31 -8.83 7.94
N THR C 233 17.40 -9.43 7.18
CA THR C 233 17.41 -9.29 5.72
C THR C 233 16.56 -8.08 5.34
N MET C 234 17.20 -7.01 4.89
CA MET C 234 16.54 -5.75 4.61
CA MET C 234 16.51 -5.77 4.61
C MET C 234 16.44 -5.54 3.10
N ASN C 235 15.34 -4.93 2.68
CA ASN C 235 15.09 -4.65 1.28
C ASN C 235 14.12 -3.47 1.21
N GLY C 236 13.64 -3.15 0.02
CA GLY C 236 12.69 -2.07 -0.12
C GLY C 236 12.21 -1.98 -1.55
N VAL C 237 11.23 -1.11 -1.77
CA VAL C 237 10.70 -0.89 -3.11
C VAL C 237 11.24 0.38 -3.76
N SER C 238 12.04 1.19 -3.05
CA SER C 238 12.47 2.48 -3.58
C SER C 238 13.14 2.35 -4.95
N LYS C 239 14.10 1.44 -5.07
CA LYS C 239 14.97 1.38 -6.23
C LYS C 239 14.36 0.57 -7.37
N ALA C 240 13.90 -0.64 -7.08
CA ALA C 240 13.41 -1.53 -8.12
C ALA C 240 12.16 -0.98 -8.79
N TYR C 241 11.27 -0.37 -7.99
CA TYR C 241 9.97 0.07 -8.47
C TYR C 241 9.88 1.58 -8.63
N ALA C 242 11.03 2.27 -8.62
CA ALA C 242 11.08 3.72 -8.81
C ALA C 242 10.08 4.41 -7.86
N MET C 243 10.19 4.08 -6.59
CA MET C 243 9.25 4.51 -5.57
C MET C 243 9.92 5.28 -4.44
N THR C 244 11.04 5.97 -4.73
CA THR C 244 11.83 6.59 -3.65
C THR C 244 10.99 7.59 -2.84
N GLY C 245 10.11 8.33 -3.51
CA GLY C 245 9.33 9.32 -2.80
C GLY C 245 8.25 8.72 -1.90
N TRP C 246 7.89 7.46 -2.11
CA TRP C 246 6.82 6.84 -1.34
C TRP C 246 7.27 6.42 0.05
N ARG C 247 8.57 6.14 0.21
CA ARG C 247 9.19 5.74 1.48
C ARG C 247 8.57 4.43 2.03
N ILE C 248 8.91 3.32 1.37
CA ILE C 248 8.61 2.00 1.92
C ILE C 248 9.88 1.15 1.91
N GLY C 249 10.34 0.77 3.11
CA GLY C 249 11.37 -0.24 3.27
C GLY C 249 10.84 -1.36 4.14
N TYR C 250 11.57 -2.48 4.15
CA TYR C 250 11.11 -3.61 4.96
C TYR C 250 12.27 -4.55 5.24
N ALA C 251 12.03 -5.46 6.19
CA ALA C 251 13.04 -6.42 6.59
C ALA C 251 12.35 -7.64 7.18
N ALA C 252 13.13 -8.71 7.34
CA ALA C 252 12.68 -9.90 8.06
C ALA C 252 13.86 -10.46 8.83
N GLY C 253 13.54 -11.11 9.95
CA GLY C 253 14.56 -11.71 10.77
C GLY C 253 13.97 -12.40 11.99
N PRO C 254 14.80 -12.64 13.01
CA PRO C 254 14.32 -13.32 14.22
C PRO C 254 13.31 -12.46 14.98
N LEU C 255 12.38 -13.14 15.67
CA LEU C 255 11.23 -12.45 16.23
C LEU C 255 11.63 -11.42 17.29
N HIS C 256 12.61 -11.75 18.13
CA HIS C 256 12.91 -10.85 19.24
C HIS C 256 13.53 -9.54 18.76
N LEU C 257 14.27 -9.57 17.66
CA LEU C 257 14.74 -8.32 17.08
C LEU C 257 13.58 -7.55 16.46
N ILE C 258 12.73 -8.25 15.71
CA ILE C 258 11.60 -7.59 15.04
C ILE C 258 10.69 -6.92 16.06
N LYS C 259 10.48 -7.56 17.21
CA LYS C 259 9.60 -6.99 18.22
C LYS C 259 10.21 -5.72 18.82
N ALA C 260 11.53 -5.71 19.00
CA ALA C 260 12.19 -4.52 19.53
C ALA C 260 12.13 -3.37 18.54
N MET C 261 12.39 -3.65 17.25
CA MET C 261 12.27 -2.61 16.24
C MET C 261 10.84 -2.07 16.15
N ASP C 262 9.86 -2.94 16.38
CA ASP C 262 8.46 -2.51 16.36
C ASP C 262 8.17 -1.54 17.50
N MET C 263 8.76 -1.78 18.67
CA MET C 263 8.51 -0.90 19.81
C MET C 263 9.11 0.48 19.58
N ILE C 264 10.32 0.54 19.02
CA ILE C 264 10.90 1.84 18.70
C ILE C 264 10.07 2.55 17.65
N GLN C 265 9.84 1.87 16.52
CA GLN C 265 9.08 2.45 15.41
C GLN C 265 7.73 2.99 15.88
N GLY C 266 7.09 2.28 16.80
CA GLY C 266 5.81 2.75 17.31
C GLY C 266 5.90 4.12 17.95
N GLN C 267 7.04 4.44 18.53
CA GLN C 267 7.20 5.73 19.19
C GLN C 267 7.74 6.81 18.27
N GLN C 268 8.36 6.43 17.16
CA GLN C 268 8.88 7.38 16.19
C GLN C 268 7.82 7.82 15.19
N THR C 269 7.16 6.88 14.52
CA THR C 269 6.28 7.24 13.42
C THR C 269 4.93 6.55 13.46
N SER C 270 4.76 5.51 14.28
CA SER C 270 3.67 4.54 14.10
C SER C 270 3.92 3.88 12.74
N GLY C 271 2.90 3.41 12.07
CA GLY C 271 3.12 2.72 10.81
C GLY C 271 3.57 3.66 9.69
N ALA C 272 4.08 3.04 8.63
CA ALA C 272 4.34 3.79 7.40
C ALA C 272 3.02 4.26 6.78
N ALA C 273 3.11 5.32 5.98
CA ALA C 273 1.94 5.87 5.30
C ALA C 273 1.11 4.77 4.65
N SER C 274 -0.18 4.74 5.01
CA SER C 274 -1.07 3.65 4.62
C SER C 274 -1.17 3.51 3.10
N ILE C 275 -1.30 4.64 2.39
CA ILE C 275 -1.43 4.57 0.94
C ILE C 275 -0.17 3.99 0.31
N ALA C 276 0.99 4.35 0.86
CA ALA C 276 2.25 3.82 0.35
C ALA C 276 2.39 2.34 0.62
N GLN C 277 1.82 1.85 1.72
CA GLN C 277 1.87 0.41 1.96
C GLN C 277 1.06 -0.35 0.92
N TRP C 278 -0.12 0.17 0.58
CA TRP C 278 -0.94 -0.48 -0.44
C TRP C 278 -0.27 -0.42 -1.82
N ALA C 279 0.42 0.68 -2.12
CA ALA C 279 1.20 0.72 -3.35
C ALA C 279 2.26 -0.37 -3.34
N ALA C 280 2.92 -0.58 -2.18
CA ALA C 280 3.96 -1.60 -2.10
C ALA C 280 3.40 -3.01 -2.19
N VAL C 281 2.16 -3.22 -1.76
CA VAL C 281 1.53 -4.53 -1.95
C VAL C 281 1.46 -4.87 -3.43
N GLU C 282 1.05 -3.90 -4.24
CA GLU C 282 0.96 -4.12 -5.69
C GLU C 282 2.35 -4.23 -6.32
N ALA C 283 3.34 -3.50 -5.81
CA ALA C 283 4.70 -3.63 -6.31
C ALA C 283 5.20 -5.06 -6.20
N LEU C 284 5.07 -5.66 -5.01
CA LEU C 284 5.58 -7.01 -4.80
C LEU C 284 4.71 -8.05 -5.47
N ASN C 285 3.39 -7.94 -5.32
CA ASN C 285 2.49 -8.98 -5.82
C ASN C 285 2.21 -8.88 -7.31
N GLY C 286 2.43 -7.72 -7.92
CA GLY C 286 2.00 -7.48 -9.27
C GLY C 286 2.96 -8.05 -10.31
N PRO C 287 2.73 -7.69 -11.57
CA PRO C 287 3.66 -8.11 -12.63
C PRO C 287 5.04 -7.52 -12.36
N GLN C 288 6.07 -8.29 -12.74
CA GLN C 288 7.45 -7.89 -12.50
C GLN C 288 8.18 -7.52 -13.79
N ASP C 289 7.43 -7.25 -14.87
CA ASP C 289 8.05 -6.92 -16.15
C ASP C 289 8.83 -5.61 -16.10
N PHE C 290 8.49 -4.72 -15.16
CA PHE C 290 9.25 -3.49 -14.98
C PHE C 290 10.73 -3.79 -14.76
N ILE C 291 11.03 -4.90 -14.07
CA ILE C 291 12.39 -5.16 -13.62
C ILE C 291 13.29 -5.52 -14.80
N GLY C 292 12.84 -6.42 -15.67
CA GLY C 292 13.65 -6.83 -16.80
C GLY C 292 13.89 -5.71 -17.79
N ARG C 293 12.86 -4.89 -18.03
CA ARG C 293 13.02 -3.74 -18.92
C ARG C 293 14.15 -2.83 -18.44
N ASN C 294 14.09 -2.42 -17.17
CA ASN C 294 15.02 -1.41 -16.67
C ASN C 294 16.43 -1.95 -16.51
N LYS C 295 16.60 -3.25 -16.29
CA LYS C 295 17.94 -3.81 -16.35
C LYS C 295 18.58 -3.49 -17.69
N GLU C 296 17.79 -3.57 -18.75
CA GLU C 296 18.31 -3.24 -20.08
C GLU C 296 18.53 -1.75 -20.25
N ILE C 297 17.65 -0.92 -19.67
CA ILE C 297 17.81 0.52 -19.80
C ILE C 297 19.01 1.01 -19.00
N PHE C 298 19.11 0.56 -17.74
CA PHE C 298 20.22 1.00 -16.89
C PHE C 298 21.55 0.50 -17.40
N GLN C 299 21.58 -0.72 -17.95
CA GLN C 299 22.84 -1.23 -18.51
C GLN C 299 23.33 -0.34 -19.64
N GLY C 300 22.40 0.21 -20.42
CA GLY C 300 22.80 1.09 -21.50
C GLY C 300 23.29 2.44 -21.01
N ARG C 301 22.63 2.98 -19.98
CA ARG C 301 23.13 4.20 -19.36
C ARG C 301 24.49 3.96 -18.72
N ARG C 302 24.64 2.82 -18.05
CA ARG C 302 25.93 2.46 -17.47
C ARG C 302 27.03 2.47 -18.52
N ASP C 303 26.81 1.74 -19.62
CA ASP C 303 27.82 1.65 -20.67
C ASP C 303 28.14 3.02 -21.25
N LEU C 304 27.13 3.87 -21.43
CA LEU C 304 27.36 5.21 -21.96
C LEU C 304 28.22 6.03 -21.00
N VAL C 305 27.95 5.93 -19.70
CA VAL C 305 28.67 6.73 -18.71
C VAL C 305 30.09 6.22 -18.53
N VAL C 306 30.26 4.89 -18.44
CA VAL C 306 31.60 4.33 -18.27
C VAL C 306 32.49 4.69 -19.46
N SER C 307 31.95 4.61 -20.68
CA SER C 307 32.78 4.88 -21.84
C SER C 307 33.13 6.36 -21.96
N MET C 308 32.17 7.24 -21.67
CA MET C 308 32.43 8.67 -21.79
C MET C 308 33.40 9.15 -20.72
N LEU C 309 33.24 8.64 -19.49
CA LEU C 309 34.13 9.03 -18.40
C LEU C 309 35.57 8.56 -18.62
N ASN C 310 35.75 7.48 -19.36
CA ASN C 310 37.10 6.99 -19.63
C ASN C 310 37.82 7.80 -20.70
N GLN C 311 37.14 8.76 -21.32
CA GLN C 311 37.78 9.72 -22.22
C GLN C 311 38.15 11.02 -21.53
N ALA C 312 37.75 11.21 -20.27
CA ALA C 312 38.08 12.43 -19.54
C ALA C 312 39.50 12.35 -19.02
N LYS C 313 40.26 13.45 -19.20
CA LYS C 313 41.66 13.51 -18.78
C LYS C 313 41.79 13.19 -17.29
N GLY C 314 42.57 12.15 -16.98
CA GLY C 314 42.86 11.79 -15.61
C GLY C 314 41.76 11.06 -14.88
N ILE C 315 40.73 10.59 -15.58
CA ILE C 315 39.62 9.86 -14.99
C ILE C 315 39.68 8.42 -15.46
N SER C 316 39.43 7.49 -14.55
CA SER C 316 39.32 6.07 -14.89
C SER C 316 38.08 5.53 -14.22
N CYS C 317 37.26 4.80 -14.97
CA CYS C 317 35.96 4.34 -14.48
C CYS C 317 35.78 2.85 -14.63
N PRO C 318 35.68 2.09 -13.54
CA PRO C 318 35.37 0.65 -13.66
C PRO C 318 33.91 0.42 -14.05
N THR C 319 33.63 -0.80 -14.49
CA THR C 319 32.27 -1.17 -14.91
C THR C 319 31.55 -1.81 -13.73
N PRO C 320 30.52 -1.18 -13.16
CA PRO C 320 29.83 -1.77 -12.00
C PRO C 320 28.91 -2.91 -12.42
N GLU C 321 28.69 -3.81 -11.47
CA GLU C 321 27.87 -5.00 -11.68
C GLU C 321 26.43 -4.81 -11.25
N GLY C 322 26.17 -3.89 -10.32
CA GLY C 322 24.82 -3.67 -9.84
C GLY C 322 24.60 -2.23 -9.41
N ALA C 323 23.38 -1.96 -8.92
CA ALA C 323 22.91 -0.63 -8.56
C ALA C 323 22.95 0.28 -9.78
N PHE C 324 22.97 1.60 -9.57
CA PHE C 324 23.06 2.49 -10.71
C PHE C 324 24.06 3.62 -10.43
N TYR C 325 25.23 3.23 -9.91
CA TYR C 325 26.30 4.16 -9.64
C TYR C 325 27.60 3.69 -10.30
N VAL C 326 28.39 4.64 -10.80
CA VAL C 326 29.79 4.40 -11.13
C VAL C 326 30.62 5.07 -10.04
N TYR C 327 31.81 4.53 -9.81
CA TYR C 327 32.73 5.05 -8.80
C TYR C 327 34.08 5.41 -9.41
N PRO C 328 34.11 6.31 -10.42
CA PRO C 328 35.37 6.59 -11.10
C PRO C 328 36.42 7.18 -10.17
N SER C 329 37.67 6.97 -10.53
CA SER C 329 38.80 7.58 -9.85
C SER C 329 39.18 8.89 -10.52
N CYS C 330 39.53 9.89 -9.70
CA CYS C 330 40.15 11.12 -10.18
C CYS C 330 41.60 11.23 -9.69
N ALA C 331 42.24 10.07 -9.49
CA ALA C 331 43.62 10.06 -9.00
C ALA C 331 44.54 10.86 -9.90
N GLY C 332 44.35 10.73 -11.22
CA GLY C 332 45.19 11.43 -12.18
C GLY C 332 45.04 12.93 -12.18
N LEU C 333 44.09 13.48 -11.43
CA LEU C 333 43.93 14.92 -11.35
C LEU C 333 44.32 15.50 -10.00
N ILE C 334 44.61 14.66 -9.01
CA ILE C 334 45.07 15.16 -7.72
C ILE C 334 46.40 15.87 -7.92
N GLY C 335 46.44 17.16 -7.57
CA GLY C 335 47.63 17.98 -7.75
C GLY C 335 47.56 18.95 -8.91
N LYS C 336 46.62 18.78 -9.84
CA LYS C 336 46.54 19.66 -10.99
C LYS C 336 45.76 20.93 -10.63
N THR C 337 45.56 21.81 -11.60
CA THR C 337 44.91 23.09 -11.38
C THR C 337 43.59 23.14 -12.14
N ALA C 338 42.50 23.39 -11.41
CA ALA C 338 41.18 23.52 -12.01
C ALA C 338 41.09 24.80 -12.86
N PRO C 339 40.07 24.91 -13.71
CA PRO C 339 39.92 26.13 -14.53
C PRO C 339 39.74 27.40 -13.70
N SER C 340 39.26 27.29 -12.46
CA SER C 340 39.11 28.46 -11.60
C SER C 340 40.41 28.92 -10.98
N GLY C 341 41.42 28.05 -10.90
CA GLY C 341 42.72 28.36 -10.36
C GLY C 341 43.13 27.50 -9.17
N LYS C 342 42.15 27.01 -8.41
CA LYS C 342 42.44 26.27 -7.19
C LYS C 342 43.03 24.89 -7.51
N VAL C 343 44.09 24.53 -6.80
CA VAL C 343 44.77 23.26 -7.04
C VAL C 343 43.98 22.14 -6.38
N ILE C 344 43.72 21.08 -7.14
CA ILE C 344 42.92 19.95 -6.67
C ILE C 344 43.78 19.12 -5.70
N GLU C 345 43.49 19.24 -4.41
CA GLU C 345 44.22 18.49 -3.41
C GLU C 345 43.55 17.17 -3.04
N THR C 346 42.22 17.13 -3.05
CA THR C 346 41.43 15.97 -2.68
C THR C 346 40.32 15.78 -3.70
N ASP C 347 39.61 14.65 -3.62
CA ASP C 347 38.47 14.46 -4.51
C ASP C 347 37.32 15.40 -4.17
N GLU C 348 37.26 15.87 -2.92
CA GLU C 348 36.28 16.90 -2.58
C GLU C 348 36.55 18.18 -3.34
N ASP C 349 37.83 18.58 -3.43
CA ASP C 349 38.20 19.72 -4.25
C ASP C 349 37.71 19.55 -5.69
N PHE C 350 37.96 18.37 -6.27
CA PHE C 350 37.53 18.12 -7.64
C PHE C 350 36.03 18.26 -7.78
N VAL C 351 35.28 17.66 -6.86
CA VAL C 351 33.83 17.61 -6.97
C VAL C 351 33.22 19.00 -6.79
N SER C 352 33.72 19.76 -5.80
CA SER C 352 33.17 21.11 -5.58
CA SER C 352 33.17 21.11 -5.58
C SER C 352 33.48 22.03 -6.75
N GLU C 353 34.66 21.87 -7.35
CA GLU C 353 35.02 22.72 -8.49
C GLU C 353 34.29 22.30 -9.76
N LEU C 354 34.00 21.01 -9.92
CA LEU C 354 33.20 20.59 -11.07
C LEU C 354 31.80 21.17 -11.00
N LEU C 355 31.23 21.28 -9.79
CA LEU C 355 29.89 21.83 -9.64
C LEU C 355 29.86 23.30 -10.05
N GLU C 356 30.78 24.10 -9.51
CA GLU C 356 30.77 25.55 -9.77
C GLU C 356 31.08 25.85 -11.24
N THR C 357 32.06 25.16 -11.81
CA THR C 357 32.55 25.50 -13.14
C THR C 357 31.62 24.99 -14.24
N GLU C 358 31.19 23.73 -14.14
CA GLU C 358 30.38 23.11 -15.17
C GLU C 358 28.92 22.89 -14.78
N GLY C 359 28.59 22.94 -13.49
CA GLY C 359 27.22 22.73 -13.08
C GLY C 359 26.80 21.29 -12.96
N VAL C 360 27.76 20.36 -12.91
CA VAL C 360 27.47 18.93 -12.77
C VAL C 360 27.64 18.54 -11.31
N ALA C 361 26.60 17.96 -10.73
CA ALA C 361 26.55 17.66 -9.30
C ALA C 361 26.96 16.22 -9.05
N VAL C 362 28.03 16.03 -8.27
CA VAL C 362 28.66 14.74 -8.03
C VAL C 362 28.99 14.66 -6.55
N VAL C 363 29.23 13.45 -6.04
CA VAL C 363 29.59 13.26 -4.63
C VAL C 363 31.01 12.73 -4.55
N HIS C 364 31.84 13.35 -3.71
CA HIS C 364 33.23 12.95 -3.62
C HIS C 364 33.40 11.62 -2.88
N GLY C 365 34.38 10.83 -3.35
CA GLY C 365 34.56 9.48 -2.83
C GLY C 365 34.97 9.42 -1.38
N SER C 366 35.78 10.38 -0.93
CA SER C 366 36.23 10.35 0.46
C SER C 366 35.05 10.39 1.44
N ALA C 367 33.92 10.96 1.03
CA ALA C 367 32.73 10.94 1.87
C ALA C 367 32.22 9.51 2.08
N PHE C 368 32.47 8.62 1.13
CA PHE C 368 32.10 7.22 1.26
C PHE C 368 33.24 6.39 1.86
N GLY C 369 34.29 7.03 2.36
CA GLY C 369 35.40 6.32 2.95
C GLY C 369 36.44 5.77 1.99
N LEU C 370 36.43 6.17 0.72
CA LEU C 370 37.45 5.71 -0.22
C LEU C 370 37.68 6.76 -1.29
N GLY C 371 38.88 7.33 -1.33
CA GLY C 371 39.25 8.27 -2.36
C GLY C 371 40.60 7.92 -2.94
N PRO C 372 41.05 8.67 -3.97
CA PRO C 372 40.35 9.76 -4.65
C PRO C 372 39.36 9.27 -5.70
N ASN C 373 38.06 9.42 -5.41
CA ASN C 373 37.02 8.90 -6.28
C ASN C 373 35.86 9.88 -6.26
N PHE C 374 34.86 9.59 -7.08
CA PHE C 374 33.61 10.32 -7.00
C PHE C 374 32.50 9.39 -7.50
N ARG C 375 31.30 9.60 -6.96
CA ARG C 375 30.15 8.77 -7.32
C ARG C 375 29.27 9.51 -8.31
N ILE C 376 28.85 8.80 -9.35
CA ILE C 376 27.89 9.31 -10.31
C ILE C 376 26.72 8.32 -10.38
N SER C 377 25.51 8.84 -10.24
CA SER C 377 24.30 8.07 -10.48
C SER C 377 23.92 8.20 -11.95
N TYR C 378 23.83 7.08 -12.66
CA TYR C 378 23.37 7.14 -14.05
C TYR C 378 21.89 6.82 -14.16
N ALA C 379 21.14 7.03 -13.08
CA ALA C 379 19.69 6.80 -13.09
C ALA C 379 18.95 7.86 -13.89
N THR C 380 19.56 9.01 -14.12
CA THR C 380 18.92 10.06 -14.91
C THR C 380 18.92 9.67 -16.39
N SER C 381 18.35 10.55 -17.21
CA SER C 381 18.12 10.25 -18.61
C SER C 381 19.42 10.26 -19.40
N GLU C 382 19.39 9.59 -20.57
CA GLU C 382 20.59 9.47 -21.39
C GLU C 382 21.02 10.81 -21.99
N ALA C 383 20.06 11.71 -22.24
CA ALA C 383 20.43 13.04 -22.70
C ALA C 383 21.14 13.82 -21.60
N LEU C 384 20.60 13.80 -20.39
CA LEU C 384 21.26 14.48 -19.28
C LEU C 384 22.61 13.84 -18.97
N LEU C 385 22.72 12.51 -19.11
CA LEU C 385 23.98 11.83 -18.87
C LEU C 385 25.04 12.27 -19.89
N GLU C 386 24.69 12.27 -21.16
CA GLU C 386 25.65 12.66 -22.20
C GLU C 386 26.13 14.08 -22.00
N GLU C 387 25.20 15.01 -21.76
CA GLU C 387 25.59 16.42 -21.61
C GLU C 387 26.50 16.61 -20.41
N ALA C 388 26.24 15.86 -19.33
CA ALA C 388 27.05 15.99 -18.11
C ALA C 388 28.46 15.45 -18.32
N CYS C 389 28.59 14.29 -18.96
CA CYS C 389 29.93 13.73 -19.19
C CYS C 389 30.73 14.62 -20.14
N ARG C 390 30.05 15.23 -21.11
CA ARG C 390 30.72 16.20 -21.98
C ARG C 390 31.30 17.34 -21.15
N ARG C 391 30.50 17.89 -20.23
CA ARG C 391 31.01 18.93 -19.34
C ARG C 391 32.14 18.41 -18.47
N ILE C 392 32.08 17.15 -18.05
CA ILE C 392 33.18 16.56 -17.28
C ILE C 392 34.44 16.47 -18.14
N GLN C 393 34.30 16.05 -19.39
CA GLN C 393 35.46 15.99 -20.27
C GLN C 393 36.04 17.37 -20.50
N ARG C 394 35.17 18.36 -20.73
CA ARG C 394 35.62 19.74 -20.94
C ARG C 394 36.30 20.28 -19.68
N PHE C 395 35.77 19.95 -18.51
CA PHE C 395 36.39 20.38 -17.26
C PHE C 395 37.76 19.73 -17.07
N CYS C 396 37.83 18.40 -17.22
CA CYS C 396 39.08 17.68 -17.00
C CYS C 396 40.16 18.08 -17.99
N ALA C 397 39.80 18.28 -19.26
CA ALA C 397 40.79 18.64 -20.27
C ALA C 397 41.41 20.00 -19.98
N ALA C 398 40.68 20.88 -19.27
CA ALA C 398 41.17 22.19 -18.90
C ALA C 398 41.90 22.20 -17.56
N CYS C 399 42.26 21.02 -17.03
CA CYS C 399 43.04 20.90 -15.81
C CYS C 399 44.52 20.72 -16.15
N ARG C 400 45.38 21.35 -15.37
CA ARG C 400 46.83 21.31 -15.59
C ARG C 400 47.57 20.97 -14.31
N ALA D 2 22.73 -6.69 26.77
CA ALA D 2 23.00 -7.87 25.95
C ALA D 2 22.98 -7.48 24.48
N PHE D 3 22.23 -8.23 23.67
CA PHE D 3 22.08 -7.86 22.27
C PHE D 3 21.26 -6.58 22.13
N LEU D 4 20.05 -6.56 22.72
CA LEU D 4 19.25 -5.35 22.67
C LEU D 4 19.88 -4.26 23.52
N ALA D 5 19.59 -3.01 23.17
CA ALA D 5 20.21 -1.88 23.83
C ALA D 5 19.64 -1.69 25.24
N ASP D 6 20.47 -1.12 26.12
CA ASP D 6 20.05 -0.88 27.49
C ASP D 6 18.98 0.21 27.58
N ALA D 7 19.00 1.17 26.66
CA ALA D 7 17.96 2.20 26.64
C ALA D 7 16.57 1.59 26.56
N LEU D 8 16.47 0.38 25.99
CA LEU D 8 15.18 -0.27 25.81
C LEU D 8 14.53 -0.60 27.14
N SER D 9 15.33 -0.97 28.13
CA SER D 9 14.78 -1.26 29.45
C SER D 9 14.10 -0.05 30.06
N ARG D 10 14.60 1.15 29.74
CA ARG D 10 14.00 2.38 30.27
C ARG D 10 12.54 2.53 29.87
N VAL D 11 12.16 1.99 28.72
CA VAL D 11 10.83 2.22 28.17
C VAL D 11 9.88 1.15 28.68
N LYS D 12 8.62 1.53 28.84
CA LYS D 12 7.58 0.61 29.27
C LYS D 12 6.69 0.22 28.09
N PRO D 13 6.16 -0.99 28.08
CA PRO D 13 5.25 -1.39 26.99
C PRO D 13 3.98 -0.55 27.01
N SER D 14 3.61 -0.02 25.85
CA SER D 14 2.49 0.90 25.77
C SER D 14 1.17 0.20 26.09
N ALA D 15 0.34 0.84 26.90
CA ALA D 15 -0.91 0.23 27.33
C ALA D 15 -2.03 0.42 26.32
N THR D 16 -1.98 1.48 25.49
CA THR D 16 -2.98 1.66 24.46
C THR D 16 -2.91 0.57 23.41
N ILE D 17 -1.72 0.07 23.11
CA ILE D 17 -1.61 -1.11 22.25
C ILE D 17 -2.12 -2.34 22.97
N ALA D 18 -1.78 -2.48 24.26
CA ALA D 18 -2.08 -3.71 24.98
C ALA D 18 -3.59 -3.91 25.15
N VAL D 19 -4.32 -2.82 25.41
CA VAL D 19 -5.77 -2.91 25.53
C VAL D 19 -6.39 -3.32 24.19
N SER D 20 -5.87 -2.78 23.09
CA SER D 20 -6.41 -3.12 21.77
C SER D 20 -6.24 -4.60 21.47
N GLN D 21 -5.12 -5.19 21.87
CA GLN D 21 -4.90 -6.61 21.64
C GLN D 21 -5.87 -7.46 22.46
N LYS D 22 -6.11 -7.07 23.71
CA LYS D 22 -7.05 -7.81 24.55
C LYS D 22 -8.45 -7.80 23.95
N ALA D 23 -8.83 -6.68 23.32
CA ALA D 23 -10.13 -6.60 22.65
C ALA D 23 -10.17 -7.37 21.34
N ARG D 24 -9.04 -7.48 20.64
CA ARG D 24 -9.02 -8.20 19.36
C ARG D 24 -9.31 -9.68 19.55
N GLU D 25 -8.70 -10.29 20.57
CA GLU D 25 -8.91 -11.71 20.84
C GLU D 25 -10.26 -11.98 21.49
N LEU D 26 -10.89 -10.97 22.09
CA LEU D 26 -12.27 -11.11 22.55
C LEU D 26 -13.23 -11.14 21.37
N LYS D 27 -13.03 -10.22 20.42
CA LYS D 27 -13.85 -10.21 19.21
C LYS D 27 -13.64 -11.49 18.41
N ALA D 28 -12.42 -12.02 18.41
CA ALA D 28 -12.14 -13.25 17.68
C ALA D 28 -12.94 -14.43 18.24
N LYS D 29 -13.28 -14.38 19.53
CA LYS D 29 -14.06 -15.44 20.15
C LYS D 29 -15.55 -15.31 19.87
N GLY D 30 -15.96 -14.37 19.01
CA GLY D 30 -17.36 -14.16 18.72
C GLY D 30 -18.10 -13.20 19.63
N ARG D 31 -17.38 -12.46 20.48
CA ARG D 31 -18.01 -11.46 21.32
C ARG D 31 -18.22 -10.18 20.54
N ASP D 32 -19.34 -9.51 20.82
CA ASP D 32 -19.69 -8.27 20.13
C ASP D 32 -19.00 -7.11 20.85
N VAL D 33 -17.90 -6.64 20.28
CA VAL D 33 -17.04 -5.67 20.94
C VAL D 33 -17.26 -4.30 20.32
N ILE D 34 -17.48 -3.31 21.17
CA ILE D 34 -17.51 -1.91 20.75
C ILE D 34 -16.22 -1.26 21.22
N GLY D 35 -15.39 -0.86 20.28
CA GLY D 35 -14.12 -0.23 20.58
C GLY D 35 -14.24 1.28 20.74
N LEU D 36 -13.87 1.78 21.91
CA LEU D 36 -13.89 3.22 22.19
C LEU D 36 -12.49 3.75 22.43
N GLY D 37 -11.48 3.11 21.82
CA GLY D 37 -10.10 3.51 21.94
C GLY D 37 -9.50 4.19 20.73
N ALA D 38 -10.33 4.58 19.76
CA ALA D 38 -9.80 5.19 18.53
C ALA D 38 -9.04 6.49 18.82
N GLY D 39 -7.84 6.60 18.27
CA GLY D 39 -7.15 7.87 18.34
C GLY D 39 -7.34 8.64 17.06
N GLU D 40 -8.40 8.33 16.31
CA GLU D 40 -8.51 8.92 14.98
C GLU D 40 -9.97 9.17 14.66
N PRO D 41 -10.28 10.24 13.92
CA PRO D 41 -11.66 10.47 13.52
C PRO D 41 -12.18 9.34 12.64
N ASP D 42 -13.48 9.05 12.78
CA ASP D 42 -14.10 7.99 12.00
C ASP D 42 -14.37 8.41 10.56
N PHE D 43 -14.40 9.71 10.29
CA PHE D 43 -14.67 10.19 8.94
C PHE D 43 -13.49 9.91 8.01
N ASP D 44 -13.78 9.83 6.72
CA ASP D 44 -12.75 9.65 5.71
C ASP D 44 -12.08 10.98 5.38
N THR D 45 -10.93 10.91 4.73
CA THR D 45 -10.25 12.13 4.28
C THR D 45 -11.16 12.88 3.31
N PRO D 46 -11.27 14.21 3.45
CA PRO D 46 -12.10 14.98 2.51
C PRO D 46 -11.67 14.80 1.06
N ASP D 47 -12.65 14.97 0.19
CA ASP D 47 -12.46 14.64 -1.22
C ASP D 47 -11.49 15.58 -1.91
N ASN D 48 -11.48 16.86 -1.54
CA ASN D 48 -10.55 17.79 -2.16
C ASN D 48 -9.11 17.37 -1.89
N ILE D 49 -8.86 16.82 -0.71
CA ILE D 49 -7.52 16.36 -0.37
C ILE D 49 -7.19 15.09 -1.12
N LYS D 50 -8.16 14.17 -1.22
CA LYS D 50 -7.97 12.96 -2.02
C LYS D 50 -7.64 13.31 -3.46
N LYS D 51 -8.43 14.20 -4.07
CA LYS D 51 -8.16 14.60 -5.45
C LYS D 51 -6.75 15.17 -5.60
N ALA D 52 -6.30 16.00 -4.64
CA ALA D 52 -4.96 16.56 -4.76
C ALA D 52 -3.89 15.47 -4.63
N ALA D 53 -4.12 14.45 -3.80
CA ALA D 53 -3.19 13.33 -3.70
C ALA D 53 -3.16 12.53 -4.99
N ILE D 54 -4.34 12.24 -5.54
CA ILE D 54 -4.42 11.50 -6.80
C ILE D 54 -3.73 12.27 -7.92
N ASP D 55 -3.86 13.59 -7.92
CA ASP D 55 -3.23 14.38 -8.99
C ASP D 55 -1.71 14.34 -8.87
N ALA D 56 -1.19 14.39 -7.65
CA ALA D 56 0.26 14.26 -7.45
C ALA D 56 0.75 12.90 -7.92
N ILE D 57 -0.02 11.85 -7.67
CA ILE D 57 0.31 10.54 -8.22
C ILE D 57 0.32 10.60 -9.74
N ASP D 58 -0.70 11.23 -10.32
CA ASP D 58 -0.83 11.30 -11.78
C ASP D 58 0.35 12.03 -12.42
N ARG D 59 0.80 13.13 -11.82
CA ARG D 59 1.87 13.90 -12.45
C ARG D 59 3.25 13.48 -12.00
N GLY D 60 3.37 12.43 -11.19
CA GLY D 60 4.67 11.86 -10.86
C GLY D 60 5.45 12.55 -9.77
N GLU D 61 4.77 13.00 -8.71
CA GLU D 61 5.48 13.53 -7.53
C GLU D 61 5.91 12.37 -6.64
N THR D 62 6.78 11.54 -7.21
CA THR D 62 7.15 10.25 -6.61
C THR D 62 8.62 10.18 -6.24
N LYS D 63 9.32 11.31 -6.22
CA LYS D 63 10.75 11.37 -5.97
C LYS D 63 11.04 11.83 -4.55
N TYR D 64 12.29 11.64 -4.13
CA TYR D 64 12.75 12.16 -2.86
C TYR D 64 12.44 13.64 -2.75
N THR D 65 11.93 14.04 -1.59
CA THR D 65 11.72 15.45 -1.27
C THR D 65 12.89 15.96 -0.44
N PRO D 66 13.01 17.29 -0.28
CA PRO D 66 13.94 17.79 0.74
C PRO D 66 13.55 17.20 2.08
N VAL D 67 14.56 16.98 2.94
CA VAL D 67 14.30 16.28 4.20
C VAL D 67 13.22 17.00 5.02
N SER D 68 13.30 18.33 5.10
CA SER D 68 12.33 19.05 5.94
C SER D 68 10.99 19.27 5.26
N GLY D 69 10.82 18.85 4.01
CA GLY D 69 9.53 18.93 3.34
C GLY D 69 9.63 19.65 2.00
N ILE D 70 8.67 19.35 1.13
CA ILE D 70 8.61 20.05 -0.16
C ILE D 70 8.40 21.53 0.13
N PRO D 71 8.98 22.42 -0.67
CA PRO D 71 8.82 23.86 -0.39
C PRO D 71 7.37 24.32 -0.37
N GLU D 72 6.50 23.69 -1.16
CA GLU D 72 5.10 24.11 -1.21
C GLU D 72 4.41 23.87 0.13
N LEU D 73 4.78 22.82 0.84
CA LEU D 73 4.12 22.52 2.10
C LEU D 73 4.72 23.35 3.23
N ARG D 74 6.03 23.57 3.19
CA ARG D 74 6.66 24.43 4.19
C ARG D 74 6.10 25.85 4.10
N GLU D 75 5.86 26.33 2.89
CA GLU D 75 5.24 27.64 2.70
C GLU D 75 3.79 27.65 3.20
N ALA D 76 3.03 26.60 2.88
CA ALA D 76 1.64 26.52 3.33
C ALA D 76 1.54 26.46 4.85
N ILE D 77 2.49 25.78 5.48
CA ILE D 77 2.55 25.76 6.94
C ILE D 77 2.85 27.15 7.49
N ALA D 78 3.81 27.86 6.88
CA ALA D 78 4.11 29.20 7.38
C ALA D 78 2.90 30.10 7.24
N LYS D 79 2.17 29.97 6.13
CA LYS D 79 0.96 30.76 5.94
C LYS D 79 -0.12 30.36 6.94
N LYS D 80 -0.24 29.07 7.24
CA LYS D 80 -1.22 28.61 8.21
C LYS D 80 -0.94 29.21 9.59
N PHE D 81 0.32 29.20 10.01
CA PHE D 81 0.65 29.74 11.32
C PHE D 81 0.32 31.22 11.40
N LYS D 82 0.54 31.96 10.30
CA LYS D 82 0.17 33.37 10.28
C LYS D 82 -1.35 33.55 10.22
N ARG D 83 -2.00 32.87 9.28
CA ARG D 83 -3.43 33.07 9.06
C ARG D 83 -4.27 32.61 10.24
N GLU D 84 -3.94 31.45 10.80
CA GLU D 84 -4.77 30.86 11.84
C GLU D 84 -4.30 31.19 13.24
N ASN D 85 -3.00 31.31 13.46
CA ASN D 85 -2.45 31.49 14.80
C ASN D 85 -1.79 32.85 15.01
N ASN D 86 -1.75 33.69 13.97
CA ASN D 86 -1.10 34.99 13.98
C ASN D 86 0.34 34.91 14.47
N LEU D 87 1.05 33.89 14.02
CA LEU D 87 2.48 33.72 14.27
C LEU D 87 3.26 33.95 12.98
N ASP D 88 4.47 34.52 13.11
CA ASP D 88 5.34 34.89 11.98
C ASP D 88 6.54 33.96 11.91
N TYR D 89 6.48 32.99 11.00
CA TYR D 89 7.58 32.07 10.76
C TYR D 89 7.95 32.12 9.29
N THR D 90 9.25 32.03 8.99
CA THR D 90 9.64 31.77 7.60
C THR D 90 9.53 30.28 7.33
N ALA D 91 9.47 29.95 6.05
CA ALA D 91 9.46 28.54 5.64
C ALA D 91 10.64 27.77 6.20
N ALA D 92 11.81 28.42 6.31
CA ALA D 92 13.00 27.74 6.81
C ALA D 92 12.81 27.28 8.25
N GLN D 93 11.91 27.94 9.00
CA GLN D 93 11.64 27.56 10.37
C GLN D 93 10.64 26.43 10.49
N THR D 94 10.09 25.91 9.38
CA THR D 94 9.15 24.81 9.40
C THR D 94 9.83 23.51 9.03
N ILE D 95 9.25 22.41 9.52
CA ILE D 95 9.71 21.06 9.23
C ILE D 95 8.49 20.14 9.12
N VAL D 96 8.53 19.25 8.14
CA VAL D 96 7.49 18.25 7.87
C VAL D 96 8.01 16.88 8.29
N GLY D 97 7.22 16.15 9.07
CA GLY D 97 7.61 14.85 9.56
C GLY D 97 6.57 13.80 9.23
N THR D 98 6.96 12.54 9.44
CA THR D 98 6.06 11.40 9.23
C THR D 98 5.23 11.29 10.49
N GLY D 99 4.18 12.11 10.53
CA GLY D 99 3.32 12.23 11.68
C GLY D 99 3.86 13.20 12.71
N GLY D 100 2.95 13.70 13.55
CA GLY D 100 3.38 14.49 14.69
C GLY D 100 4.31 13.71 15.59
N LYS D 101 4.12 12.40 15.66
CA LYS D 101 5.01 11.57 16.47
C LYS D 101 6.47 11.78 16.08
N GLN D 102 6.77 11.87 14.78
CA GLN D 102 8.17 12.03 14.41
C GLN D 102 8.69 13.41 14.78
N ILE D 103 7.84 14.44 14.73
CA ILE D 103 8.23 15.78 15.17
C ILE D 103 8.64 15.73 16.63
N LEU D 104 7.77 15.15 17.48
CA LEU D 104 8.10 15.02 18.89
C LEU D 104 9.38 14.21 19.08
N PHE D 105 9.46 13.02 18.46
CA PHE D 105 10.56 12.12 18.75
C PHE D 105 11.89 12.77 18.43
N ASN D 106 11.94 13.53 17.34
CA ASN D 106 13.19 14.17 16.96
C ASN D 106 13.45 15.47 17.69
N ALA D 107 12.42 16.19 18.11
CA ALA D 107 12.66 17.33 19.00
C ALA D 107 13.38 16.87 20.26
N PHE D 108 12.99 15.71 20.81
CA PHE D 108 13.64 15.17 21.99
C PHE D 108 15.00 14.56 21.66
N MET D 109 15.10 13.80 20.57
CA MET D 109 16.38 13.19 20.26
C MET D 109 17.44 14.25 19.95
N ALA D 110 17.02 15.39 19.42
CA ALA D 110 17.95 16.47 19.11
C ALA D 110 18.40 17.27 20.33
N THR D 111 17.70 17.16 21.46
CA THR D 111 17.97 18.06 22.58
C THR D 111 18.30 17.34 23.90
N LEU D 112 17.82 16.13 24.10
CA LEU D 112 17.90 15.50 25.41
C LEU D 112 19.27 14.92 25.68
N ASN D 113 19.88 15.35 26.78
CA ASN D 113 21.04 14.80 27.45
C ASN D 113 20.61 14.07 28.70
N PRO D 114 21.35 13.05 29.14
CA PRO D 114 20.98 12.37 30.39
C PRO D 114 20.88 13.35 31.54
N GLY D 115 19.73 13.33 32.21
CA GLY D 115 19.44 14.24 33.29
C GLY D 115 18.54 15.41 32.92
N ASP D 116 18.39 15.70 31.64
CA ASP D 116 17.44 16.72 31.21
C ASP D 116 16.03 16.29 31.58
N GLU D 117 15.27 17.20 32.16
CA GLU D 117 13.93 16.90 32.63
C GLU D 117 12.90 17.52 31.69
N VAL D 118 11.80 16.79 31.47
CA VAL D 118 10.71 17.21 30.63
C VAL D 118 9.46 17.19 31.49
N VAL D 119 8.86 18.36 31.72
CA VAL D 119 7.66 18.47 32.54
C VAL D 119 6.46 18.03 31.69
N ILE D 120 5.73 17.04 32.17
CA ILE D 120 4.62 16.47 31.41
C ILE D 120 3.37 16.47 32.28
N PRO D 121 2.38 17.30 31.96
CA PRO D 121 1.13 17.31 32.74
C PRO D 121 0.39 15.99 32.62
N ALA D 122 -0.11 15.51 33.75
CA ALA D 122 -0.93 14.30 33.73
C ALA D 122 -2.41 14.69 33.82
N PRO D 123 -3.30 14.00 33.10
CA PRO D 123 -3.06 12.85 32.23
C PRO D 123 -2.35 13.25 30.93
N TYR D 124 -1.47 12.37 30.44
CA TYR D 124 -0.67 12.67 29.26
C TYR D 124 -0.91 11.63 28.19
N TRP D 125 -0.73 12.05 26.94
CA TRP D 125 -0.61 11.11 25.86
C TRP D 125 0.56 10.17 26.15
N VAL D 126 0.29 8.86 26.10
CA VAL D 126 1.19 7.82 26.58
C VAL D 126 2.57 7.95 25.96
N SER D 127 2.65 8.54 24.77
CA SER D 127 3.91 8.55 24.03
C SER D 127 4.94 9.49 24.65
N TYR D 128 4.50 10.63 25.24
CA TYR D 128 5.42 11.65 25.71
C TYR D 128 6.49 11.06 26.63
N PRO D 129 6.13 10.39 27.75
CA PRO D 129 7.19 9.82 28.60
C PRO D 129 7.97 8.72 27.91
N GLU D 130 7.35 7.98 26.99
CA GLU D 130 8.05 6.88 26.32
C GLU D 130 9.15 7.41 25.41
N MET D 131 8.84 8.44 24.61
CA MET D 131 9.85 9.09 23.78
C MET D 131 10.97 9.67 24.61
N VAL D 132 10.61 10.33 25.71
CA VAL D 132 11.61 10.96 26.57
C VAL D 132 12.54 9.90 27.15
N ALA D 133 11.98 8.80 27.66
CA ALA D 133 12.79 7.74 28.25
C ALA D 133 13.65 7.06 27.20
N LEU D 134 13.13 6.90 25.97
CA LEU D 134 13.92 6.28 24.92
C LEU D 134 15.09 7.17 24.51
N CYS D 135 14.88 8.49 24.52
CA CYS D 135 15.95 9.40 24.17
C CYS D 135 16.89 9.69 25.33
N GLY D 136 16.57 9.21 26.53
CA GLY D 136 17.47 9.32 27.67
C GLY D 136 17.13 10.42 28.66
N GLY D 137 16.00 11.11 28.48
CA GLY D 137 15.60 12.17 29.38
C GLY D 137 14.87 11.64 30.59
N THR D 138 14.47 12.57 31.44
CA THR D 138 13.75 12.22 32.66
C THR D 138 12.37 12.86 32.64
N PRO D 139 11.30 12.08 32.47
CA PRO D 139 9.95 12.65 32.57
C PRO D 139 9.70 13.14 33.98
N VAL D 140 9.08 14.31 34.08
CA VAL D 140 8.67 14.89 35.36
C VAL D 140 7.17 15.15 35.25
N PHE D 141 6.39 14.32 35.93
CA PHE D 141 4.93 14.38 35.84
C PHE D 141 4.38 15.39 36.84
N VAL D 142 3.43 16.20 36.38
CA VAL D 142 2.76 17.14 37.28
C VAL D 142 1.27 16.84 37.24
N PRO D 143 0.71 16.33 38.34
CA PRO D 143 -0.70 15.93 38.32
C PRO D 143 -1.63 17.12 38.21
N THR D 144 -2.69 16.94 37.44
CA THR D 144 -3.81 17.87 37.45
C THR D 144 -5.00 17.18 38.12
N ARG D 145 -6.02 17.97 38.46
CA ARG D 145 -7.17 17.48 39.20
C ARG D 145 -8.42 17.56 38.33
N GLN D 146 -9.28 16.55 38.43
CA GLN D 146 -10.55 16.58 37.71
C GLN D 146 -11.38 17.81 38.08
N GLU D 147 -11.26 18.29 39.33
CA GLU D 147 -11.99 19.48 39.76
C GLU D 147 -11.69 20.70 38.88
N ASN D 148 -10.48 20.79 38.34
CA ASN D 148 -10.08 21.86 37.44
C ASN D 148 -10.19 21.45 35.98
N ASN D 149 -10.92 20.38 35.69
CA ASN D 149 -11.01 19.81 34.35
C ASN D 149 -9.62 19.54 33.78
N PHE D 150 -8.73 19.04 34.63
CA PHE D 150 -7.42 18.53 34.23
C PHE D 150 -6.55 19.64 33.66
N LYS D 151 -6.67 20.84 34.19
CA LYS D 151 -5.87 21.96 33.72
C LYS D 151 -4.85 22.34 34.77
N LEU D 152 -3.61 22.48 34.32
CA LEU D 152 -2.51 22.82 35.21
C LEU D 152 -2.70 24.21 35.80
N LYS D 153 -2.53 24.32 37.12
CA LYS D 153 -2.52 25.63 37.77
C LYS D 153 -1.10 26.20 37.77
N ALA D 154 -1.00 27.52 37.68
CA ALA D 154 0.29 28.19 37.57
C ALA D 154 1.23 27.77 38.69
N GLU D 155 0.70 27.66 39.91
CA GLU D 155 1.52 27.27 41.05
C GLU D 155 2.10 25.86 40.87
N ASP D 156 1.32 24.95 40.27
CA ASP D 156 1.79 23.58 40.07
C ASP D 156 2.92 23.52 39.05
N LEU D 157 2.77 24.26 37.94
CA LEU D 157 3.83 24.30 36.94
C LEU D 157 5.12 24.85 37.54
N ASP D 158 5.00 25.94 38.31
CA ASP D 158 6.18 26.58 38.89
C ASP D 158 6.90 25.64 39.85
N ARG D 159 6.15 24.87 40.64
CA ARG D 159 6.79 23.94 41.57
C ARG D 159 7.46 22.78 40.84
N ALA D 160 6.97 22.42 39.65
CA ALA D 160 7.54 21.29 38.92
C ALA D 160 8.80 21.68 38.18
N ILE D 161 8.91 22.93 37.75
CA ILE D 161 10.09 23.39 37.02
C ILE D 161 11.28 23.41 37.96
N THR D 162 12.40 22.89 37.49
CA THR D 162 13.70 22.99 38.15
C THR D 162 14.68 23.57 37.16
N PRO D 163 15.86 23.98 37.61
CA PRO D 163 16.87 24.43 36.63
C PRO D 163 17.29 23.35 35.65
N LYS D 164 17.02 22.08 35.96
CA LYS D 164 17.30 20.98 35.04
C LYS D 164 16.18 20.74 34.03
N THR D 165 15.04 21.41 34.17
CA THR D 165 13.98 21.29 33.18
C THR D 165 14.43 21.93 31.87
N LYS D 166 14.42 21.15 30.80
CA LYS D 166 14.69 21.66 29.46
C LYS D 166 13.43 21.87 28.63
N TRP D 167 12.37 21.13 28.92
CA TRP D 167 11.17 21.13 28.09
C TRP D 167 9.93 21.10 28.97
N PHE D 168 8.93 21.87 28.58
CA PHE D 168 7.58 21.74 29.11
C PHE D 168 6.64 21.36 27.97
N VAL D 169 5.97 20.22 28.12
CA VAL D 169 5.09 19.70 27.07
C VAL D 169 3.68 20.23 27.30
N PHE D 170 3.15 20.97 26.33
CA PHE D 170 1.84 21.59 26.48
C PHE D 170 0.92 21.09 25.37
N ASN D 171 -0.07 20.29 25.74
CA ASN D 171 -0.95 19.63 24.80
C ASN D 171 -2.37 20.15 25.07
N SER D 172 -2.83 21.07 24.22
CA SER D 172 -4.14 21.68 24.39
C SER D 172 -4.78 21.94 23.03
N PRO D 173 -5.94 21.35 22.72
CA PRO D 173 -6.74 20.40 23.51
C PRO D 173 -5.99 19.10 23.77
N SER D 174 -6.30 18.46 24.90
CA SER D 174 -5.51 17.34 25.39
C SER D 174 -6.05 15.98 24.95
N ASN D 175 -5.14 15.10 24.54
CA ASN D 175 -5.34 13.66 24.60
C ASN D 175 -4.70 13.19 25.89
N PRO D 176 -5.40 12.57 26.83
CA PRO D 176 -6.73 11.95 26.84
C PRO D 176 -7.89 12.74 27.46
N SER D 177 -7.67 13.93 28.02
CA SER D 177 -8.70 14.56 28.84
C SER D 177 -9.69 15.42 28.06
N GLY D 178 -9.34 15.87 26.85
CA GLY D 178 -10.19 16.83 26.17
C GLY D 178 -10.15 18.22 26.75
N ALA D 179 -9.30 18.47 27.74
CA ALA D 179 -9.14 19.81 28.30
C ALA D 179 -8.51 20.73 27.29
N ALA D 180 -9.01 21.97 27.22
CA ALA D 180 -8.41 22.99 26.36
C ALA D 180 -8.32 24.28 27.16
N TYR D 181 -7.12 24.85 27.21
CA TYR D 181 -6.85 26.02 28.02
C TYR D 181 -7.37 27.28 27.35
N SER D 182 -8.14 28.08 28.09
CA SER D 182 -8.52 29.38 27.59
C SER D 182 -7.31 30.32 27.53
N HIS D 183 -7.50 31.45 26.86
CA HIS D 183 -6.46 32.48 26.80
C HIS D 183 -5.95 32.83 28.20
N GLU D 184 -6.87 33.04 29.16
CA GLU D 184 -6.48 33.41 30.51
C GLU D 184 -5.82 32.26 31.25
N GLU D 185 -6.36 31.04 31.12
CA GLU D 185 -5.72 29.88 31.72
C GLU D 185 -4.32 29.66 31.15
N LEU D 186 -4.16 29.84 29.84
CA LEU D 186 -2.85 29.73 29.24
C LEU D 186 -1.92 30.85 29.71
N LYS D 187 -2.43 32.09 29.78
CA LYS D 187 -1.58 33.21 30.19
C LYS D 187 -1.04 33.02 31.60
N ALA D 188 -1.81 32.39 32.49
CA ALA D 188 -1.28 32.07 33.81
C ALA D 188 -0.07 31.14 33.70
N LEU D 189 -0.07 30.24 32.73
CA LEU D 189 1.06 29.34 32.53
C LEU D 189 2.24 30.05 31.88
N THR D 190 1.99 30.86 30.85
CA THR D 190 3.08 31.56 30.19
C THR D 190 3.73 32.60 31.11
N ASP D 191 3.00 33.10 32.12
CA ASP D 191 3.62 34.00 33.08
C ASP D 191 4.67 33.27 33.91
N VAL D 192 4.39 32.02 34.29
CA VAL D 192 5.38 31.22 35.00
C VAL D 192 6.57 30.92 34.10
N LEU D 193 6.30 30.61 32.84
CA LEU D 193 7.38 30.26 31.91
C LEU D 193 8.29 31.46 31.65
N MET D 194 7.75 32.67 31.67
CA MET D 194 8.59 33.85 31.50
C MET D 194 9.51 34.07 32.70
N LYS D 195 9.21 33.47 33.85
CA LYS D 195 10.10 33.52 35.00
C LYS D 195 11.19 32.45 34.94
N HIS D 196 11.14 31.54 33.96
CA HIS D 196 12.10 30.46 33.82
C HIS D 196 12.60 30.45 32.37
N PRO D 197 13.54 31.34 32.03
CA PRO D 197 13.92 31.49 30.62
C PRO D 197 14.59 30.27 30.01
N HIS D 198 15.02 29.30 30.81
CA HIS D 198 15.71 28.12 30.28
C HIS D 198 14.75 27.08 29.72
N VAL D 199 13.48 27.13 30.11
CA VAL D 199 12.54 26.07 29.81
C VAL D 199 11.95 26.32 28.42
N TRP D 200 12.17 25.37 27.51
CA TRP D 200 11.54 25.42 26.21
C TRP D 200 10.13 24.82 26.29
N VAL D 201 9.27 25.29 25.39
CA VAL D 201 7.88 24.87 25.34
C VAL D 201 7.67 24.06 24.07
N LEU D 202 7.20 22.82 24.22
CA LEU D 202 6.79 21.99 23.09
C LEU D 202 5.27 21.94 23.14
N THR D 203 4.62 22.70 22.27
CA THR D 203 3.17 22.80 22.30
C THR D 203 2.60 21.93 21.18
N ASP D 204 1.72 21.01 21.57
CA ASP D 204 1.17 20.00 20.68
C ASP D 204 -0.24 20.46 20.36
N ASP D 205 -0.38 21.18 19.24
CA ASP D 205 -1.64 21.81 18.84
C ASP D 205 -2.47 20.93 17.92
N MET D 206 -2.18 19.61 17.90
CA MET D 206 -2.82 18.67 16.98
C MET D 206 -4.34 18.77 16.96
N TYR D 207 -4.96 19.03 18.11
CA TYR D 207 -6.42 19.06 18.19
C TYR D 207 -6.98 20.47 18.09
N GLU D 208 -6.19 21.41 17.56
CA GLU D 208 -6.58 22.83 17.48
C GLU D 208 -7.96 23.04 16.88
N HIS D 209 -8.30 22.32 15.81
CA HIS D 209 -9.55 22.57 15.10
C HIS D 209 -10.71 21.71 15.60
N LEU D 210 -10.54 21.03 16.72
CA LEU D 210 -11.63 20.28 17.34
C LEU D 210 -11.90 20.90 18.71
N THR D 211 -12.56 22.07 18.72
CA THR D 211 -12.98 22.72 19.94
C THR D 211 -14.49 22.98 19.84
N TYR D 212 -15.13 23.09 21.01
CA TYR D 212 -16.58 23.16 21.08
C TYR D 212 -17.06 24.50 21.64
N GLY D 213 -18.34 24.77 21.40
CA GLY D 213 -18.95 25.98 21.94
C GLY D 213 -18.29 27.22 21.35
N ASP D 214 -18.16 28.25 22.18
CA ASP D 214 -17.50 29.48 21.76
CA ASP D 214 -17.50 29.48 21.76
C ASP D 214 -16.04 29.53 22.17
N PHE D 215 -15.46 28.38 22.52
CA PHE D 215 -14.04 28.33 22.85
C PHE D 215 -13.22 28.84 21.67
N ARG D 216 -12.19 29.61 21.97
CA ARG D 216 -11.27 30.15 20.96
C ARG D 216 -9.87 29.62 21.26
N PHE D 217 -9.34 28.82 20.35
CA PHE D 217 -8.01 28.27 20.53
C PHE D 217 -6.96 29.37 20.53
N ALA D 218 -6.03 29.28 21.46
CA ALA D 218 -4.84 30.12 21.44
C ALA D 218 -3.61 29.25 21.68
N THR D 219 -2.52 29.58 20.99
CA THR D 219 -1.30 28.82 21.16
C THR D 219 -0.32 29.62 22.01
N PRO D 220 0.59 28.96 22.73
CA PRO D 220 1.44 29.68 23.71
C PRO D 220 2.16 30.91 23.19
N VAL D 221 2.74 30.87 21.98
CA VAL D 221 3.50 32.02 21.52
C VAL D 221 2.56 33.17 21.17
N GLU D 222 1.34 32.85 20.75
CA GLU D 222 0.35 33.89 20.47
C GLU D 222 -0.05 34.60 21.75
N VAL D 223 -0.22 33.85 22.85
CA VAL D 223 -0.55 34.45 24.13
C VAL D 223 0.65 35.22 24.70
N GLU D 224 1.87 34.70 24.49
CA GLU D 224 3.07 35.29 25.08
C GLU D 224 4.17 35.31 24.03
N PRO D 225 4.27 36.41 23.26
CA PRO D 225 5.33 36.50 22.25
C PRO D 225 6.74 36.35 22.82
N GLY D 226 6.93 36.56 24.13
CA GLY D 226 8.23 36.38 24.75
C GLY D 226 8.76 34.95 24.70
N LEU D 227 7.92 33.98 24.33
CA LEU D 227 8.30 32.58 24.25
C LEU D 227 8.76 32.17 22.85
N TYR D 228 8.72 33.11 21.89
CA TYR D 228 8.96 32.76 20.50
C TYR D 228 10.28 32.04 20.29
N GLU D 229 11.35 32.49 20.94
CA GLU D 229 12.67 31.93 20.70
CA GLU D 229 12.67 31.93 20.70
C GLU D 229 12.93 30.65 21.47
N ARG D 230 11.91 30.08 22.13
CA ARG D 230 12.12 28.84 22.85
C ARG D 230 10.87 27.96 22.82
N THR D 231 10.07 28.08 21.78
CA THR D 231 8.89 27.25 21.60
C THR D 231 8.94 26.52 20.26
N LEU D 232 8.73 25.21 20.29
CA LEU D 232 8.46 24.44 19.08
C LEU D 232 6.95 24.31 18.98
N THR D 233 6.37 24.95 17.97
CA THR D 233 4.92 24.95 17.74
C THR D 233 4.60 23.79 16.82
N MET D 234 4.04 22.72 17.38
CA MET D 234 3.83 21.48 16.65
C MET D 234 2.36 21.34 16.31
N ASN D 235 2.08 20.79 15.14
CA ASN D 235 0.71 20.57 14.71
C ASN D 235 0.69 19.45 13.67
N GLY D 236 -0.42 19.31 12.96
CA GLY D 236 -0.51 18.22 11.99
C GLY D 236 -1.87 18.22 11.34
N VAL D 237 -1.98 17.39 10.29
CA VAL D 237 -3.24 17.22 9.58
C VAL D 237 -4.02 15.98 10.02
N SER D 238 -3.43 15.13 10.86
CA SER D 238 -4.05 13.85 11.21
C SER D 238 -5.47 14.02 11.74
N LYS D 239 -5.66 14.90 12.72
CA LYS D 239 -6.96 14.97 13.37
C LYS D 239 -7.91 15.92 12.67
N ALA D 240 -7.44 17.12 12.33
CA ALA D 240 -8.31 18.12 11.72
C ALA D 240 -8.88 17.64 10.40
N TYR D 241 -8.08 16.92 9.61
CA TYR D 241 -8.47 16.56 8.25
C TYR D 241 -8.67 15.06 8.08
N ALA D 242 -8.76 14.31 9.18
CA ALA D 242 -8.95 12.86 9.15
C ALA D 242 -7.92 12.22 8.22
N MET D 243 -6.65 12.50 8.50
CA MET D 243 -5.54 12.05 7.66
C MET D 243 -4.54 11.20 8.43
N THR D 244 -4.98 10.51 9.50
CA THR D 244 -4.02 9.82 10.37
C THR D 244 -3.17 8.82 9.59
N GLY D 245 -3.77 8.08 8.65
CA GLY D 245 -3.01 7.10 7.89
C GLY D 245 -1.95 7.68 6.97
N TRP D 246 -2.07 8.96 6.62
CA TRP D 246 -1.10 9.57 5.69
C TRP D 246 0.23 9.90 6.35
N ARG D 247 0.26 10.10 7.67
CA ARG D 247 1.45 10.39 8.46
C ARG D 247 2.12 11.69 8.01
N ILE D 248 1.42 12.79 8.24
CA ILE D 248 2.00 14.13 8.01
C ILE D 248 1.81 14.96 9.27
N GLY D 249 2.92 15.33 9.92
CA GLY D 249 2.89 16.27 11.02
C GLY D 249 3.85 17.39 10.71
N TYR D 250 3.78 18.51 11.42
CA TYR D 250 4.72 19.58 11.12
C TYR D 250 4.94 20.44 12.35
N ALA D 251 5.92 21.32 12.25
CA ALA D 251 6.18 22.25 13.33
C ALA D 251 6.94 23.45 12.79
N ALA D 252 6.99 24.48 13.62
CA ALA D 252 7.81 25.66 13.36
C ALA D 252 8.44 26.11 14.66
N GLY D 253 9.66 26.61 14.58
CA GLY D 253 10.36 27.03 15.75
C GLY D 253 11.68 27.69 15.44
N PRO D 254 12.53 27.83 16.44
CA PRO D 254 13.83 28.47 16.23
C PRO D 254 14.69 27.71 15.24
N LEU D 255 15.30 28.45 14.33
CA LEU D 255 15.99 27.85 13.18
C LEU D 255 17.03 26.83 13.62
N HIS D 256 17.77 27.11 14.70
CA HIS D 256 18.83 26.18 15.08
C HIS D 256 18.28 24.85 15.57
N LEU D 257 17.09 24.85 16.20
CA LEU D 257 16.45 23.58 16.54
C LEU D 257 15.92 22.88 15.30
N ILE D 258 15.33 23.63 14.37
CA ILE D 258 14.78 23.03 13.17
C ILE D 258 15.89 22.32 12.38
N LYS D 259 17.08 22.93 12.33
CA LYS D 259 18.15 22.32 11.54
C LYS D 259 18.72 21.09 12.24
N ALA D 260 18.74 21.07 13.58
CA ALA D 260 19.15 19.87 14.29
C ALA D 260 18.17 18.72 14.07
N MET D 261 16.88 19.02 14.11
CA MET D 261 15.86 18.01 13.86
C MET D 261 15.94 17.49 12.44
N ASP D 262 16.23 18.38 11.49
CA ASP D 262 16.40 17.96 10.10
C ASP D 262 17.55 16.98 9.97
N MET D 263 18.65 17.21 10.70
CA MET D 263 19.79 16.30 10.61
C MET D 263 19.38 14.89 11.03
N ILE D 264 18.69 14.78 12.17
CA ILE D 264 18.28 13.47 12.65
C ILE D 264 17.31 12.82 11.65
N GLN D 265 16.28 13.57 11.27
CA GLN D 265 15.29 13.05 10.34
C GLN D 265 15.92 12.60 9.03
N GLY D 266 16.96 13.31 8.57
CA GLY D 266 17.65 12.91 7.35
C GLY D 266 18.27 11.53 7.44
N GLN D 267 18.67 11.11 8.63
CA GLN D 267 19.24 9.78 8.83
C GLN D 267 18.20 8.75 9.27
N GLN D 268 16.99 9.17 9.53
CA GLN D 268 15.93 8.31 10.07
C GLN D 268 14.94 7.86 9.01
N THR D 269 14.51 8.77 8.14
CA THR D 269 13.45 8.49 7.19
C THR D 269 13.63 9.23 5.88
N SER D 270 14.58 10.17 5.85
CA SER D 270 14.60 11.21 4.83
CA SER D 270 14.60 11.21 4.83
C SER D 270 13.23 11.90 4.83
N GLY D 271 12.83 12.49 3.71
CA GLY D 271 11.57 13.22 3.69
C GLY D 271 10.36 12.32 3.86
N ALA D 272 9.25 12.91 4.32
CA ALA D 272 7.99 12.19 4.39
C ALA D 272 7.44 11.91 3.00
N ALA D 273 6.60 10.88 2.89
CA ALA D 273 6.01 10.43 1.63
C ALA D 273 5.58 11.61 0.78
N SER D 274 6.13 11.70 -0.43
CA SER D 274 5.88 12.87 -1.27
C SER D 274 4.40 13.07 -1.57
N ILE D 275 3.69 11.97 -1.84
CA ILE D 275 2.26 12.06 -2.15
C ILE D 275 1.48 12.60 -0.97
N ALA D 276 1.83 12.16 0.23
CA ALA D 276 1.17 12.67 1.43
C ALA D 276 1.44 14.15 1.62
N GLN D 277 2.65 14.61 1.30
CA GLN D 277 2.95 16.03 1.48
C GLN D 277 2.09 16.90 0.58
N TRP D 278 1.89 16.47 -0.66
CA TRP D 278 1.02 17.19 -1.58
C TRP D 278 -0.43 17.16 -1.09
N ALA D 279 -0.86 16.06 -0.51
CA ALA D 279 -2.19 16.04 0.08
C ALA D 279 -2.29 17.08 1.20
N ALA D 280 -1.26 17.18 2.04
CA ALA D 280 -1.32 18.12 3.15
C ALA D 280 -1.31 19.56 2.67
N VAL D 281 -0.63 19.83 1.55
CA VAL D 281 -0.69 21.16 0.94
C VAL D 281 -2.14 21.55 0.69
N GLU D 282 -2.92 20.64 0.09
CA GLU D 282 -4.32 20.95 -0.20
C GLU D 282 -5.15 21.04 1.08
N ALA D 283 -4.86 20.20 2.07
CA ALA D 283 -5.56 20.30 3.35
C ALA D 283 -5.44 21.72 3.91
N LEU D 284 -4.21 22.24 3.97
CA LEU D 284 -3.98 23.54 4.58
C LEU D 284 -4.48 24.69 3.71
N ASN D 285 -4.27 24.60 2.40
CA ASN D 285 -4.55 25.71 1.50
C ASN D 285 -5.97 25.73 0.97
N GLY D 286 -6.68 24.60 1.00
CA GLY D 286 -7.98 24.51 0.39
C GLY D 286 -9.11 24.94 1.31
N PRO D 287 -10.34 24.68 0.90
CA PRO D 287 -11.49 25.08 1.73
C PRO D 287 -11.51 24.35 3.07
N GLN D 288 -12.03 25.03 4.09
CA GLN D 288 -11.97 24.54 5.46
C GLN D 288 -13.34 24.11 5.99
N ASP D 289 -14.31 23.84 5.11
CA ASP D 289 -15.67 23.50 5.54
C ASP D 289 -15.69 22.25 6.41
N PHE D 290 -14.84 21.27 6.12
CA PHE D 290 -14.74 20.04 6.93
C PHE D 290 -14.68 20.35 8.42
N ILE D 291 -13.87 21.35 8.80
CA ILE D 291 -13.63 21.66 10.20
C ILE D 291 -14.93 22.05 10.90
N GLY D 292 -15.66 23.00 10.32
CA GLY D 292 -16.89 23.47 10.94
C GLY D 292 -17.99 22.42 10.92
N ARG D 293 -18.07 21.62 9.87
CA ARG D 293 -19.04 20.54 9.84
C ARG D 293 -18.78 19.56 10.97
N ASN D 294 -17.52 19.19 11.19
CA ASN D 294 -17.20 18.20 12.22
C ASN D 294 -17.39 18.76 13.61
N LYS D 295 -17.22 20.08 13.78
CA LYS D 295 -17.46 20.71 15.07
C LYS D 295 -18.86 20.41 15.57
N GLU D 296 -19.86 20.57 14.71
CA GLU D 296 -21.25 20.33 15.13
C GLU D 296 -21.49 18.85 15.40
N ILE D 297 -20.98 17.97 14.54
CA ILE D 297 -21.15 16.53 14.72
C ILE D 297 -20.50 16.08 16.03
N PHE D 298 -19.23 16.44 16.22
CA PHE D 298 -18.52 15.98 17.42
C PHE D 298 -19.11 16.57 18.70
N GLN D 299 -19.61 17.81 18.65
CA GLN D 299 -20.18 18.40 19.85
C GLN D 299 -21.43 17.66 20.27
N GLY D 300 -22.25 17.20 19.31
CA GLY D 300 -23.42 16.42 19.66
C GLY D 300 -23.05 15.06 20.24
N ARG D 301 -22.03 14.41 19.67
CA ARG D 301 -21.55 13.15 20.22
C ARG D 301 -21.03 13.34 21.63
N ARG D 302 -20.23 14.39 21.84
CA ARG D 302 -19.71 14.68 23.18
C ARG D 302 -20.84 14.84 24.20
N ASP D 303 -21.84 15.67 23.87
CA ASP D 303 -22.94 15.92 24.80
C ASP D 303 -23.73 14.66 25.09
N LEU D 304 -23.85 13.77 24.11
CA LEU D 304 -24.53 12.49 24.34
C LEU D 304 -23.72 11.63 25.30
N VAL D 305 -22.41 11.50 25.06
CA VAL D 305 -21.60 10.61 25.88
C VAL D 305 -21.48 11.14 27.30
N VAL D 306 -21.26 12.45 27.46
CA VAL D 306 -21.20 13.02 28.81
C VAL D 306 -22.50 12.76 29.56
N SER D 307 -23.63 13.04 28.92
CA SER D 307 -24.92 12.91 29.59
C SER D 307 -25.18 11.47 30.02
N MET D 308 -24.88 10.51 29.14
CA MET D 308 -25.16 9.11 29.45
C MET D 308 -24.20 8.58 30.50
N LEU D 309 -22.91 8.91 30.40
CA LEU D 309 -21.95 8.46 31.41
C LEU D 309 -22.30 9.01 32.79
N ASN D 310 -22.85 10.23 32.87
CA ASN D 310 -23.20 10.73 34.19
C ASN D 310 -24.45 10.06 34.76
N GLN D 311 -25.11 9.19 33.98
CA GLN D 311 -26.18 8.35 34.49
C GLN D 311 -25.71 6.97 34.90
N ALA D 312 -24.41 6.65 34.77
CA ALA D 312 -23.94 5.34 35.17
C ALA D 312 -23.48 5.41 36.62
N LYS D 313 -23.93 4.45 37.44
CA LYS D 313 -23.64 4.47 38.86
C LYS D 313 -22.14 4.54 39.13
N GLY D 314 -21.74 5.44 40.02
CA GLY D 314 -20.35 5.60 40.36
C GLY D 314 -19.48 6.28 39.33
N ILE D 315 -20.03 6.79 38.24
CA ILE D 315 -19.26 7.41 37.17
C ILE D 315 -19.49 8.92 37.21
N SER D 316 -18.40 9.68 37.06
CA SER D 316 -18.46 11.13 36.95
C SER D 316 -17.70 11.56 35.71
N CYS D 317 -18.40 12.18 34.76
CA CYS D 317 -17.77 12.53 33.49
C CYS D 317 -17.72 14.04 33.34
N PRO D 318 -16.53 14.63 33.27
CA PRO D 318 -16.44 16.07 32.98
C PRO D 318 -16.69 16.35 31.50
N THR D 319 -17.02 17.60 31.20
CA THR D 319 -17.30 18.02 29.82
C THR D 319 -16.02 18.56 29.18
N PRO D 320 -15.48 17.92 28.15
CA PRO D 320 -14.23 18.40 27.55
C PRO D 320 -14.50 19.60 26.65
N GLU D 321 -13.45 20.39 26.45
CA GLU D 321 -13.53 21.59 25.63
C GLU D 321 -13.05 21.34 24.20
N GLY D 322 -12.35 20.24 23.96
CA GLY D 322 -11.83 20.00 22.64
C GLY D 322 -11.33 18.58 22.52
N ALA D 323 -10.77 18.28 21.34
CA ALA D 323 -10.43 16.91 20.93
C ALA D 323 -11.69 16.06 20.87
N PHE D 324 -11.57 14.73 20.91
CA PHE D 324 -12.75 13.87 20.87
C PHE D 324 -12.66 12.74 21.89
N TYR D 325 -12.20 13.09 23.09
CA TYR D 325 -12.08 12.17 24.22
C TYR D 325 -12.87 12.68 25.41
N VAL D 326 -13.47 11.77 26.15
CA VAL D 326 -13.91 12.08 27.51
C VAL D 326 -13.04 11.28 28.46
N TYR D 327 -12.90 11.78 29.68
CA TYR D 327 -12.02 11.18 30.67
C TYR D 327 -12.77 10.97 31.99
N PRO D 328 -13.82 10.15 31.98
CA PRO D 328 -14.63 9.99 33.19
C PRO D 328 -13.88 9.31 34.33
N SER D 329 -14.34 9.60 35.54
CA SER D 329 -13.82 8.98 36.74
C SER D 329 -14.70 7.80 37.14
N CYS D 330 -14.07 6.67 37.47
CA CYS D 330 -14.78 5.54 38.07
C CYS D 330 -14.54 5.44 39.58
N ALA D 331 -14.19 6.56 40.22
CA ALA D 331 -13.87 6.55 41.66
C ALA D 331 -14.97 5.94 42.49
N GLY D 332 -16.23 6.18 42.09
CA GLY D 332 -17.38 5.65 42.81
C GLY D 332 -17.47 4.13 42.82
N LEU D 333 -16.72 3.45 41.95
CA LEU D 333 -16.77 2.00 41.92
C LEU D 333 -15.55 1.33 42.52
N ILE D 334 -14.51 2.10 42.87
CA ILE D 334 -13.33 1.50 43.49
C ILE D 334 -13.73 0.83 44.79
N GLY D 335 -13.39 -0.45 44.93
CA GLY D 335 -13.79 -1.22 46.07
C GLY D 335 -15.07 -2.01 45.90
N LYS D 336 -15.83 -1.74 44.84
CA LYS D 336 -17.04 -2.50 44.60
C LYS D 336 -16.70 -3.80 43.87
N THR D 337 -17.62 -4.76 43.95
CA THR D 337 -17.43 -6.07 43.36
C THR D 337 -18.12 -6.10 42.00
N ALA D 338 -17.35 -6.40 40.96
CA ALA D 338 -17.89 -6.47 39.61
C ALA D 338 -18.80 -7.68 39.47
N PRO D 339 -19.66 -7.71 38.45
CA PRO D 339 -20.55 -8.87 38.26
C PRO D 339 -19.83 -10.22 38.24
N SER D 340 -18.59 -10.26 37.79
CA SER D 340 -17.83 -11.52 37.78
C SER D 340 -17.33 -11.92 39.15
N GLY D 341 -17.58 -11.13 40.19
CA GLY D 341 -16.97 -11.34 41.49
C GLY D 341 -15.62 -10.69 41.68
N LYS D 342 -15.06 -10.09 40.63
CA LYS D 342 -13.77 -9.44 40.73
C LYS D 342 -13.90 -8.14 41.52
N VAL D 343 -13.00 -7.93 42.47
CA VAL D 343 -13.01 -6.72 43.29
C VAL D 343 -12.24 -5.64 42.56
N ILE D 344 -12.91 -4.52 42.28
CA ILE D 344 -12.36 -3.42 41.50
C ILE D 344 -11.44 -2.61 42.42
N GLU D 345 -10.14 -2.86 42.32
CA GLU D 345 -9.18 -2.11 43.11
C GLU D 345 -8.58 -0.92 42.37
N THR D 346 -8.59 -0.95 41.04
CA THR D 346 -7.98 0.10 40.22
C THR D 346 -8.86 0.34 39.00
N ASP D 347 -8.54 1.42 38.27
CA ASP D 347 -9.26 1.66 37.03
C ASP D 347 -8.92 0.62 35.96
N GLU D 348 -7.74 -0.02 36.04
CA GLU D 348 -7.46 -1.09 35.09
CA GLU D 348 -7.45 -1.10 35.10
C GLU D 348 -8.32 -2.31 35.39
N ASP D 349 -8.59 -2.59 36.67
CA ASP D 349 -9.57 -3.61 37.03
C ASP D 349 -10.93 -3.25 36.47
N PHE D 350 -11.35 -2.00 36.63
CA PHE D 350 -12.65 -1.58 36.09
C PHE D 350 -12.69 -1.78 34.59
N VAL D 351 -11.63 -1.38 33.90
CA VAL D 351 -11.65 -1.39 32.44
C VAL D 351 -11.65 -2.82 31.91
N SER D 352 -10.81 -3.68 32.48
CA SER D 352 -10.74 -5.05 31.98
C SER D 352 -12.03 -5.80 32.27
N GLU D 353 -12.61 -5.59 33.47
CA GLU D 353 -13.89 -6.22 33.79
C GLU D 353 -14.98 -5.72 32.85
N LEU D 354 -14.96 -4.42 32.51
CA LEU D 354 -15.95 -3.89 31.59
C LEU D 354 -15.80 -4.50 30.20
N LEU D 355 -14.56 -4.67 29.74
CA LEU D 355 -14.33 -5.30 28.45
C LEU D 355 -14.81 -6.75 28.45
N GLU D 356 -14.45 -7.50 29.50
CA GLU D 356 -14.81 -8.91 29.57
C GLU D 356 -16.32 -9.10 29.70
N THR D 357 -16.96 -8.31 30.56
CA THR D 357 -18.37 -8.51 30.89
C THR D 357 -19.29 -7.93 29.81
N GLU D 358 -18.98 -6.74 29.29
CA GLU D 358 -19.87 -6.05 28.37
C GLU D 358 -19.32 -5.88 26.97
N GLY D 359 -18.05 -6.20 26.71
CA GLY D 359 -17.51 -6.03 25.39
C GLY D 359 -17.28 -4.59 24.97
N VAL D 360 -17.06 -3.68 25.92
CA VAL D 360 -16.77 -2.28 25.62
C VAL D 360 -15.30 -2.03 25.93
N ALA D 361 -14.54 -1.62 24.90
CA ALA D 361 -13.09 -1.42 25.03
C ALA D 361 -12.80 0.06 25.28
N VAL D 362 -12.31 0.36 26.47
CA VAL D 362 -11.83 1.69 26.84
C VAL D 362 -10.40 1.53 27.38
N VAL D 363 -9.74 2.63 27.70
CA VAL D 363 -8.37 2.58 28.21
C VAL D 363 -8.35 3.15 29.61
N HIS D 364 -7.72 2.45 30.54
CA HIS D 364 -7.70 2.88 31.93
C HIS D 364 -6.82 4.12 32.12
N GLY D 365 -7.23 4.98 33.05
CA GLY D 365 -6.55 6.25 33.26
C GLY D 365 -5.13 6.10 33.76
N SER D 366 -4.86 5.03 34.51
CA SER D 366 -3.51 4.75 34.98
C SER D 366 -2.50 4.75 33.85
N ALA D 367 -2.92 4.32 32.66
CA ALA D 367 -2.01 4.34 31.52
C ALA D 367 -1.59 5.75 31.17
N PHE D 368 -2.44 6.73 31.43
CA PHE D 368 -2.16 8.13 31.13
C PHE D 368 -1.61 8.89 32.32
N GLY D 369 -1.33 8.22 33.42
CA GLY D 369 -0.76 8.89 34.57
C GLY D 369 -1.74 9.47 35.57
N LEU D 370 -3.04 9.24 35.42
CA LEU D 370 -4.02 9.78 36.37
C LEU D 370 -5.26 8.91 36.39
N GLY D 371 -5.60 8.40 37.58
CA GLY D 371 -6.82 7.66 37.79
C GLY D 371 -7.43 8.01 39.13
N PRO D 372 -8.51 7.32 39.53
CA PRO D 372 -9.22 6.25 38.82
C PRO D 372 -10.14 6.81 37.75
N ASN D 373 -9.75 6.60 36.49
CA ASN D 373 -10.38 7.21 35.33
C ASN D 373 -10.33 6.22 34.17
N PHE D 374 -10.99 6.58 33.07
CA PHE D 374 -10.84 5.80 31.84
C PHE D 374 -11.12 6.73 30.67
N ARG D 375 -10.43 6.51 29.56
CA ARG D 375 -10.59 7.34 28.37
C ARG D 375 -11.56 6.69 27.39
N ILE D 376 -12.51 7.47 26.90
CA ILE D 376 -13.39 7.09 25.81
C ILE D 376 -13.17 8.06 24.65
N SER D 377 -12.88 7.52 23.48
CA SER D 377 -12.92 8.31 22.25
C SER D 377 -14.33 8.24 21.68
N TYR D 378 -14.93 9.40 21.41
CA TYR D 378 -16.23 9.42 20.75
C TYR D 378 -16.09 9.74 19.26
N ALA D 379 -14.97 9.35 18.67
CA ALA D 379 -14.84 9.28 17.21
C ALA D 379 -15.46 7.98 16.68
N THR D 380 -16.76 7.83 16.93
CA THR D 380 -17.55 6.74 16.38
C THR D 380 -19.01 7.18 16.31
N SER D 381 -19.86 6.34 15.73
CA SER D 381 -21.24 6.71 15.46
C SER D 381 -22.01 6.95 16.76
N GLU D 382 -23.03 7.81 16.67
CA GLU D 382 -23.88 8.05 17.83
C GLU D 382 -24.65 6.80 18.22
N ALA D 383 -24.93 5.92 17.26
CA ALA D 383 -25.62 4.68 17.57
C ALA D 383 -24.71 3.73 18.37
N LEU D 384 -23.44 3.64 18.00
CA LEU D 384 -22.50 2.83 18.77
C LEU D 384 -22.21 3.46 20.12
N LEU D 385 -22.08 4.79 20.17
CA LEU D 385 -21.86 5.45 21.45
C LEU D 385 -23.02 5.18 22.42
N GLU D 386 -24.25 5.35 21.94
CA GLU D 386 -25.40 5.13 22.80
C GLU D 386 -25.46 3.68 23.28
N GLU D 387 -25.27 2.73 22.37
CA GLU D 387 -25.25 1.32 22.78
C GLU D 387 -24.15 1.06 23.80
N ALA D 388 -22.94 1.56 23.55
CA ALA D 388 -21.84 1.34 24.48
C ALA D 388 -22.13 1.96 25.83
N CYS D 389 -22.73 3.16 25.85
CA CYS D 389 -23.04 3.81 27.11
C CYS D 389 -24.16 3.09 27.87
N ARG D 390 -25.10 2.45 27.16
CA ARG D 390 -26.09 1.63 27.84
C ARG D 390 -25.44 0.42 28.49
N ARG D 391 -24.46 -0.20 27.81
CA ARG D 391 -23.75 -1.32 28.40
C ARG D 391 -22.99 -0.88 29.64
N ILE D 392 -22.35 0.28 29.57
CA ILE D 392 -21.58 0.77 30.70
C ILE D 392 -22.51 1.02 31.88
N GLN D 393 -23.69 1.60 31.61
CA GLN D 393 -24.68 1.82 32.66
C GLN D 393 -25.11 0.51 33.32
N ARG D 394 -25.42 -0.50 32.51
CA ARG D 394 -25.84 -1.78 33.07
C ARG D 394 -24.71 -2.41 33.89
N PHE D 395 -23.48 -2.32 33.40
CA PHE D 395 -22.34 -2.86 34.14
C PHE D 395 -22.16 -2.15 35.48
N CYS D 396 -22.15 -0.81 35.47
CA CYS D 396 -21.94 -0.07 36.71
C CYS D 396 -23.05 -0.34 37.70
N ALA D 397 -24.30 -0.44 37.23
CA ALA D 397 -25.41 -0.72 38.12
C ALA D 397 -25.30 -2.10 38.75
N ALA D 398 -24.67 -3.05 38.05
CA ALA D 398 -24.51 -4.41 38.56
C ALA D 398 -23.33 -4.55 39.50
N CYS D 399 -22.51 -3.51 39.66
CA CYS D 399 -21.42 -3.54 40.64
C CYS D 399 -21.96 -3.39 42.06
N ARG D 400 -21.40 -4.17 42.98
CA ARG D 400 -21.90 -4.24 44.34
C ARG D 400 -20.83 -3.85 45.35
N ALA E 2 1.38 26.10 -8.54
CA ALA E 2 0.54 24.99 -8.98
C ALA E 2 0.00 25.29 -10.37
N PHE E 3 -0.76 24.36 -10.95
CA PHE E 3 -1.28 24.54 -12.30
C PHE E 3 -2.32 25.66 -12.34
N LEU E 4 -3.28 25.62 -11.42
CA LEU E 4 -4.27 26.69 -11.32
C LEU E 4 -3.63 27.92 -10.69
N ALA E 5 -4.06 29.09 -11.15
CA ALA E 5 -3.46 30.35 -10.73
C ALA E 5 -3.70 30.62 -9.25
N ASP E 6 -2.67 31.12 -8.57
CA ASP E 6 -2.78 31.44 -7.16
C ASP E 6 -3.92 32.40 -6.88
N ALA E 7 -4.28 33.24 -7.85
CA ALA E 7 -5.31 34.25 -7.63
C ALA E 7 -6.68 33.64 -7.39
N LEU E 8 -6.92 32.42 -7.89
CA LEU E 8 -8.24 31.82 -7.77
C LEU E 8 -8.56 31.47 -6.32
N SER E 9 -7.54 31.21 -5.49
CA SER E 9 -7.81 30.94 -4.09
C SER E 9 -8.23 32.17 -3.31
N ARG E 10 -8.22 33.36 -3.93
CA ARG E 10 -8.71 34.55 -3.23
C ARG E 10 -10.23 34.64 -3.19
N VAL E 11 -10.93 33.80 -3.94
CA VAL E 11 -12.39 33.89 -4.04
C VAL E 11 -13.01 32.78 -3.20
N LYS E 12 -13.81 33.17 -2.22
CA LYS E 12 -14.48 32.20 -1.38
C LYS E 12 -15.63 31.55 -2.16
N PRO E 13 -15.89 30.26 -1.94
CA PRO E 13 -17.07 29.64 -2.57
C PRO E 13 -18.34 30.30 -2.05
N SER E 14 -19.33 30.44 -2.93
CA SER E 14 -20.49 31.27 -2.63
C SER E 14 -21.60 30.43 -2.00
N ALA E 15 -22.13 30.92 -0.88
CA ALA E 15 -23.24 30.25 -0.23
C ALA E 15 -24.49 30.23 -1.11
N THR E 16 -24.59 31.13 -2.09
CA THR E 16 -25.80 31.16 -2.93
C THR E 16 -25.83 29.99 -3.90
N ILE E 17 -24.69 29.68 -4.55
CA ILE E 17 -24.68 28.54 -5.44
C ILE E 17 -24.90 27.25 -4.65
N ALA E 18 -24.38 27.19 -3.43
CA ALA E 18 -24.63 26.05 -2.56
C ALA E 18 -26.11 25.93 -2.21
N VAL E 19 -26.76 27.05 -1.88
CA VAL E 19 -28.18 27.01 -1.58
C VAL E 19 -28.97 26.60 -2.81
N SER E 20 -28.62 27.16 -3.97
CA SER E 20 -29.31 26.78 -5.19
C SER E 20 -29.12 25.29 -5.47
N GLN E 21 -27.97 24.74 -5.08
CA GLN E 21 -27.67 23.33 -5.33
C GLN E 21 -28.51 22.41 -4.43
N LYS E 22 -28.69 22.80 -3.16
CA LYS E 22 -29.52 21.99 -2.27
C LYS E 22 -30.97 21.96 -2.75
N ALA E 23 -31.49 23.13 -3.16
CA ALA E 23 -32.87 23.21 -3.66
C ALA E 23 -33.06 22.31 -4.87
N ARG E 24 -32.11 22.35 -5.81
CA ARG E 24 -32.19 21.49 -6.99
C ARG E 24 -32.19 20.01 -6.61
N GLU E 25 -31.35 19.63 -5.65
CA GLU E 25 -31.30 18.22 -5.25
C GLU E 25 -32.58 17.80 -4.53
N LEU E 26 -33.16 18.68 -3.71
CA LEU E 26 -34.44 18.35 -3.08
C LEU E 26 -35.53 18.18 -4.12
N LYS E 27 -35.60 19.08 -5.10
CA LYS E 27 -36.60 18.95 -6.15
C LYS E 27 -36.38 17.67 -6.95
N ALA E 28 -35.11 17.35 -7.24
CA ALA E 28 -34.80 16.18 -8.06
C ALA E 28 -35.33 14.89 -7.45
N LYS E 29 -35.42 14.83 -6.13
CA LYS E 29 -35.95 13.61 -5.52
C LYS E 29 -37.45 13.70 -5.27
N GLY E 30 -38.12 14.71 -5.81
CA GLY E 30 -39.57 14.74 -5.81
C GLY E 30 -40.21 15.63 -4.76
N ARG E 31 -39.42 16.36 -3.97
CA ARG E 31 -39.98 17.29 -3.01
C ARG E 31 -40.61 18.48 -3.73
N ASP E 32 -41.68 19.01 -3.14
CA ASP E 32 -42.34 20.19 -3.71
C ASP E 32 -41.58 21.42 -3.22
N VAL E 33 -40.71 21.96 -4.07
CA VAL E 33 -39.80 23.04 -3.70
C VAL E 33 -40.26 24.30 -4.39
N ILE E 34 -40.32 25.40 -3.62
CA ILE E 34 -40.56 26.74 -4.14
C ILE E 34 -39.28 27.56 -3.98
N GLY E 35 -38.65 27.92 -5.09
CA GLY E 35 -37.44 28.73 -5.04
C GLY E 35 -37.80 30.19 -4.94
N LEU E 36 -37.20 30.87 -3.97
CA LEU E 36 -37.37 32.31 -3.81
C LEU E 36 -36.05 33.03 -4.04
N GLY E 37 -35.28 32.56 -5.00
CA GLY E 37 -33.98 33.16 -5.23
C GLY E 37 -33.76 33.67 -6.65
N ALA E 38 -34.84 33.85 -7.42
CA ALA E 38 -34.68 34.28 -8.80
C ALA E 38 -34.03 35.64 -8.89
N GLY E 39 -33.01 35.76 -9.75
CA GLY E 39 -32.40 37.06 -9.97
C GLY E 39 -32.86 37.68 -11.27
N GLU E 40 -34.02 37.23 -11.75
CA GLU E 40 -34.49 37.63 -13.07
C GLU E 40 -36.01 37.65 -13.05
N PRO E 41 -36.61 38.60 -13.76
CA PRO E 41 -38.08 38.61 -13.88
C PRO E 41 -38.57 37.29 -14.44
N ASP E 42 -39.77 36.90 -14.01
CA ASP E 42 -40.39 35.71 -14.58
C ASP E 42 -41.15 36.01 -15.86
N PHE E 43 -41.18 37.27 -16.29
CA PHE E 43 -41.78 37.62 -17.56
C PHE E 43 -40.78 37.41 -18.70
N ASP E 44 -41.32 37.23 -19.91
CA ASP E 44 -40.50 37.11 -21.11
C ASP E 44 -40.13 38.50 -21.64
N THR E 45 -39.12 38.50 -22.51
CA THR E 45 -38.74 39.73 -23.20
C THR E 45 -39.92 40.28 -24.00
N PRO E 46 -40.19 41.59 -23.92
CA PRO E 46 -41.28 42.19 -24.69
C PRO E 46 -41.13 41.94 -26.18
N ASP E 47 -42.27 41.97 -26.88
CA ASP E 47 -42.31 41.60 -28.29
C ASP E 47 -41.62 42.63 -29.19
N ASN E 48 -41.66 43.92 -28.83
CA ASN E 48 -40.97 44.89 -29.68
C ASN E 48 -39.47 44.62 -29.71
N ILE E 49 -38.90 44.22 -28.57
CA ILE E 49 -37.48 43.87 -28.52
C ILE E 49 -37.21 42.60 -29.31
N LYS E 50 -38.07 41.59 -29.14
CA LYS E 50 -37.97 40.34 -29.89
C LYS E 50 -37.98 40.60 -31.40
N LYS E 51 -38.94 41.41 -31.87
CA LYS E 51 -39.02 41.67 -33.31
C LYS E 51 -37.76 42.37 -33.81
N ALA E 52 -37.19 43.26 -33.00
CA ALA E 52 -35.96 43.93 -33.38
C ALA E 52 -34.81 42.95 -33.56
N ALA E 53 -34.66 42.00 -32.64
CA ALA E 53 -33.60 41.00 -32.76
C ALA E 53 -33.81 40.13 -34.00
N ILE E 54 -35.06 39.74 -34.26
CA ILE E 54 -35.33 38.90 -35.43
C ILE E 54 -35.05 39.67 -36.71
N ASP E 55 -35.39 40.95 -36.74
CA ASP E 55 -35.11 41.75 -37.94
C ASP E 55 -33.61 41.85 -38.17
N ALA E 56 -32.83 41.95 -37.09
CA ALA E 56 -31.37 42.01 -37.22
C ALA E 56 -30.79 40.69 -37.72
N ILE E 57 -31.36 39.56 -37.25
CA ILE E 57 -30.98 38.25 -37.79
C ILE E 57 -31.29 38.20 -39.28
N ASP E 58 -32.48 38.64 -39.66
CA ASP E 58 -32.89 38.60 -41.06
C ASP E 58 -31.98 39.46 -41.91
N ARG E 59 -31.68 40.69 -41.44
CA ARG E 59 -30.84 41.63 -42.18
C ARG E 59 -29.40 41.15 -42.36
N GLY E 60 -28.92 40.23 -41.53
CA GLY E 60 -27.55 39.78 -41.58
C GLY E 60 -26.59 40.48 -40.63
N GLU E 61 -27.07 40.99 -39.50
CA GLU E 61 -26.21 41.63 -38.50
C GLU E 61 -25.49 40.57 -37.67
N THR E 62 -24.67 39.78 -38.35
CA THR E 62 -24.09 38.56 -37.77
C THR E 62 -22.57 38.60 -37.71
N LYS E 63 -21.99 39.79 -37.83
CA LYS E 63 -20.56 39.96 -37.96
C LYS E 63 -20.02 40.53 -36.66
N TYR E 64 -18.70 40.47 -36.51
CA TYR E 64 -18.07 41.14 -35.38
C TYR E 64 -18.51 42.59 -35.31
N THR E 65 -18.79 43.06 -34.09
CA THR E 65 -19.07 44.46 -33.80
C THR E 65 -17.82 45.14 -33.29
N PRO E 66 -17.80 46.48 -33.25
CA PRO E 66 -16.72 47.15 -32.52
C PRO E 66 -16.71 46.65 -31.08
N VAL E 67 -15.52 46.58 -30.48
CA VAL E 67 -15.42 45.97 -29.16
C VAL E 67 -16.34 46.66 -28.16
N SER E 68 -16.40 48.00 -28.21
CA SER E 68 -17.22 48.73 -27.23
C SER E 68 -18.70 48.80 -27.60
N GLY E 69 -19.11 48.23 -28.72
CA GLY E 69 -20.52 48.14 -29.06
C GLY E 69 -20.82 48.70 -30.43
N ILE E 70 -21.95 48.31 -31.00
CA ILE E 70 -22.37 48.89 -32.28
C ILE E 70 -22.71 50.36 -32.07
N PRO E 71 -22.41 51.25 -33.03
CA PRO E 71 -22.62 52.68 -32.79
C PRO E 71 -24.07 53.05 -32.50
N GLU E 72 -25.03 52.30 -33.04
CA GLU E 72 -26.44 52.58 -32.76
C GLU E 72 -26.76 52.42 -31.28
N LEU E 73 -26.12 51.44 -30.62
CA LEU E 73 -26.39 51.18 -29.21
C LEU E 73 -25.61 52.13 -28.31
N ARG E 74 -24.36 52.43 -28.64
CA ARG E 74 -23.66 53.46 -27.90
C ARG E 74 -24.37 54.81 -28.00
N GLU E 75 -24.90 55.13 -29.19
CA GLU E 75 -25.73 56.33 -29.31
C GLU E 75 -26.97 56.23 -28.44
N ALA E 76 -27.66 55.08 -28.46
CA ALA E 76 -28.88 54.93 -27.69
C ALA E 76 -28.60 55.00 -26.20
N ILE E 77 -27.44 54.52 -25.78
CA ILE E 77 -27.05 54.62 -24.38
C ILE E 77 -26.83 56.07 -24.00
N ALA E 78 -26.11 56.81 -24.83
CA ALA E 78 -25.88 58.23 -24.55
C ALA E 78 -27.20 58.99 -24.46
N LYS E 79 -28.15 58.67 -25.36
CA LYS E 79 -29.45 59.34 -25.33
C LYS E 79 -30.24 58.96 -24.08
N LYS E 80 -30.15 57.70 -23.64
CA LYS E 80 -30.86 57.26 -22.44
C LYS E 80 -30.32 57.95 -21.20
N PHE E 81 -28.99 58.08 -21.09
CA PHE E 81 -28.44 58.73 -19.90
C PHE E 81 -28.89 60.18 -19.82
N LYS E 82 -29.00 60.86 -20.96
CA LYS E 82 -29.50 62.23 -20.98
C LYS E 82 -30.99 62.27 -20.70
N ARG E 83 -31.77 61.47 -21.42
CA ARG E 83 -33.22 61.54 -21.34
C ARG E 83 -33.74 61.10 -19.98
N GLU E 84 -33.16 60.04 -19.41
CA GLU E 84 -33.67 59.46 -18.18
C GLU E 84 -32.92 59.92 -16.94
N ASN E 85 -31.62 60.23 -17.06
CA ASN E 85 -30.82 60.57 -15.89
C ASN E 85 -30.23 61.98 -15.93
N ASN E 86 -30.47 62.75 -17.00
CA ASN E 86 -29.94 64.10 -17.12
C ASN E 86 -28.41 64.13 -17.02
N LEU E 87 -27.76 63.12 -17.58
CA LEU E 87 -26.31 63.06 -17.66
C LEU E 87 -25.90 63.19 -19.12
N ASP E 88 -24.85 63.98 -19.35
CA ASP E 88 -24.34 64.25 -20.70
C ASP E 88 -23.06 63.45 -20.92
N TYR E 89 -23.13 62.45 -21.80
CA TYR E 89 -21.99 61.65 -22.23
C TYR E 89 -21.99 61.57 -23.73
N THR E 90 -20.80 61.62 -24.35
CA THR E 90 -20.72 61.29 -25.76
C THR E 90 -20.82 59.78 -25.95
N ALA E 91 -21.11 59.40 -27.19
CA ALA E 91 -21.13 57.96 -27.50
C ALA E 91 -19.78 57.32 -27.23
N ALA E 92 -18.68 58.07 -27.43
CA ALA E 92 -17.35 57.52 -27.19
C ALA E 92 -17.10 57.21 -25.72
N GLN E 93 -17.89 57.79 -24.82
CA GLN E 93 -17.78 57.51 -23.40
C GLN E 93 -18.61 56.31 -22.95
N THR E 94 -19.31 55.64 -23.85
CA THR E 94 -20.13 54.50 -23.48
C THR E 94 -19.44 53.21 -23.87
N ILE E 95 -19.74 52.13 -23.13
CA ILE E 95 -19.24 50.81 -23.49
C ILE E 95 -20.34 49.78 -23.26
N VAL E 96 -20.44 48.83 -24.18
CA VAL E 96 -21.41 47.73 -24.14
C VAL E 96 -20.66 46.46 -23.79
N GLY E 97 -21.15 45.74 -22.77
CA GLY E 97 -20.56 44.48 -22.36
C GLY E 97 -21.55 43.33 -22.35
N THR E 98 -21.02 42.12 -22.20
CA THR E 98 -21.84 40.91 -22.13
C THR E 98 -22.34 40.79 -20.70
N GLY E 99 -23.48 41.43 -20.44
CA GLY E 99 -24.01 41.56 -19.10
C GLY E 99 -23.43 42.76 -18.39
N GLY E 100 -24.19 43.27 -17.41
CA GLY E 100 -23.56 44.25 -16.53
C GLY E 100 -22.44 43.65 -15.71
N LYS E 101 -22.46 42.33 -15.54
CA LYS E 101 -21.36 41.64 -14.87
C LYS E 101 -20.03 41.94 -15.54
N GLN E 102 -19.99 41.92 -16.87
CA GLN E 102 -18.70 42.13 -17.53
C GLN E 102 -18.25 43.58 -17.40
N ILE E 103 -19.19 44.54 -17.40
CA ILE E 103 -18.86 45.94 -17.12
C ILE E 103 -18.16 46.04 -15.77
N LEU E 104 -18.77 45.46 -14.73
CA LEU E 104 -18.18 45.55 -13.40
C LEU E 104 -16.84 44.84 -13.36
N PHE E 105 -16.78 43.64 -13.92
CA PHE E 105 -15.55 42.86 -13.85
C PHE E 105 -14.38 43.61 -14.48
N ASN E 106 -14.62 44.23 -15.65
CA ASN E 106 -13.52 44.88 -16.35
C ASN E 106 -13.20 46.26 -15.79
N ALA E 107 -14.18 46.94 -15.20
CA ALA E 107 -13.86 48.15 -14.44
C ALA E 107 -12.85 47.82 -13.35
N PHE E 108 -13.05 46.69 -12.68
CA PHE E 108 -12.11 46.29 -11.64
C PHE E 108 -10.82 45.76 -12.22
N MET E 109 -10.89 44.95 -13.27
CA MET E 109 -9.66 44.42 -13.84
C MET E 109 -8.80 45.54 -14.42
N ALA E 110 -9.42 46.59 -14.92
CA ALA E 110 -8.67 47.68 -15.54
C ALA E 110 -8.03 48.61 -14.51
N THR E 111 -8.39 48.51 -13.23
CA THR E 111 -7.96 49.50 -12.26
C THR E 111 -7.29 48.93 -11.01
N LEU E 112 -7.62 47.71 -10.60
CA LEU E 112 -7.18 47.28 -9.27
C LEU E 112 -5.74 46.78 -9.28
N ASN E 113 -4.94 47.37 -8.42
CA ASN E 113 -3.61 46.94 -8.02
C ASN E 113 -3.69 46.27 -6.67
N PRO E 114 -2.77 45.36 -6.36
CA PRO E 114 -2.76 44.76 -5.02
C PRO E 114 -2.69 45.85 -3.97
N GLY E 115 -3.54 45.75 -2.95
CA GLY E 115 -3.64 46.77 -1.94
C GLY E 115 -4.75 47.78 -2.15
N ASP E 116 -5.27 47.92 -3.37
CA ASP E 116 -6.38 48.84 -3.59
C ASP E 116 -7.61 48.36 -2.84
N GLU E 117 -8.27 49.27 -2.14
CA GLU E 117 -9.46 48.94 -1.37
C GLU E 117 -10.72 49.34 -2.13
N VAL E 118 -11.76 48.53 -1.97
CA VAL E 118 -13.05 48.75 -2.64
C VAL E 118 -14.11 48.71 -1.54
N VAL E 119 -14.75 49.85 -1.29
CA VAL E 119 -15.76 49.96 -0.24
C VAL E 119 -17.09 49.43 -0.75
N ILE E 120 -17.65 48.46 -0.02
CA ILE E 120 -18.86 47.76 -0.47
C ILE E 120 -19.88 47.76 0.67
N PRO E 121 -21.00 48.44 0.53
CA PRO E 121 -22.01 48.43 1.58
C PRO E 121 -22.62 47.05 1.75
N ALA E 122 -22.82 46.63 3.01
CA ALA E 122 -23.58 45.42 3.31
C ALA E 122 -25.01 45.78 3.70
N PRO E 123 -26.03 45.01 3.26
CA PRO E 123 -25.85 43.78 2.49
C PRO E 123 -25.56 44.02 1.03
N TYR E 124 -24.70 43.16 0.50
CA TYR E 124 -24.13 43.33 -0.82
C TYR E 124 -24.51 42.16 -1.70
N TRP E 125 -24.64 42.45 -2.99
CA TRP E 125 -24.62 41.41 -4.00
C TRP E 125 -23.30 40.66 -3.91
N VAL E 126 -23.39 39.32 -3.84
CA VAL E 126 -22.22 38.51 -3.51
C VAL E 126 -21.13 38.66 -4.56
N SER E 127 -21.50 38.99 -5.79
CA SER E 127 -20.50 39.06 -6.85
C SER E 127 -19.51 40.19 -6.66
N TYR E 128 -19.90 41.30 -5.98
CA TYR E 128 -18.97 42.42 -5.84
C TYR E 128 -17.68 42.02 -5.13
N PRO E 129 -17.70 41.47 -3.92
CA PRO E 129 -16.42 41.11 -3.29
C PRO E 129 -15.71 40.01 -4.04
N GLU E 130 -16.44 39.10 -4.71
CA GLU E 130 -15.77 38.04 -5.45
C GLU E 130 -14.96 38.61 -6.61
N MET E 131 -15.59 39.52 -7.37
CA MET E 131 -14.91 40.22 -8.46
C MET E 131 -13.66 40.93 -7.97
N VAL E 132 -13.80 41.69 -6.88
CA VAL E 132 -12.70 42.48 -6.34
C VAL E 132 -11.56 41.58 -5.90
N ALA E 133 -11.89 40.49 -5.22
CA ALA E 133 -10.89 39.57 -4.72
C ALA E 133 -10.14 38.89 -5.87
N LEU E 134 -10.89 38.41 -6.88
CA LEU E 134 -10.24 37.79 -8.04
C LEU E 134 -9.30 38.77 -8.74
N CYS E 135 -9.68 40.05 -8.82
CA CYS E 135 -8.82 41.02 -9.48
C CYS E 135 -7.72 41.57 -8.59
N GLY E 136 -7.57 41.07 -7.36
CA GLY E 136 -6.45 41.44 -6.52
C GLY E 136 -6.68 42.58 -5.56
N GLY E 137 -7.86 43.18 -5.58
CA GLY E 137 -8.17 44.25 -4.65
C GLY E 137 -8.63 43.72 -3.32
N THR E 138 -8.92 44.65 -2.41
CA THR E 138 -9.36 44.29 -1.06
C THR E 138 -10.76 44.83 -0.78
N PRO E 139 -11.75 43.97 -0.61
CA PRO E 139 -13.08 44.45 -0.23
C PRO E 139 -13.06 45.01 1.18
N VAL E 140 -13.74 46.16 1.34
CA VAL E 140 -13.93 46.82 2.63
C VAL E 140 -15.43 46.95 2.83
N PHE E 141 -15.98 46.19 3.77
CA PHE E 141 -17.42 46.15 3.96
C PHE E 141 -17.85 47.21 4.97
N VAL E 142 -18.93 47.90 4.63
N VAL E 142 -18.98 47.85 4.67
CA VAL E 142 -19.58 48.84 5.55
CA VAL E 142 -19.58 48.84 5.54
C VAL E 142 -20.99 48.33 5.81
C VAL E 142 -21.01 48.42 5.84
N PRO E 143 -21.30 47.90 7.03
CA PRO E 143 -22.66 47.43 7.31
C PRO E 143 -23.66 48.58 7.38
N THR E 144 -24.86 48.31 6.89
CA THR E 144 -26.02 49.14 7.15
C THR E 144 -26.87 48.47 8.23
N ARG E 145 -27.90 49.19 8.68
CA ARG E 145 -28.78 48.69 9.74
C ARG E 145 -30.21 48.60 9.23
N GLN E 146 -30.91 47.54 9.64
CA GLN E 146 -32.32 47.43 9.33
C GLN E 146 -33.12 48.62 9.86
N GLU E 147 -32.72 49.19 11.00
CA GLU E 147 -33.41 50.35 11.54
C GLU E 147 -33.28 51.58 10.63
N ASN E 148 -32.26 51.62 9.76
CA ASN E 148 -32.12 52.65 8.75
CA ASN E 148 -32.15 52.66 8.75
C ASN E 148 -32.60 52.19 7.38
N ASN E 149 -33.43 51.14 7.34
CA ASN E 149 -33.90 50.56 6.08
C ASN E 149 -32.75 50.10 5.19
N PHE E 150 -31.65 49.66 5.80
CA PHE E 150 -30.46 49.16 5.09
C PHE E 150 -29.81 50.22 4.21
N LYS E 151 -29.90 51.48 4.61
CA LYS E 151 -29.27 52.56 3.87
C LYS E 151 -28.10 53.12 4.65
N LEU E 152 -27.02 53.36 3.92
CA LEU E 152 -25.77 53.82 4.49
C LEU E 152 -25.88 55.22 5.06
N LYS E 153 -25.38 55.40 6.27
CA LYS E 153 -25.21 56.74 6.85
C LYS E 153 -23.89 57.34 6.39
N ALA E 154 -23.90 58.65 6.14
CA ALA E 154 -22.71 59.33 5.63
C ALA E 154 -21.50 59.09 6.52
N GLU E 155 -21.72 59.13 7.84
CA GLU E 155 -20.64 58.90 8.80
CA GLU E 155 -20.64 58.92 8.79
C GLU E 155 -20.01 57.53 8.60
N ASP E 156 -20.81 56.53 8.26
CA ASP E 156 -20.26 55.18 8.10
C ASP E 156 -19.43 55.06 6.83
N LEU E 157 -19.87 55.70 5.75
CA LEU E 157 -19.06 55.72 4.52
C LEU E 157 -17.73 56.43 4.75
N ASP E 158 -17.77 57.57 5.46
CA ASP E 158 -16.55 58.33 5.71
C ASP E 158 -15.54 57.54 6.52
N ARG E 159 -16.01 56.82 7.55
CA ARG E 159 -15.12 56.01 8.39
C ARG E 159 -14.42 54.93 7.58
N ALA E 160 -15.04 54.44 6.51
CA ALA E 160 -14.51 53.31 5.78
C ALA E 160 -13.46 53.71 4.75
N ILE E 161 -13.44 54.97 4.33
CA ILE E 161 -12.54 55.42 3.27
C ILE E 161 -11.16 55.67 3.85
N THR E 162 -10.13 55.23 3.14
CA THR E 162 -8.73 55.38 3.51
C THR E 162 -7.98 55.90 2.30
N PRO E 163 -6.71 56.30 2.46
CA PRO E 163 -5.92 56.64 1.27
C PRO E 163 -5.81 55.52 0.26
N LYS E 164 -6.07 54.27 0.65
CA LYS E 164 -5.99 53.15 -0.28
C LYS E 164 -7.30 52.89 -1.01
N THR E 165 -8.38 53.56 -0.65
CA THR E 165 -9.67 53.33 -1.29
C THR E 165 -9.63 53.84 -2.72
N LYS E 166 -9.87 52.94 -3.68
CA LYS E 166 -9.95 53.33 -5.07
C LYS E 166 -11.39 53.42 -5.57
N TRP E 167 -12.28 52.59 -5.04
CA TRP E 167 -13.66 52.54 -5.51
C TRP E 167 -14.62 52.51 -4.37
N PHE E 168 -15.80 53.11 -4.60
CA PHE E 168 -16.98 52.94 -3.76
C PHE E 168 -18.07 52.38 -4.64
N VAL E 169 -18.67 51.26 -4.24
CA VAL E 169 -19.67 50.58 -5.05
C VAL E 169 -21.03 50.99 -4.51
N PHE E 170 -21.86 51.59 -5.38
CA PHE E 170 -23.15 52.10 -4.97
C PHE E 170 -24.22 51.45 -5.82
N ASN E 171 -25.01 50.58 -5.20
CA ASN E 171 -26.04 49.79 -5.89
C ASN E 171 -27.39 50.24 -5.32
N SER E 172 -28.15 51.04 -6.08
CA SER E 172 -29.45 51.51 -5.61
C SER E 172 -30.37 51.57 -6.82
N PRO E 173 -31.54 50.93 -6.78
CA PRO E 173 -32.01 50.04 -5.69
C PRO E 173 -31.15 48.79 -5.55
N SER E 174 -31.15 48.23 -4.35
CA SER E 174 -30.19 47.22 -3.92
C SER E 174 -30.69 45.80 -4.17
N ASN E 175 -29.78 44.98 -4.67
CA ASN E 175 -29.82 43.55 -4.46
C ASN E 175 -28.85 43.27 -3.33
N PRO E 176 -29.26 42.69 -2.19
CA PRO E 176 -30.48 41.96 -1.85
C PRO E 176 -31.54 42.70 -1.01
N SER E 177 -31.32 43.94 -0.61
CA SER E 177 -32.23 44.54 0.38
C SER E 177 -33.47 45.19 -0.24
N GLY E 178 -33.42 45.56 -1.52
CA GLY E 178 -34.49 46.33 -2.09
C GLY E 178 -34.52 47.77 -1.66
N ALA E 179 -33.50 48.22 -0.95
CA ALA E 179 -33.47 49.60 -0.51
C ALA E 179 -33.15 50.50 -1.70
N ALA E 180 -33.73 51.70 -1.70
CA ALA E 180 -33.47 52.66 -2.76
C ALA E 180 -33.28 54.03 -2.12
N TYR E 181 -32.17 54.68 -2.46
CA TYR E 181 -31.83 55.97 -1.85
C TYR E 181 -32.58 57.10 -2.53
N SER E 182 -33.27 57.90 -1.73
CA SER E 182 -33.80 59.16 -2.21
C SER E 182 -32.65 60.10 -2.60
N HIS E 183 -33.02 61.12 -3.38
CA HIS E 183 -32.05 62.15 -3.76
C HIS E 183 -31.36 62.72 -2.53
N GLU E 184 -32.11 62.93 -1.46
CA GLU E 184 -31.55 63.53 -0.24
C GLU E 184 -30.63 62.56 0.50
N GLU E 185 -30.99 61.28 0.58
CA GLU E 185 -30.10 60.33 1.23
C GLU E 185 -28.82 60.15 0.43
N LEU E 186 -28.94 60.16 -0.90
CA LEU E 186 -27.76 60.02 -1.75
C LEU E 186 -26.87 61.26 -1.65
N LYS E 187 -27.48 62.44 -1.54
CA LYS E 187 -26.72 63.67 -1.39
C LYS E 187 -25.82 63.63 -0.17
N ALA E 188 -26.32 63.06 0.95
CA ALA E 188 -25.47 62.96 2.13
C ALA E 188 -24.23 62.13 1.86
N LEU E 189 -24.35 61.13 0.97
CA LEU E 189 -23.20 60.31 0.59
C LEU E 189 -22.28 61.02 -0.38
N THR E 190 -22.85 61.69 -1.39
CA THR E 190 -21.98 62.40 -2.34
C THR E 190 -21.24 63.54 -1.66
N ASP E 191 -21.82 64.14 -0.60
CA ASP E 191 -21.09 65.15 0.15
C ASP E 191 -19.84 64.58 0.78
N VAL E 192 -19.91 63.34 1.28
CA VAL E 192 -18.73 62.67 1.80
C VAL E 192 -17.73 62.41 0.68
N LEU E 193 -18.21 61.87 -0.44
CA LEU E 193 -17.32 61.51 -1.53
C LEU E 193 -16.60 62.74 -2.08
N MET E 194 -17.26 63.90 -2.07
CA MET E 194 -16.58 65.12 -2.50
C MET E 194 -15.42 65.49 -1.59
N LYS E 195 -15.36 64.94 -0.38
CA LYS E 195 -14.25 65.17 0.53
C LYS E 195 -13.07 64.24 0.27
N HIS E 196 -13.25 63.25 -0.60
CA HIS E 196 -12.23 62.24 -0.90
C HIS E 196 -12.07 62.15 -2.42
N PRO E 197 -11.27 63.05 -3.01
CA PRO E 197 -11.32 63.24 -4.46
C PRO E 197 -10.70 62.12 -5.27
N HIS E 198 -10.00 61.18 -4.63
CA HIS E 198 -9.42 60.06 -5.35
C HIS E 198 -10.27 58.81 -5.31
N VAL E 199 -11.40 58.83 -4.60
CA VAL E 199 -12.30 57.68 -4.56
C VAL E 199 -13.23 57.76 -5.76
N TRP E 200 -13.13 56.78 -6.65
CA TRP E 200 -14.05 56.68 -7.76
C TRP E 200 -15.32 55.98 -7.32
N VAL E 201 -16.41 56.32 -7.99
CA VAL E 201 -17.73 55.75 -7.68
C VAL E 201 -18.11 54.80 -8.80
N LEU E 202 -18.45 53.56 -8.44
CA LEU E 202 -19.00 52.60 -9.38
C LEU E 202 -20.47 52.48 -9.01
N THR E 203 -21.34 53.12 -9.80
CA THR E 203 -22.77 53.10 -9.46
C THR E 203 -23.49 52.07 -10.32
N ASP E 204 -24.17 51.12 -9.66
CA ASP E 204 -24.82 50.01 -10.32
C ASP E 204 -26.32 50.33 -10.32
N ASP E 205 -26.81 50.88 -11.44
CA ASP E 205 -28.18 51.38 -11.59
C ASP E 205 -29.11 50.34 -12.22
N MET E 206 -28.74 49.08 -12.11
CA MET E 206 -29.44 47.95 -12.74
CA MET E 206 -29.45 48.01 -12.82
C MET E 206 -30.94 47.95 -12.48
N TYR E 207 -31.36 48.31 -11.26
CA TYR E 207 -32.77 48.21 -10.91
C TYR E 207 -33.48 49.56 -10.97
N GLU E 208 -32.95 50.49 -11.78
CA GLU E 208 -33.47 51.84 -11.92
C GLU E 208 -34.99 51.86 -12.14
N HIS E 209 -35.46 51.01 -13.06
CA HIS E 209 -36.84 51.05 -13.51
C HIS E 209 -37.74 50.12 -12.74
N LEU E 210 -37.24 49.56 -11.65
CA LEU E 210 -38.05 48.73 -10.75
C LEU E 210 -38.12 49.46 -9.42
N THR E 211 -38.97 50.48 -9.34
CA THR E 211 -39.20 51.24 -8.11
C THR E 211 -40.69 51.39 -7.90
N TYR E 212 -41.09 51.63 -6.66
CA TYR E 212 -42.49 51.57 -6.28
C TYR E 212 -42.99 52.91 -5.74
N GLY E 213 -44.32 53.05 -5.73
CA GLY E 213 -44.94 54.26 -5.22
C GLY E 213 -44.47 55.48 -5.97
N ASP E 214 -44.23 56.58 -5.24
CA ASP E 214 -43.75 57.81 -5.84
C ASP E 214 -42.25 58.01 -5.63
N PHE E 215 -41.52 56.95 -5.31
CA PHE E 215 -40.07 57.04 -5.27
C PHE E 215 -39.53 57.51 -6.62
N ARG E 216 -38.54 58.40 -6.56
CA ARG E 216 -37.94 58.98 -7.76
C ARG E 216 -36.46 58.60 -7.78
N PHE E 217 -36.07 57.78 -8.75
CA PHE E 217 -34.69 57.33 -8.87
C PHE E 217 -33.74 58.51 -9.13
N ALA E 218 -32.59 58.48 -8.46
CA ALA E 218 -31.52 59.43 -8.70
C ALA E 218 -30.20 58.68 -8.74
N THR E 219 -29.31 59.11 -9.64
CA THR E 219 -28.01 58.48 -9.76
C THR E 219 -26.94 59.44 -9.25
N PRO E 220 -25.83 58.91 -8.69
CA PRO E 220 -24.84 59.79 -8.06
C PRO E 220 -24.40 61.02 -8.86
N VAL E 221 -24.07 60.87 -10.16
CA VAL E 221 -23.56 62.05 -10.88
C VAL E 221 -24.67 63.07 -11.10
N GLU E 222 -25.92 62.61 -11.17
CA GLU E 222 -27.04 63.54 -11.29
C GLU E 222 -27.21 64.35 -10.02
N VAL E 223 -27.02 63.70 -8.87
CA VAL E 223 -27.16 64.38 -7.59
C VAL E 223 -25.98 65.29 -7.34
N GLU E 224 -24.78 64.85 -7.73
CA GLU E 224 -23.56 65.63 -7.53
C GLU E 224 -22.75 65.62 -8.83
N PRO E 225 -22.93 66.63 -9.69
CA PRO E 225 -22.14 66.69 -10.92
C PRO E 225 -20.63 66.73 -10.67
N GLY E 226 -20.20 67.14 -9.48
CA GLY E 226 -18.78 67.17 -9.16
C GLY E 226 -18.12 65.78 -9.14
N LEU E 227 -18.91 64.72 -9.19
CA LEU E 227 -18.39 63.36 -9.26
C LEU E 227 -18.19 62.87 -10.69
N TYR E 228 -18.55 63.70 -11.68
CA TYR E 228 -18.64 63.22 -13.06
C TYR E 228 -17.32 62.62 -13.54
N GLU E 229 -16.21 63.23 -13.17
CA GLU E 229 -14.94 62.79 -13.73
C GLU E 229 -14.33 61.61 -12.97
N ARG E 230 -15.05 61.05 -11.99
CA ARG E 230 -14.54 59.86 -11.30
CA ARG E 230 -14.55 59.88 -11.28
C ARG E 230 -15.68 58.90 -10.97
N THR E 231 -16.67 58.81 -11.85
CA THR E 231 -17.77 57.87 -11.71
C THR E 231 -17.95 57.07 -12.98
N LEU E 232 -18.09 55.75 -12.84
CA LEU E 232 -18.57 54.89 -13.91
C LEU E 232 -20.05 54.62 -13.63
N THR E 233 -20.91 55.15 -14.49
CA THR E 233 -22.36 54.97 -14.36
C THR E 233 -22.74 53.71 -15.14
N MET E 234 -23.05 52.64 -14.41
CA MET E 234 -23.29 51.32 -14.98
C MET E 234 -24.78 50.99 -14.91
N ASN E 235 -25.29 50.32 -15.94
CA ASN E 235 -26.70 49.97 -16.03
C ASN E 235 -26.79 48.79 -16.99
N GLY E 236 -28.00 48.45 -17.42
CA GLY E 236 -28.16 47.30 -18.29
C GLY E 236 -29.64 47.08 -18.58
N VAL E 237 -29.90 46.13 -19.48
CA VAL E 237 -31.27 45.81 -19.87
C VAL E 237 -31.80 44.56 -19.19
N SER E 238 -30.99 43.83 -18.43
CA SER E 238 -31.42 42.52 -17.89
C SER E 238 -32.71 42.62 -17.10
N LYS E 239 -32.75 43.51 -16.10
CA LYS E 239 -33.89 43.54 -15.19
C LYS E 239 -35.05 44.32 -15.77
N ALA E 240 -34.79 45.54 -16.26
CA ALA E 240 -35.88 46.41 -16.68
C ALA E 240 -36.66 45.82 -17.83
N TYR E 241 -35.98 45.11 -18.75
CA TYR E 241 -36.59 44.63 -19.98
C TYR E 241 -36.70 43.11 -20.02
N ALA E 242 -36.49 42.42 -18.90
CA ALA E 242 -36.56 40.96 -18.84
C ALA E 242 -35.72 40.33 -19.95
N MET E 243 -34.45 40.73 -19.95
CA MET E 243 -33.50 40.32 -20.98
C MET E 243 -32.26 39.67 -20.37
N THR E 244 -32.40 39.00 -19.22
CA THR E 244 -31.22 38.47 -18.53
C THR E 244 -30.41 37.53 -19.44
N GLY E 245 -31.10 36.65 -20.17
CA GLY E 245 -30.38 35.70 -21.03
C GLY E 245 -29.65 36.31 -22.20
N TRP E 246 -30.00 37.54 -22.58
CA TRP E 246 -29.38 38.17 -23.76
C TRP E 246 -27.97 38.65 -23.46
N ARG E 247 -27.69 39.01 -22.21
CA ARG E 247 -26.38 39.48 -21.72
C ARG E 247 -25.96 40.79 -22.40
N ILE E 248 -26.65 41.86 -22.01
CA ILE E 248 -26.25 43.21 -22.41
C ILE E 248 -26.26 44.11 -21.19
N GLY E 249 -25.06 44.59 -20.81
CA GLY E 249 -24.93 45.65 -19.84
C GLY E 249 -24.18 46.79 -20.50
N TYR E 250 -24.20 47.97 -19.86
CA TYR E 250 -23.46 49.08 -20.40
C TYR E 250 -23.05 50.05 -19.29
N ALA E 251 -22.20 51.00 -19.66
CA ALA E 251 -21.78 52.05 -18.73
C ALA E 251 -21.29 53.24 -19.53
N ALA E 252 -21.20 54.37 -18.84
CA ALA E 252 -20.56 55.55 -19.38
C ALA E 252 -19.66 56.14 -18.30
N GLY E 253 -18.55 56.73 -18.71
CA GLY E 253 -17.67 57.37 -17.78
C GLY E 253 -16.53 58.05 -18.53
N PRO E 254 -15.48 58.38 -17.79
CA PRO E 254 -14.33 59.07 -18.39
C PRO E 254 -13.66 58.25 -19.48
N LEU E 255 -13.28 58.93 -20.55
CA LEU E 255 -12.72 58.28 -21.73
C LEU E 255 -11.55 57.36 -21.38
N HIS E 256 -10.64 57.80 -20.49
CA HIS E 256 -9.46 56.99 -20.24
C HIS E 256 -9.80 55.67 -19.55
N LEU E 257 -10.90 55.64 -18.78
CA LEU E 257 -11.33 54.38 -18.19
C LEU E 257 -12.06 53.51 -19.20
N ILE E 258 -12.94 54.11 -20.00
CA ILE E 258 -13.63 53.37 -21.05
C ILE E 258 -12.62 52.70 -21.99
N LYS E 259 -11.58 53.43 -22.39
CA LYS E 259 -10.61 52.86 -23.33
C LYS E 259 -9.82 51.72 -22.69
N ALA E 260 -9.51 51.82 -21.39
CA ALA E 260 -8.89 50.71 -20.70
C ALA E 260 -9.82 49.49 -20.64
N MET E 261 -11.11 49.72 -20.35
CA MET E 261 -12.05 48.62 -20.31
C MET E 261 -12.23 48.00 -21.68
N ASP E 262 -12.20 48.82 -22.73
CA ASP E 262 -12.31 48.30 -24.09
C ASP E 262 -11.12 47.40 -24.41
N MET E 263 -9.92 47.79 -23.98
CA MET E 263 -8.75 46.95 -24.25
CA MET E 263 -8.75 46.95 -24.25
C MET E 263 -8.92 45.58 -23.62
N ILE E 264 -9.32 45.54 -22.35
CA ILE E 264 -9.50 44.25 -21.68
C ILE E 264 -10.62 43.47 -22.33
N GLN E 265 -11.74 44.12 -22.59
CA GLN E 265 -12.87 43.42 -23.21
C GLN E 265 -12.51 42.87 -24.57
N GLY E 266 -11.64 43.58 -25.30
CA GLY E 266 -11.23 43.12 -26.61
C GLY E 266 -10.44 41.83 -26.54
N GLN E 267 -9.75 41.59 -25.42
CA GLN E 267 -9.00 40.36 -25.21
C GLN E 267 -9.91 39.24 -24.71
N GLN E 268 -10.97 39.60 -23.99
CA GLN E 268 -11.82 38.61 -23.33
C GLN E 268 -12.89 38.06 -24.26
N THR E 269 -13.65 38.93 -24.91
CA THR E 269 -14.83 38.49 -25.65
C THR E 269 -14.94 39.11 -27.03
N SER E 270 -14.18 40.17 -27.31
CA SER E 270 -14.48 41.10 -28.43
C SER E 270 -15.84 41.72 -28.10
N GLY E 271 -16.60 42.14 -29.11
CA GLY E 271 -17.89 42.74 -28.81
C GLY E 271 -18.87 41.72 -28.26
N ALA E 272 -19.91 42.24 -27.60
CA ALA E 272 -21.05 41.43 -27.23
C ALA E 272 -21.78 40.97 -28.48
N ALA E 273 -22.55 39.88 -28.31
CA ALA E 273 -23.31 39.28 -29.40
C ALA E 273 -24.08 40.33 -30.19
N SER E 274 -23.90 40.33 -31.51
CA SER E 274 -24.45 41.40 -32.35
C SER E 274 -25.96 41.45 -32.27
N ILE E 275 -26.61 40.29 -32.33
CA ILE E 275 -28.06 40.23 -32.32
C ILE E 275 -28.61 40.78 -30.99
N ALA E 276 -27.93 40.47 -29.89
CA ALA E 276 -28.36 41.01 -28.60
C ALA E 276 -28.20 42.53 -28.55
N GLN E 277 -27.18 43.07 -29.23
CA GLN E 277 -27.00 44.51 -29.21
C GLN E 277 -28.15 45.21 -29.93
N TRP E 278 -28.60 44.64 -31.05
CA TRP E 278 -29.74 45.23 -31.76
C TRP E 278 -31.02 45.10 -30.96
N ALA E 279 -31.17 43.99 -30.22
CA ALA E 279 -32.30 43.88 -29.30
C ALA E 279 -32.25 45.01 -28.28
N ALA E 280 -31.05 45.32 -27.76
CA ALA E 280 -30.94 46.34 -26.73
C ALA E 280 -31.21 47.73 -27.30
N VAL E 281 -30.85 47.98 -28.57
CA VAL E 281 -31.17 49.26 -29.19
C VAL E 281 -32.66 49.53 -29.09
N GLU E 282 -33.48 48.54 -29.47
CA GLU E 282 -34.92 48.72 -29.42
C GLU E 282 -35.43 48.81 -27.98
N ALA E 283 -34.81 48.08 -27.05
CA ALA E 283 -35.20 48.19 -25.66
C ALA E 283 -35.11 49.64 -25.17
N LEU E 284 -33.98 50.30 -25.44
CA LEU E 284 -33.78 51.67 -24.97
C LEU E 284 -34.58 52.68 -25.77
N ASN E 285 -34.64 52.51 -27.10
CA ASN E 285 -35.25 53.52 -27.96
C ASN E 285 -36.75 53.36 -28.16
N GLY E 286 -37.30 52.19 -27.92
CA GLY E 286 -38.68 51.93 -28.23
C GLY E 286 -39.64 52.35 -27.14
N PRO E 287 -40.89 51.93 -27.26
CA PRO E 287 -41.89 52.27 -26.23
C PRO E 287 -41.52 51.65 -24.90
N GLN E 288 -41.88 52.36 -23.82
CA GLN E 288 -41.49 51.93 -22.47
C GLN E 288 -42.67 51.45 -21.63
N ASP E 289 -43.77 51.05 -22.28
CA ASP E 289 -44.95 50.58 -21.56
C ASP E 289 -44.67 49.40 -20.64
N PHE E 290 -43.71 48.55 -21.00
CA PHE E 290 -43.34 47.39 -20.18
C PHE E 290 -42.96 47.80 -18.77
N ILE E 291 -42.26 48.94 -18.64
CA ILE E 291 -41.76 49.40 -17.35
C ILE E 291 -42.91 49.71 -16.41
N GLY E 292 -43.90 50.48 -16.88
CA GLY E 292 -45.01 50.85 -16.02
C GLY E 292 -45.92 49.68 -15.69
N ARG E 293 -46.16 48.80 -16.65
CA ARG E 293 -46.93 47.59 -16.40
C ARG E 293 -46.31 46.78 -15.27
N ASN E 294 -44.99 46.59 -15.31
CA ASN E 294 -44.36 45.70 -14.34
C ASN E 294 -44.25 46.32 -12.96
N LYS E 295 -44.15 47.66 -12.88
CA LYS E 295 -44.17 48.32 -11.58
C LYS E 295 -45.43 47.94 -10.80
N GLU E 296 -46.57 47.86 -11.48
CA GLU E 296 -47.81 47.50 -10.82
C GLU E 296 -47.84 46.03 -10.42
N ILE E 297 -47.37 45.14 -11.30
CA ILE E 297 -47.35 43.70 -10.98
C ILE E 297 -46.42 43.43 -9.82
N PHE E 298 -45.21 43.97 -9.88
CA PHE E 298 -44.22 43.77 -8.81
C PHE E 298 -44.67 44.42 -7.50
N GLN E 299 -45.34 45.56 -7.55
CA GLN E 299 -45.75 46.19 -6.30
C GLN E 299 -46.79 45.33 -5.59
N GLY E 300 -47.72 44.73 -6.33
CA GLY E 300 -48.67 43.81 -5.71
C GLY E 300 -47.98 42.62 -5.06
N ARG E 301 -46.97 42.06 -5.73
CA ARG E 301 -46.23 40.95 -5.17
C ARG E 301 -45.44 41.38 -3.94
N ARG E 302 -44.82 42.55 -4.00
CA ARG E 302 -44.13 43.09 -2.82
C ARG E 302 -45.07 43.18 -1.63
N ASP E 303 -46.24 43.80 -1.84
CA ASP E 303 -47.19 43.98 -0.75
C ASP E 303 -47.64 42.66 -0.15
N LEU E 304 -47.91 41.67 -1.01
CA LEU E 304 -48.33 40.34 -0.54
C LEU E 304 -47.28 39.75 0.38
N VAL E 305 -46.01 39.78 -0.05
CA VAL E 305 -44.93 39.15 0.71
C VAL E 305 -44.67 39.91 2.00
N VAL E 306 -44.65 41.25 1.94
CA VAL E 306 -44.46 42.05 3.14
C VAL E 306 -45.55 41.76 4.15
N SER E 307 -46.79 41.66 3.69
CA SER E 307 -47.91 41.39 4.59
C SER E 307 -47.77 40.03 5.25
N MET E 308 -47.49 39.00 4.45
CA MET E 308 -47.48 37.64 4.99
C MET E 308 -46.26 37.41 5.88
N LEU E 309 -45.10 37.94 5.48
CA LEU E 309 -43.91 37.77 6.33
C LEU E 309 -44.07 38.45 7.68
N ASN E 310 -44.71 39.62 7.72
CA ASN E 310 -44.89 40.28 9.01
C ASN E 310 -45.96 39.62 9.86
N GLN E 311 -46.70 38.64 9.33
CA GLN E 311 -47.58 37.81 10.15
C GLN E 311 -46.87 36.61 10.76
N ALA E 312 -45.71 36.25 10.23
CA ALA E 312 -44.98 35.08 10.69
C ALA E 312 -44.29 35.34 12.03
N LYS E 313 -44.36 34.36 12.92
CA LYS E 313 -43.77 34.46 14.24
C LYS E 313 -42.26 34.67 14.18
N GLY E 314 -41.78 35.73 14.82
CA GLY E 314 -40.36 36.00 14.86
C GLY E 314 -39.76 36.61 13.63
N ILE E 315 -40.59 37.04 12.67
CA ILE E 315 -40.13 37.64 11.42
C ILE E 315 -40.54 39.12 11.40
N SER E 316 -39.62 39.98 10.95
CA SER E 316 -39.89 41.39 10.70
C SER E 316 -39.43 41.71 9.29
N CYS E 317 -40.28 42.31 8.48
CA CYS E 317 -39.95 42.57 7.07
C CYS E 317 -40.16 44.03 6.68
N PRO E 318 -39.10 44.78 6.38
CA PRO E 318 -39.29 46.16 5.92
C PRO E 318 -39.87 46.15 4.50
N THR E 319 -40.54 47.25 4.16
CA THR E 319 -41.11 47.43 2.84
C THR E 319 -40.05 48.06 1.92
N PRO E 320 -39.56 47.34 0.93
CA PRO E 320 -38.50 47.89 0.06
C PRO E 320 -39.09 48.88 -0.93
N GLU E 321 -38.22 49.73 -1.47
CA GLU E 321 -38.67 50.70 -2.46
C GLU E 321 -38.24 50.38 -3.87
N GLY E 322 -37.42 49.35 -4.08
CA GLY E 322 -37.01 49.03 -5.44
C GLY E 322 -36.47 47.62 -5.56
N ALA E 323 -36.08 47.27 -6.79
CA ALA E 323 -35.69 45.92 -7.16
C ALA E 323 -36.85 44.95 -6.90
N PHE E 324 -36.58 43.67 -6.72
CA PHE E 324 -37.68 42.75 -6.40
C PHE E 324 -37.29 41.76 -5.31
N TYR E 325 -36.64 42.28 -4.27
CA TYR E 325 -36.23 41.50 -3.11
C TYR E 325 -36.79 42.12 -1.84
N VAL E 326 -37.03 41.27 -0.85
CA VAL E 326 -37.22 41.68 0.53
C VAL E 326 -36.12 41.04 1.35
N TYR E 327 -35.81 41.66 2.49
CA TYR E 327 -34.69 41.23 3.32
C TYR E 327 -35.14 41.09 4.76
N PRO E 328 -36.15 40.26 5.02
CA PRO E 328 -36.70 40.15 6.38
C PRO E 328 -35.67 39.68 7.41
N SER E 329 -35.91 40.04 8.67
CA SER E 329 -35.11 39.55 9.79
C SER E 329 -35.76 38.29 10.39
N CYS E 330 -34.92 37.30 10.72
CA CYS E 330 -35.36 36.18 11.55
C CYS E 330 -34.78 36.27 12.96
N ALA E 331 -34.46 37.48 13.41
CA ALA E 331 -33.87 37.66 14.74
C ALA E 331 -34.78 37.09 15.82
N GLY E 332 -36.09 37.16 15.62
CA GLY E 332 -37.02 36.66 16.60
C GLY E 332 -37.05 35.15 16.73
N LEU E 333 -36.43 34.42 15.81
CA LEU E 333 -36.33 32.98 15.90
C LEU E 333 -34.97 32.49 16.37
N ILE E 334 -34.01 33.40 16.56
CA ILE E 334 -32.67 32.95 16.93
C ILE E 334 -32.70 32.39 18.34
N GLY E 335 -32.12 31.22 18.52
CA GLY E 335 -32.16 30.56 19.81
C GLY E 335 -33.37 29.69 20.04
N LYS E 336 -34.30 29.65 19.10
CA LYS E 336 -35.48 28.81 19.24
C LYS E 336 -35.23 27.48 18.55
N THR E 337 -36.07 26.50 18.85
CA THR E 337 -35.88 25.15 18.34
C THR E 337 -36.78 24.92 17.14
N ALA E 338 -36.17 24.58 16.00
CA ALA E 338 -36.91 24.24 14.81
C ALA E 338 -37.69 22.94 15.02
N PRO E 339 -38.69 22.67 14.17
CA PRO E 339 -39.44 21.40 14.29
C PRO E 339 -38.56 20.16 14.27
N SER E 340 -37.42 20.20 13.58
CA SER E 340 -36.53 19.05 13.55
C SER E 340 -35.83 18.78 14.87
N GLY E 341 -35.89 19.72 15.82
CA GLY E 341 -35.07 19.69 17.01
C GLY E 341 -33.82 20.55 16.91
N LYS E 342 -33.50 21.03 15.71
CA LYS E 342 -32.33 21.87 15.50
C LYS E 342 -32.52 23.21 16.20
N VAL E 343 -31.60 23.55 17.12
CA VAL E 343 -31.61 24.89 17.67
C VAL E 343 -31.11 25.87 16.61
N ILE E 344 -31.90 26.90 16.34
CA ILE E 344 -31.59 27.91 15.33
C ILE E 344 -30.63 28.92 15.94
N GLU E 345 -29.34 28.80 15.64
CA GLU E 345 -28.34 29.72 16.17
C GLU E 345 -28.00 30.85 15.22
N THR E 346 -28.21 30.67 13.92
CA THR E 346 -27.82 31.64 12.92
C THR E 346 -28.90 31.70 11.85
N ASP E 347 -28.82 32.72 11.00
CA ASP E 347 -29.76 32.78 9.89
C ASP E 347 -29.49 31.65 8.90
N GLU E 348 -28.25 31.16 8.82
CA GLU E 348 -27.98 29.99 7.99
C GLU E 348 -28.75 28.78 8.49
N ASP E 349 -28.83 28.61 9.82
CA ASP E 349 -29.63 27.53 10.40
C ASP E 349 -31.11 27.69 10.04
N PHE E 350 -31.64 28.91 10.19
CA PHE E 350 -33.05 29.13 9.87
C PHE E 350 -33.33 28.76 8.42
N VAL E 351 -32.49 29.21 7.50
CA VAL E 351 -32.76 29.01 6.07
CA VAL E 351 -32.81 29.00 6.09
C VAL E 351 -32.65 27.53 5.70
N SER E 352 -31.68 26.82 6.27
CA SER E 352 -31.51 25.43 5.89
C SER E 352 -32.59 24.55 6.50
N GLU E 353 -33.07 24.91 7.71
CA GLU E 353 -34.19 24.16 8.29
C GLU E 353 -35.49 24.45 7.53
N LEU E 354 -35.67 25.70 7.10
CA LEU E 354 -36.86 26.03 6.32
C LEU E 354 -36.89 25.27 5.01
N LEU E 355 -35.74 25.13 4.34
CA LEU E 355 -35.70 24.39 3.09
C LEU E 355 -36.05 22.92 3.30
N GLU E 356 -35.39 22.27 4.27
CA GLU E 356 -35.63 20.84 4.47
C GLU E 356 -37.05 20.57 4.95
N THR E 357 -37.56 21.41 5.83
CA THR E 357 -38.87 21.13 6.42
C THR E 357 -40.02 21.53 5.50
N GLU E 358 -39.92 22.70 4.85
CA GLU E 358 -41.03 23.21 4.07
C GLU E 358 -40.76 23.27 2.56
N GLY E 359 -39.53 22.98 2.12
CA GLY E 359 -39.24 23.08 0.70
C GLY E 359 -39.25 24.49 0.15
N VAL E 360 -39.03 25.51 0.97
CA VAL E 360 -38.95 26.89 0.51
C VAL E 360 -37.48 27.29 0.52
N ALA E 361 -36.94 27.69 -0.64
CA ALA E 361 -35.52 28.02 -0.80
C ALA E 361 -35.33 29.53 -0.78
N VAL E 362 -34.61 30.02 0.23
CA VAL E 362 -34.17 31.40 0.35
C VAL E 362 -32.69 31.37 0.71
N VAL E 363 -32.05 32.55 0.78
CA VAL E 363 -30.63 32.63 1.09
C VAL E 363 -30.43 33.41 2.38
N HIS E 364 -29.59 32.89 3.27
CA HIS E 364 -29.40 33.53 4.57
C HIS E 364 -28.65 34.85 4.41
N GLY E 365 -29.00 35.81 5.27
CA GLY E 365 -28.47 37.16 5.15
C GLY E 365 -26.98 37.25 5.37
N SER E 366 -26.43 36.42 6.26
CA SER E 366 -25.00 36.47 6.51
C SER E 366 -24.20 36.22 5.22
N ALA E 367 -24.77 35.52 4.24
CA ALA E 367 -24.07 35.35 2.97
C ALA E 367 -23.89 36.67 2.23
N PHE E 368 -24.77 37.64 2.47
CA PHE E 368 -24.67 38.98 1.88
C PHE E 368 -24.03 39.97 2.84
N GLY E 369 -23.49 39.49 3.95
CA GLY E 369 -22.78 40.35 4.88
C GLY E 369 -23.63 40.98 5.97
N LEU E 370 -24.91 40.63 6.07
CA LEU E 370 -25.76 41.20 7.11
C LEU E 370 -26.87 40.22 7.50
N GLY E 371 -26.83 39.76 8.76
CA GLY E 371 -27.93 39.00 9.33
C GLY E 371 -28.25 39.44 10.75
N PRO E 372 -29.14 38.72 11.44
CA PRO E 372 -29.85 37.52 10.97
C PRO E 372 -31.03 37.89 10.09
N ASN E 373 -30.88 37.60 8.81
CA ASN E 373 -31.84 37.97 7.80
C ASN E 373 -31.92 36.84 6.79
N PHE E 374 -32.83 36.98 5.83
CA PHE E 374 -32.82 36.14 4.65
C PHE E 374 -33.41 36.93 3.50
N ARG E 375 -32.96 36.62 2.29
CA ARG E 375 -33.44 37.29 1.09
C ARG E 375 -34.55 36.49 0.43
N ILE E 376 -35.63 37.17 0.05
CA ILE E 376 -36.65 36.58 -0.81
C ILE E 376 -36.74 37.40 -2.08
N SER E 377 -36.67 36.75 -3.23
CA SER E 377 -37.00 37.39 -4.49
C SER E 377 -38.46 37.09 -4.80
N TYR E 378 -39.22 38.14 -5.10
CA TYR E 378 -40.62 37.96 -5.47
C TYR E 378 -40.82 38.11 -6.97
N ALA E 379 -39.79 37.79 -7.76
CA ALA E 379 -39.93 37.63 -9.20
C ALA E 379 -40.51 36.26 -9.52
N THR E 380 -41.63 35.90 -8.91
CA THR E 380 -42.34 34.67 -9.25
C THR E 380 -43.82 34.93 -9.01
N SER E 381 -44.65 33.94 -9.33
CA SER E 381 -46.08 34.21 -9.38
C SER E 381 -46.64 34.48 -8.00
N GLU E 382 -47.78 35.18 -7.97
CA GLU E 382 -48.43 35.46 -6.71
CA GLU E 382 -48.42 35.46 -6.69
C GLU E 382 -48.85 34.17 -6.01
N ALA E 383 -49.33 33.20 -6.79
CA ALA E 383 -49.76 31.92 -6.22
C ALA E 383 -48.59 31.21 -5.54
N LEU E 384 -47.41 31.24 -6.16
CA LEU E 384 -46.24 30.64 -5.55
C LEU E 384 -45.78 31.42 -4.33
N LEU E 385 -45.87 32.75 -4.38
CA LEU E 385 -45.46 33.55 -3.23
C LEU E 385 -46.38 33.30 -2.03
N GLU E 386 -47.69 33.23 -2.28
CA GLU E 386 -48.62 32.98 -1.18
CA GLU E 386 -48.63 32.97 -1.19
C GLU E 386 -48.36 31.62 -0.54
N GLU E 387 -48.14 30.59 -1.38
CA GLU E 387 -47.92 29.26 -0.82
C GLU E 387 -46.60 29.23 -0.03
N ALA E 388 -45.54 29.83 -0.58
CA ALA E 388 -44.27 29.86 0.14
C ALA E 388 -44.41 30.63 1.47
N CYS E 389 -45.13 31.75 1.48
CA CYS E 389 -45.22 32.50 2.72
C CYS E 389 -46.12 31.81 3.73
N ARG E 390 -47.13 31.08 3.26
CA ARG E 390 -47.93 30.25 4.15
C ARG E 390 -47.09 29.18 4.80
N ARG E 391 -46.21 28.53 4.02
CA ARG E 391 -45.27 27.56 4.58
C ARG E 391 -44.31 28.22 5.57
N ILE E 392 -43.82 29.42 5.26
CA ILE E 392 -42.95 30.14 6.18
C ILE E 392 -43.67 30.40 7.50
N GLN E 393 -44.91 30.88 7.42
CA GLN E 393 -45.70 31.10 8.63
C GLN E 393 -45.83 29.82 9.44
N ARG E 394 -46.20 28.72 8.77
CA ARG E 394 -46.39 27.45 9.48
C ARG E 394 -45.09 26.99 10.14
N PHE E 395 -43.96 27.14 9.42
CA PHE E 395 -42.66 26.80 10.00
C PHE E 395 -42.34 27.64 11.23
N CYS E 396 -42.50 28.96 11.13
CA CYS E 396 -42.14 29.84 12.23
C CYS E 396 -43.04 29.60 13.44
N ALA E 397 -44.32 29.32 13.21
CA ALA E 397 -45.22 29.01 14.33
C ALA E 397 -44.82 27.73 15.06
N ALA E 398 -44.15 26.82 14.36
CA ALA E 398 -43.73 25.55 14.95
C ALA E 398 -42.41 25.64 15.67
N CYS E 399 -41.67 26.74 15.50
CA CYS E 399 -40.44 26.97 16.24
C CYS E 399 -40.76 27.35 17.68
N ARG E 400 -40.09 26.70 18.63
CA ARG E 400 -40.36 26.96 20.03
C ARG E 400 -39.08 27.30 20.79
N ALA F 2 -1.15 54.27 -9.70
CA ALA F 2 -2.00 55.07 -10.56
C ALA F 2 -3.41 54.50 -10.56
N PHE F 3 -4.34 55.23 -11.18
CA PHE F 3 -5.73 54.75 -11.23
C PHE F 3 -5.85 53.48 -12.06
N LEU F 4 -5.34 53.50 -13.30
CA LEU F 4 -5.38 52.29 -14.09
C LEU F 4 -4.38 51.27 -13.55
N ALA F 5 -4.71 49.99 -13.72
CA ALA F 5 -3.90 48.92 -13.16
C ALA F 5 -2.54 48.87 -13.85
N ASP F 6 -1.51 48.57 -13.06
CA ASP F 6 -0.17 48.40 -13.63
C ASP F 6 -0.15 47.32 -14.70
N ALA F 7 -0.97 46.28 -14.53
CA ALA F 7 -0.94 45.16 -15.46
C ALA F 7 -1.25 45.57 -16.90
N LEU F 8 -1.96 46.69 -17.10
CA LEU F 8 -2.32 47.09 -18.46
C LEU F 8 -1.10 47.42 -19.31
N SER F 9 -0.01 47.83 -18.67
CA SER F 9 1.18 48.20 -19.45
C SER F 9 1.85 47.00 -20.10
N ARG F 10 1.60 45.78 -19.59
CA ARG F 10 2.21 44.59 -20.16
C ARG F 10 1.74 44.33 -21.59
N VAL F 11 0.64 44.93 -22.02
CA VAL F 11 0.09 44.74 -23.36
C VAL F 11 0.63 45.84 -24.26
N LYS F 12 1.42 45.46 -25.26
CA LYS F 12 2.01 46.42 -26.17
C LYS F 12 0.95 46.96 -27.13
N PRO F 13 1.14 48.18 -27.63
CA PRO F 13 0.16 48.74 -28.58
C PRO F 13 0.09 47.87 -29.82
N SER F 14 -1.12 47.76 -30.38
CA SER F 14 -1.30 46.90 -31.53
C SER F 14 -0.60 47.47 -32.76
N ALA F 15 -0.26 46.58 -33.68
CA ALA F 15 -0.03 46.98 -35.06
C ALA F 15 -1.21 46.66 -35.95
N THR F 16 -2.07 45.71 -35.53
CA THR F 16 -3.19 45.28 -36.34
C THR F 16 -4.26 46.35 -36.41
N ILE F 17 -4.54 47.02 -35.30
CA ILE F 17 -5.52 48.11 -35.31
C ILE F 17 -4.96 49.33 -36.04
N ALA F 18 -3.65 49.55 -35.95
CA ALA F 18 -3.04 50.72 -36.57
C ALA F 18 -3.22 50.70 -38.08
N VAL F 19 -2.99 49.54 -38.71
CA VAL F 19 -3.10 49.44 -40.16
C VAL F 19 -4.55 49.66 -40.60
N SER F 20 -5.51 49.15 -39.82
CA SER F 20 -6.91 49.29 -40.18
C SER F 20 -7.36 50.75 -40.14
N GLN F 21 -6.73 51.57 -39.32
CA GLN F 21 -7.13 52.97 -39.22
C GLN F 21 -6.74 53.73 -40.48
N LYS F 22 -5.52 53.50 -40.97
CA LYS F 22 -5.08 54.16 -42.20
C LYS F 22 -5.97 53.77 -43.38
N ALA F 23 -6.56 52.57 -43.34
CA ALA F 23 -7.49 52.16 -44.38
C ALA F 23 -8.84 52.88 -44.24
N ARG F 24 -9.27 53.13 -43.00
CA ARG F 24 -10.51 53.86 -42.78
C ARG F 24 -10.35 55.33 -43.14
N GLU F 25 -9.20 55.93 -42.82
CA GLU F 25 -8.94 57.30 -43.22
C GLU F 25 -8.92 57.44 -44.74
N LEU F 26 -8.23 56.51 -45.41
CA LEU F 26 -8.18 56.54 -46.87
C LEU F 26 -9.57 56.43 -47.49
N LYS F 27 -10.42 55.55 -46.95
CA LYS F 27 -11.77 55.42 -47.48
C LYS F 27 -12.60 56.65 -47.20
N ALA F 28 -12.35 57.32 -46.07
CA ALA F 28 -13.05 58.55 -45.74
C ALA F 28 -12.69 59.68 -46.70
N LYS F 29 -11.51 59.64 -47.30
CA LYS F 29 -11.09 60.65 -48.26
C LYS F 29 -11.50 60.33 -49.69
N GLY F 30 -12.31 59.29 -49.88
CA GLY F 30 -12.81 58.94 -51.20
C GLY F 30 -11.96 57.96 -51.98
N ARG F 31 -11.00 57.30 -51.34
CA ARG F 31 -10.18 56.32 -52.04
C ARG F 31 -10.94 55.01 -52.16
N ASP F 32 -10.67 54.29 -53.25
CA ASP F 32 -11.18 52.95 -53.48
C ASP F 32 -10.28 51.99 -52.74
N VAL F 33 -10.75 51.48 -51.60
CA VAL F 33 -9.96 50.60 -50.74
C VAL F 33 -10.59 49.22 -50.72
N ILE F 34 -9.78 48.20 -50.97
CA ILE F 34 -10.18 46.81 -50.84
C ILE F 34 -9.53 46.28 -49.56
N GLY F 35 -10.35 45.95 -48.58
CA GLY F 35 -9.83 45.40 -47.34
C GLY F 35 -9.69 43.88 -47.37
N LEU F 36 -8.46 43.39 -47.25
CA LEU F 36 -8.17 41.97 -47.14
C LEU F 36 -7.53 41.66 -45.80
N GLY F 37 -7.64 42.57 -44.84
CA GLY F 37 -6.92 42.45 -43.59
C GLY F 37 -7.70 41.91 -42.42
N ALA F 38 -8.94 41.45 -42.63
CA ALA F 38 -9.78 40.98 -41.53
C ALA F 38 -9.81 39.45 -41.48
N GLY F 39 -10.60 38.92 -40.56
CA GLY F 39 -10.68 37.48 -40.40
C GLY F 39 -12.09 36.98 -40.15
N GLU F 40 -13.00 37.21 -41.08
CA GLU F 40 -14.33 36.67 -40.87
C GLU F 40 -14.99 36.37 -42.20
N PRO F 41 -15.87 35.36 -42.22
CA PRO F 41 -16.49 34.93 -43.48
C PRO F 41 -17.35 36.02 -44.10
N ASP F 42 -17.29 36.12 -45.41
CA ASP F 42 -18.17 37.04 -46.11
C ASP F 42 -19.60 36.52 -46.16
N PHE F 43 -19.80 35.20 -46.13
CA PHE F 43 -21.14 34.65 -46.17
C PHE F 43 -21.88 34.95 -44.86
N ASP F 44 -23.21 34.99 -44.95
CA ASP F 44 -24.07 35.18 -43.81
C ASP F 44 -24.29 33.86 -43.08
N THR F 45 -24.76 33.96 -41.85
CA THR F 45 -25.09 32.77 -41.08
C THR F 45 -26.14 31.94 -41.82
N PRO F 46 -25.95 30.62 -41.93
CA PRO F 46 -26.94 29.77 -42.61
C PRO F 46 -28.35 29.89 -42.06
N ASP F 47 -29.33 29.72 -42.95
CA ASP F 47 -30.74 29.91 -42.60
C ASP F 47 -31.22 28.93 -41.52
N ASN F 48 -30.66 27.72 -41.48
CA ASN F 48 -31.10 26.79 -40.43
C ASN F 48 -30.64 27.23 -39.05
N ILE F 49 -29.45 27.85 -38.95
CA ILE F 49 -29.02 28.36 -37.67
C ILE F 49 -29.79 29.63 -37.31
N LYS F 50 -30.06 30.48 -38.31
CA LYS F 50 -30.90 31.65 -38.05
C LYS F 50 -32.28 31.22 -37.54
N LYS F 51 -32.88 30.22 -38.18
CA LYS F 51 -34.20 29.74 -37.79
C LYS F 51 -34.21 29.23 -36.36
N ALA F 52 -33.14 28.54 -35.95
CA ALA F 52 -33.07 28.03 -34.58
C ALA F 52 -32.92 29.17 -33.58
N ALA F 53 -32.17 30.21 -33.94
CA ALA F 53 -32.12 31.42 -33.11
C ALA F 53 -33.50 32.07 -33.01
N ILE F 54 -34.19 32.22 -34.13
CA ILE F 54 -35.50 32.85 -34.11
C ILE F 54 -36.47 32.03 -33.28
N ASP F 55 -36.40 30.70 -33.41
CA ASP F 55 -37.27 29.83 -32.61
C ASP F 55 -37.01 29.98 -31.12
N ALA F 56 -35.73 30.10 -30.73
CA ALA F 56 -35.41 30.29 -29.32
C ALA F 56 -35.95 31.63 -28.81
N ILE F 57 -35.79 32.70 -29.60
CA ILE F 57 -36.36 34.00 -29.24
C ILE F 57 -37.86 33.88 -29.07
N ASP F 58 -38.51 33.19 -30.01
CA ASP F 58 -39.96 33.09 -30.05
C ASP F 58 -40.51 32.40 -28.81
N ARG F 59 -39.91 31.27 -28.42
CA ARG F 59 -40.44 30.51 -27.30
C ARG F 59 -39.89 30.97 -25.95
N GLY F 60 -39.09 32.03 -25.95
CA GLY F 60 -38.68 32.65 -24.71
C GLY F 60 -37.47 32.05 -24.03
N GLU F 61 -36.46 31.61 -24.80
CA GLU F 61 -35.18 31.20 -24.21
C GLU F 61 -34.33 32.43 -23.90
N THR F 62 -34.84 33.25 -22.97
CA THR F 62 -34.36 34.59 -22.71
C THR F 62 -33.86 34.76 -21.28
N LYS F 63 -33.61 33.65 -20.58
CA LYS F 63 -33.26 33.62 -19.18
C LYS F 63 -31.79 33.28 -19.01
N TYR F 64 -31.26 33.56 -17.82
CA TYR F 64 -29.94 33.10 -17.45
C TYR F 64 -29.80 31.61 -17.74
N THR F 65 -28.64 31.21 -18.23
CA THR F 65 -28.31 29.80 -18.45
C THR F 65 -27.29 29.36 -17.42
N PRO F 66 -27.05 28.05 -17.29
CA PRO F 66 -25.89 27.62 -16.50
C PRO F 66 -24.66 28.30 -17.06
N VAL F 67 -23.71 28.62 -16.19
CA VAL F 67 -22.57 29.43 -16.60
C VAL F 67 -21.79 28.72 -17.71
N SER F 68 -21.68 27.40 -17.62
CA SER F 68 -20.89 26.65 -18.60
C SER F 68 -21.67 26.32 -19.86
N GLY F 69 -22.95 26.66 -19.91
CA GLY F 69 -23.71 26.50 -21.14
C GLY F 69 -24.99 25.72 -20.96
N ILE F 70 -25.97 25.93 -21.84
CA ILE F 70 -27.19 25.13 -21.76
C ILE F 70 -26.85 23.67 -21.99
N PRO F 71 -27.54 22.74 -21.34
CA PRO F 71 -27.18 21.33 -21.50
C PRO F 71 -27.27 20.85 -22.94
N GLU F 72 -28.22 21.36 -23.72
CA GLU F 72 -28.35 20.92 -25.10
C GLU F 72 -27.09 21.22 -25.92
N LEU F 73 -26.40 22.29 -25.57
CA LEU F 73 -25.22 22.70 -26.31
C LEU F 73 -23.99 21.96 -25.79
N ARG F 74 -23.89 21.78 -24.47
CA ARG F 74 -22.79 21.00 -23.94
C ARG F 74 -22.86 19.55 -24.44
N GLU F 75 -24.07 19.00 -24.54
CA GLU F 75 -24.22 17.67 -25.12
C GLU F 75 -23.87 17.67 -26.61
N ALA F 76 -24.31 18.69 -27.35
CA ALA F 76 -23.98 18.80 -28.77
C ALA F 76 -22.48 18.88 -28.99
N ILE F 77 -21.78 19.59 -28.10
CA ILE F 77 -20.33 19.70 -28.18
C ILE F 77 -19.67 18.36 -27.92
N ALA F 78 -20.08 17.66 -26.86
CA ALA F 78 -19.51 16.34 -26.58
C ALA F 78 -19.71 15.41 -27.76
N LYS F 79 -20.87 15.46 -28.41
CA LYS F 79 -21.14 14.61 -29.55
C LYS F 79 -20.34 15.03 -30.77
N LYS F 80 -20.09 16.33 -30.94
CA LYS F 80 -19.28 16.77 -32.07
C LYS F 80 -17.83 16.29 -31.93
N PHE F 81 -17.27 16.39 -30.72
CA PHE F 81 -15.91 15.92 -30.52
C PHE F 81 -15.79 14.43 -30.80
N LYS F 82 -16.82 13.64 -30.47
CA LYS F 82 -16.78 12.22 -30.77
C LYS F 82 -16.99 11.95 -32.25
N ARG F 83 -18.03 12.55 -32.82
CA ARG F 83 -18.38 12.30 -34.22
C ARG F 83 -17.29 12.77 -35.17
N GLU F 84 -16.76 13.98 -34.95
CA GLU F 84 -15.83 14.59 -35.89
C GLU F 84 -14.37 14.38 -35.53
N ASN F 85 -14.04 14.23 -34.25
CA ASN F 85 -12.63 14.13 -33.86
C ASN F 85 -12.28 12.85 -33.13
N ASN F 86 -13.22 11.90 -33.01
CA ASN F 86 -13.06 10.63 -32.26
CA ASN F 86 -12.99 10.63 -32.30
C ASN F 86 -12.43 10.84 -30.90
N LEU F 87 -12.85 11.91 -30.22
CA LEU F 87 -12.46 12.18 -28.85
C LEU F 87 -13.61 11.82 -27.90
N ASP F 88 -13.26 11.36 -26.70
CA ASP F 88 -14.23 10.89 -25.70
C ASP F 88 -14.32 11.91 -24.56
N TYR F 89 -15.32 12.78 -24.63
CA TYR F 89 -15.63 13.72 -23.55
C TYR F 89 -17.09 13.57 -23.18
N THR F 90 -17.39 13.79 -21.89
CA THR F 90 -18.78 13.93 -21.47
C THR F 90 -19.20 15.40 -21.55
N ALA F 91 -20.51 15.62 -21.41
CA ALA F 91 -21.02 16.99 -21.42
C ALA F 91 -20.47 17.78 -20.23
N ALA F 92 -20.15 17.09 -19.12
CA ALA F 92 -19.64 17.79 -17.94
C ALA F 92 -18.25 18.36 -18.18
N GLN F 93 -17.53 17.85 -19.17
CA GLN F 93 -16.20 18.30 -19.49
C GLN F 93 -16.17 19.43 -20.49
N THR F 94 -17.32 19.94 -20.91
CA THR F 94 -17.38 20.99 -21.90
C THR F 94 -17.71 22.33 -21.26
N ILE F 95 -17.37 23.39 -21.96
CA ILE F 95 -17.70 24.74 -21.51
C ILE F 95 -17.99 25.59 -22.72
N VAL F 96 -19.02 26.42 -22.63
CA VAL F 96 -19.42 27.35 -23.67
C VAL F 96 -19.04 28.76 -23.23
N GLY F 97 -18.33 29.50 -24.10
CA GLY F 97 -17.92 30.86 -23.80
C GLY F 97 -18.38 31.86 -24.86
N THR F 98 -18.25 33.14 -24.50
CA THR F 98 -18.58 34.25 -25.37
C THR F 98 -17.44 34.41 -26.37
N GLY F 99 -17.49 33.55 -27.37
CA GLY F 99 -16.46 33.47 -28.37
C GLY F 99 -15.36 32.50 -27.98
N GLY F 100 -14.63 32.03 -28.99
CA GLY F 100 -13.42 31.33 -28.71
C GLY F 100 -12.47 32.15 -27.87
N LYS F 101 -12.49 33.48 -28.05
CA LYS F 101 -11.61 34.34 -27.27
C LYS F 101 -11.78 34.15 -25.77
N GLN F 102 -13.03 34.05 -25.29
CA GLN F 102 -13.22 33.93 -23.85
C GLN F 102 -12.72 32.60 -23.31
N ILE F 103 -12.82 31.54 -24.12
CA ILE F 103 -12.25 30.25 -23.75
C ILE F 103 -10.74 30.38 -23.58
N LEU F 104 -10.07 30.94 -24.59
CA LEU F 104 -8.64 31.16 -24.49
C LEU F 104 -8.30 32.05 -23.30
N PHE F 105 -9.00 33.17 -23.16
CA PHE F 105 -8.66 34.11 -22.10
C PHE F 105 -8.74 33.45 -20.74
N ASN F 106 -9.82 32.71 -20.48
CA ASN F 106 -10.00 32.16 -19.15
C ASN F 106 -9.17 30.91 -18.90
N ALA F 107 -8.82 30.16 -19.95
CA ALA F 107 -7.79 29.14 -19.78
C ALA F 107 -6.51 29.75 -19.21
N PHE F 108 -6.09 30.90 -19.74
CA PHE F 108 -4.91 31.58 -19.23
C PHE F 108 -5.16 32.23 -17.88
N MET F 109 -6.31 32.90 -17.72
CA MET F 109 -6.56 33.57 -16.44
C MET F 109 -6.67 32.57 -15.29
N ALA F 110 -7.18 31.37 -15.56
CA ALA F 110 -7.31 30.37 -14.52
C ALA F 110 -6.00 29.69 -14.16
N THR F 111 -4.93 29.89 -14.95
CA THR F 111 -3.71 29.10 -14.75
C THR F 111 -2.43 29.91 -14.57
N LEU F 112 -2.32 31.08 -15.21
CA LEU F 112 -1.01 31.73 -15.27
C LEU F 112 -0.64 32.41 -13.96
N ASN F 113 0.54 32.09 -13.46
CA ASN F 113 1.23 32.80 -12.40
C ASN F 113 2.43 33.55 -12.95
N PRO F 114 2.88 34.61 -12.29
CA PRO F 114 4.12 35.26 -12.71
C PRO F 114 5.25 34.24 -12.89
N GLY F 115 5.96 34.37 -14.01
CA GLY F 115 7.01 33.43 -14.35
C GLY F 115 6.59 32.28 -15.25
N ASP F 116 5.31 31.97 -15.33
CA ASP F 116 4.85 30.88 -16.18
C ASP F 116 5.07 31.22 -17.65
N GLU F 117 5.69 30.31 -18.38
CA GLU F 117 5.97 30.57 -19.79
C GLU F 117 4.94 29.88 -20.67
N VAL F 118 4.62 30.52 -21.79
CA VAL F 118 3.68 29.98 -22.75
C VAL F 118 4.37 29.95 -24.11
N VAL F 119 4.56 28.75 -24.65
CA VAL F 119 5.26 28.60 -25.92
C VAL F 119 4.29 28.83 -27.06
N ILE F 120 4.60 29.81 -27.91
CA ILE F 120 3.71 30.24 -28.98
C ILE F 120 4.46 30.22 -30.30
N PRO F 121 4.13 29.31 -31.21
CA PRO F 121 4.83 29.28 -32.50
C PRO F 121 4.53 30.54 -33.31
N ALA F 122 5.55 31.04 -34.02
CA ALA F 122 5.40 32.16 -34.93
C ALA F 122 5.36 31.64 -36.37
N PRO F 123 4.55 32.24 -37.26
CA PRO F 123 3.72 33.40 -36.99
C PRO F 123 2.51 33.07 -36.11
N TYR F 124 2.08 34.02 -35.27
CA TYR F 124 1.01 33.77 -34.32
C TYR F 124 -0.12 34.78 -34.47
N TRP F 125 -1.32 34.30 -34.18
CA TRP F 125 -2.44 35.19 -33.92
C TRP F 125 -2.05 36.14 -32.81
N VAL F 126 -2.15 37.44 -33.05
CA VAL F 126 -1.59 38.41 -32.12
CA VAL F 126 -1.60 38.43 -32.12
C VAL F 126 -2.24 38.33 -30.75
N SER F 127 -3.47 37.83 -30.67
CA SER F 127 -4.16 37.80 -29.38
C SER F 127 -3.50 36.86 -28.39
N TYR F 128 -2.82 35.79 -28.87
CA TYR F 128 -2.21 34.84 -27.93
C TYR F 128 -1.23 35.52 -27.00
N PRO F 129 -0.18 36.20 -27.48
CA PRO F 129 0.73 36.82 -26.51
C PRO F 129 0.08 37.97 -25.74
N GLU F 130 -0.93 38.63 -26.31
CA GLU F 130 -1.57 39.74 -25.58
C GLU F 130 -2.29 39.23 -24.34
N MET F 131 -3.12 38.19 -24.52
CA MET F 131 -3.80 37.56 -23.38
C MET F 131 -2.80 37.07 -22.36
N VAL F 132 -1.78 36.34 -22.83
CA VAL F 132 -0.79 35.78 -21.92
C VAL F 132 -0.16 36.89 -21.10
N ALA F 133 0.26 37.97 -21.76
CA ALA F 133 0.90 39.07 -21.06
C ALA F 133 -0.07 39.74 -20.10
N LEU F 134 -1.31 39.93 -20.52
CA LEU F 134 -2.29 40.57 -19.65
C LEU F 134 -2.53 39.76 -18.40
N CYS F 135 -2.54 38.44 -18.53
CA CYS F 135 -2.78 37.57 -17.38
C CYS F 135 -1.54 37.34 -16.54
N GLY F 136 -0.39 37.90 -16.92
CA GLY F 136 0.80 37.86 -16.09
C GLY F 136 1.86 36.85 -16.50
N GLY F 137 1.63 36.09 -17.58
CA GLY F 137 2.60 35.11 -18.03
C GLY F 137 3.61 35.67 -19.01
N THR F 138 4.52 34.79 -19.45
CA THR F 138 5.61 35.18 -20.35
C THR F 138 5.48 34.46 -21.69
N PRO F 139 5.15 35.16 -22.78
CA PRO F 139 5.15 34.51 -24.08
C PRO F 139 6.54 34.09 -24.46
N VAL F 140 6.66 32.89 -25.02
CA VAL F 140 7.93 32.38 -25.54
C VAL F 140 7.67 32.00 -26.99
N PHE F 141 8.27 32.74 -27.92
CA PHE F 141 7.97 32.55 -29.33
C PHE F 141 8.96 31.56 -29.93
N VAL F 142 8.45 30.61 -30.69
CA VAL F 142 9.34 29.68 -31.36
C VAL F 142 9.12 29.84 -32.86
N PRO F 143 10.11 30.35 -33.59
CA PRO F 143 9.90 30.66 -35.01
C PRO F 143 9.74 29.40 -35.86
N THR F 144 8.95 29.55 -36.93
CA THR F 144 8.92 28.61 -38.04
C THR F 144 9.50 29.31 -39.26
N ARG F 145 9.75 28.53 -40.31
CA ARG F 145 10.34 29.09 -41.51
C ARG F 145 9.43 28.84 -42.69
N GLN F 146 9.39 29.80 -43.63
CA GLN F 146 8.62 29.58 -44.85
C GLN F 146 9.13 28.35 -45.60
N GLU F 147 10.44 28.10 -45.55
CA GLU F 147 11.00 26.92 -46.22
C GLU F 147 10.38 25.63 -45.71
N ASN F 148 9.85 25.63 -44.48
CA ASN F 148 9.17 24.48 -43.88
C ASN F 148 7.67 24.66 -43.89
N ASN F 149 7.15 25.56 -44.72
CA ASN F 149 5.72 25.80 -44.85
C ASN F 149 5.12 26.29 -43.53
N PHE F 150 5.90 27.06 -42.78
CA PHE F 150 5.46 27.66 -41.52
C PHE F 150 5.05 26.60 -40.51
N LYS F 151 5.68 25.44 -40.57
CA LYS F 151 5.38 24.34 -39.65
C LYS F 151 6.54 24.10 -38.70
N LEU F 152 6.21 23.94 -37.43
CA LEU F 152 7.18 23.76 -36.36
C LEU F 152 7.90 22.43 -36.51
N LYS F 153 9.22 22.45 -36.37
CA LYS F 153 10.00 21.22 -36.29
C LYS F 153 10.12 20.79 -34.82
N ALA F 154 10.12 19.47 -34.62
CA ALA F 154 10.10 18.91 -33.27
C ALA F 154 11.25 19.43 -32.42
N GLU F 155 12.45 19.52 -32.99
CA GLU F 155 13.61 19.98 -32.23
CA GLU F 155 13.60 19.97 -32.21
C GLU F 155 13.42 21.41 -31.73
N ASP F 156 12.75 22.25 -32.53
CA ASP F 156 12.56 23.64 -32.15
C ASP F 156 11.57 23.77 -31.00
N LEU F 157 10.53 22.94 -30.99
CA LEU F 157 9.61 22.94 -29.85
C LEU F 157 10.31 22.43 -28.61
N ASP F 158 11.07 21.35 -28.74
CA ASP F 158 11.78 20.78 -27.61
C ASP F 158 12.74 21.80 -26.99
N ARG F 159 13.49 22.52 -27.83
CA ARG F 159 14.42 23.51 -27.33
C ARG F 159 13.72 24.64 -26.59
N ALA F 160 12.50 24.98 -27.02
CA ALA F 160 11.78 26.11 -26.45
C ALA F 160 11.13 25.80 -25.11
N ILE F 161 10.96 24.52 -24.77
CA ILE F 161 10.29 24.15 -23.54
C ILE F 161 11.30 24.20 -22.40
N THR F 162 10.91 24.81 -21.30
CA THR F 162 11.73 24.90 -20.09
C THR F 162 10.91 24.36 -18.93
N PRO F 163 11.52 24.20 -17.75
CA PRO F 163 10.72 23.87 -16.57
C PRO F 163 9.67 24.92 -16.24
N LYS F 164 9.82 26.17 -16.71
CA LYS F 164 8.80 27.18 -16.45
C LYS F 164 7.64 27.13 -17.45
N THR F 165 7.74 26.31 -18.50
CA THR F 165 6.66 26.22 -19.48
C THR F 165 5.43 25.57 -18.84
N LYS F 166 4.31 26.28 -18.86
CA LYS F 166 3.05 25.68 -18.44
C LYS F 166 2.14 25.33 -19.61
N TRP F 167 2.23 26.08 -20.71
CA TRP F 167 1.36 25.89 -21.85
C TRP F 167 2.15 25.86 -23.15
N PHE F 168 1.64 25.08 -24.11
CA PHE F 168 2.00 25.15 -25.53
C PHE F 168 0.74 25.44 -26.31
N VAL F 169 0.74 26.53 -27.09
CA VAL F 169 -0.41 26.91 -27.89
C VAL F 169 -0.27 26.31 -29.29
N PHE F 170 -1.24 25.49 -29.68
CA PHE F 170 -1.20 24.79 -30.95
C PHE F 170 -2.43 25.17 -31.78
N ASN F 171 -2.21 25.94 -32.83
CA ASN F 171 -3.28 26.50 -33.65
C ASN F 171 -3.12 25.95 -35.06
N SER F 172 -3.94 24.96 -35.40
CA SER F 172 -3.89 24.32 -36.72
C SER F 172 -5.30 24.01 -37.20
N PRO F 173 -5.71 24.48 -38.38
CA PRO F 173 -5.04 25.37 -39.33
C PRO F 173 -4.77 26.75 -38.74
N SER F 174 -3.67 27.38 -39.17
CA SER F 174 -3.13 28.57 -38.51
C SER F 174 -3.74 29.88 -39.03
N ASN F 175 -4.05 30.76 -38.09
CA ASN F 175 -4.08 32.20 -38.33
C ASN F 175 -2.74 32.73 -37.87
N PRO F 176 -1.90 33.31 -38.74
CA PRO F 176 -2.13 33.85 -40.09
C PRO F 176 -1.68 33.03 -41.31
N SER F 177 -1.04 31.89 -41.11
CA SER F 177 -0.32 31.28 -42.22
C SER F 177 -1.17 30.34 -43.06
N GLY F 178 -2.31 29.90 -42.55
CA GLY F 178 -3.05 28.88 -43.26
C GLY F 178 -2.38 27.52 -43.26
N ALA F 179 -1.27 27.35 -42.55
CA ALA F 179 -0.64 26.05 -42.43
C ALA F 179 -1.49 25.12 -41.59
N ALA F 180 -1.48 23.84 -41.94
CA ALA F 180 -2.22 22.87 -41.16
C ALA F 180 -1.37 21.61 -41.05
N TYR F 181 -1.23 21.09 -39.84
CA TYR F 181 -0.37 19.93 -39.62
C TYR F 181 -1.13 18.66 -39.97
N SER F 182 -0.52 17.82 -40.79
CA SER F 182 -1.07 16.49 -40.99
C SER F 182 -0.95 15.69 -39.69
N HIS F 183 -1.73 14.60 -39.61
CA HIS F 183 -1.60 13.69 -38.50
C HIS F 183 -0.14 13.27 -38.29
N GLU F 184 0.56 12.94 -39.38
CA GLU F 184 1.99 12.59 -39.31
C GLU F 184 2.80 13.70 -38.65
N GLU F 185 2.64 14.93 -39.12
CA GLU F 185 3.46 16.03 -38.61
C GLU F 185 3.12 16.33 -37.16
N LEU F 186 1.85 16.21 -36.79
CA LEU F 186 1.46 16.49 -35.41
C LEU F 186 2.04 15.45 -34.46
N LYS F 187 2.12 14.18 -34.89
CA LYS F 187 2.65 13.13 -34.03
C LYS F 187 4.10 13.43 -33.63
N ALA F 188 4.88 14.02 -34.54
CA ALA F 188 6.24 14.38 -34.19
C ALA F 188 6.25 15.42 -33.06
N LEU F 189 5.27 16.33 -33.05
CA LEU F 189 5.17 17.31 -31.98
C LEU F 189 4.67 16.69 -30.68
N THR F 190 3.65 15.84 -30.76
CA THR F 190 3.14 15.21 -29.54
C THR F 190 4.16 14.28 -28.91
N ASP F 191 4.99 13.60 -29.73
CA ASP F 191 6.11 12.85 -29.18
C ASP F 191 6.99 13.73 -28.30
N VAL F 192 7.27 14.95 -28.74
CA VAL F 192 8.03 15.89 -27.91
C VAL F 192 7.25 16.21 -26.64
N LEU F 193 5.96 16.53 -26.78
CA LEU F 193 5.16 16.90 -25.62
C LEU F 193 5.08 15.76 -24.60
N MET F 194 5.09 14.52 -25.07
CA MET F 194 5.08 13.38 -24.15
C MET F 194 6.37 13.29 -23.34
N LYS F 195 7.46 13.89 -23.82
CA LYS F 195 8.70 13.93 -23.07
C LYS F 195 8.74 15.08 -22.07
N HIS F 196 7.69 15.91 -22.02
CA HIS F 196 7.59 17.03 -21.06
C HIS F 196 6.20 16.99 -20.44
N PRO F 197 6.00 16.12 -19.44
CA PRO F 197 4.63 15.87 -18.92
C PRO F 197 3.98 17.06 -18.26
N HIS F 198 4.76 18.05 -17.81
CA HIS F 198 4.19 19.20 -17.14
C HIS F 198 3.55 20.20 -18.11
N VAL F 199 3.86 20.13 -19.39
CA VAL F 199 3.37 21.12 -20.34
C VAL F 199 1.94 20.77 -20.72
N TRP F 200 1.01 21.69 -20.47
CA TRP F 200 -0.34 21.56 -20.98
C TRP F 200 -0.43 22.09 -22.41
N VAL F 201 -1.38 21.55 -23.16
CA VAL F 201 -1.58 21.88 -24.56
C VAL F 201 -2.90 22.62 -24.71
N LEU F 202 -2.83 23.82 -25.28
CA LEU F 202 -4.02 24.57 -25.64
C LEU F 202 -4.14 24.47 -27.15
N THR F 203 -5.09 23.68 -27.64
CA THR F 203 -5.22 23.47 -29.07
C THR F 203 -6.43 24.25 -29.58
N ASP F 204 -6.16 25.15 -30.53
CA ASP F 204 -7.16 26.07 -31.07
C ASP F 204 -7.55 25.54 -32.46
N ASP F 205 -8.67 24.80 -32.50
CA ASP F 205 -9.16 24.08 -33.68
C ASP F 205 -10.19 24.89 -34.46
N MET F 206 -10.26 26.20 -34.22
CA MET F 206 -11.21 27.10 -34.87
C MET F 206 -11.39 26.90 -36.37
N TYR F 207 -10.32 26.62 -37.13
CA TYR F 207 -10.43 26.53 -38.59
C TYR F 207 -10.48 25.09 -39.07
N GLU F 208 -10.85 24.16 -38.19
CA GLU F 208 -10.95 22.73 -38.48
C GLU F 208 -11.68 22.45 -39.77
N HIS F 209 -12.80 23.13 -40.00
CA HIS F 209 -13.67 22.83 -41.12
C HIS F 209 -13.34 23.65 -42.35
N LEU F 210 -12.26 24.43 -42.32
CA LEU F 210 -11.78 25.11 -43.51
C LEU F 210 -10.46 24.46 -43.92
N THR F 211 -10.56 23.33 -44.62
CA THR F 211 -9.40 22.61 -45.13
C THR F 211 -9.64 22.21 -46.58
N TYR F 212 -8.56 22.04 -47.33
CA TYR F 212 -8.63 21.91 -48.77
C TYR F 212 -8.03 20.60 -49.25
N GLY F 213 -8.45 20.20 -50.45
CA GLY F 213 -7.89 19.01 -51.06
C GLY F 213 -8.20 17.77 -50.24
N ASP F 214 -7.23 16.85 -50.19
CA ASP F 214 -7.40 15.62 -49.44
C ASP F 214 -6.89 15.72 -48.01
N PHE F 215 -6.53 16.91 -47.53
CA PHE F 215 -6.05 17.07 -46.18
C PHE F 215 -7.11 16.61 -45.17
N ARG F 216 -6.64 15.92 -44.14
CA ARG F 216 -7.49 15.42 -43.06
C ARG F 216 -7.09 16.08 -41.75
N PHE F 217 -8.01 16.84 -41.15
CA PHE F 217 -7.71 17.50 -39.89
C PHE F 217 -7.50 16.48 -38.78
N ALA F 218 -6.48 16.72 -37.95
CA ALA F 218 -6.22 15.92 -36.77
C ALA F 218 -5.98 16.85 -35.58
N THR F 219 -6.45 16.44 -34.40
CA THR F 219 -6.29 17.25 -33.21
C THR F 219 -5.37 16.51 -32.22
N PRO F 220 -4.62 17.24 -31.39
CA PRO F 220 -3.58 16.57 -30.59
C PRO F 220 -4.04 15.37 -29.78
N VAL F 221 -5.16 15.46 -29.05
CA VAL F 221 -5.54 14.31 -28.22
C VAL F 221 -5.90 13.10 -29.08
N GLU F 222 -6.47 13.33 -30.26
CA GLU F 222 -6.77 12.26 -31.20
C GLU F 222 -5.50 11.57 -31.68
N VAL F 223 -4.45 12.37 -31.93
CA VAL F 223 -3.17 11.84 -32.38
C VAL F 223 -2.42 11.18 -31.24
N GLU F 224 -2.52 11.74 -30.03
CA GLU F 224 -1.79 11.22 -28.87
C GLU F 224 -2.71 11.20 -27.66
N PRO F 225 -3.40 10.08 -27.43
CA PRO F 225 -4.30 9.98 -26.27
C PRO F 225 -3.60 10.20 -24.94
N GLY F 226 -2.27 10.07 -24.86
CA GLY F 226 -1.54 10.38 -23.65
C GLY F 226 -1.59 11.86 -23.24
N LEU F 227 -2.07 12.75 -24.12
CA LEU F 227 -2.22 14.16 -23.78
C LEU F 227 -3.57 14.48 -23.18
N TYR F 228 -4.46 13.50 -23.08
CA TYR F 228 -5.86 13.75 -22.75
C TYR F 228 -6.00 14.52 -21.44
N GLU F 229 -5.22 14.16 -20.43
CA GLU F 229 -5.40 14.77 -19.11
C GLU F 229 -4.69 16.11 -18.96
N ARG F 230 -4.07 16.65 -20.02
CA ARG F 230 -3.43 17.95 -19.90
C ARG F 230 -3.57 18.76 -21.20
N THR F 231 -4.70 18.58 -21.88
CA THR F 231 -5.04 19.35 -23.07
C THR F 231 -6.39 20.00 -22.87
N LEU F 232 -6.50 21.26 -23.29
CA LEU F 232 -7.78 21.92 -23.46
C LEU F 232 -8.06 21.97 -24.96
N THR F 233 -9.08 21.23 -25.40
CA THR F 233 -9.42 21.15 -26.83
C THR F 233 -10.47 22.22 -27.11
N MET F 234 -10.05 23.30 -27.77
CA MET F 234 -10.86 24.48 -27.98
C MET F 234 -11.30 24.59 -29.44
N ASN F 235 -12.51 25.07 -29.64
CA ASN F 235 -13.10 25.20 -30.98
C ASN F 235 -14.17 26.28 -30.89
N GLY F 236 -15.00 26.39 -31.90
CA GLY F 236 -16.03 27.42 -31.91
C GLY F 236 -16.74 27.37 -33.25
N VAL F 237 -17.84 28.12 -33.32
CA VAL F 237 -18.68 28.17 -34.52
C VAL F 237 -18.42 29.42 -35.36
N SER F 238 -17.56 30.33 -34.89
CA SER F 238 -17.36 31.61 -35.56
C SER F 238 -16.98 31.42 -37.02
N LYS F 239 -15.94 30.64 -37.27
CA LYS F 239 -15.39 30.58 -38.61
C LYS F 239 -16.11 29.56 -39.49
N ALA F 240 -16.36 28.36 -38.97
CA ALA F 240 -16.98 27.31 -39.79
C ALA F 240 -18.41 27.63 -40.18
N TYR F 241 -19.17 28.32 -39.32
CA TYR F 241 -20.60 28.53 -39.58
C TYR F 241 -20.92 29.99 -39.84
N ALA F 242 -19.89 30.81 -40.11
CA ALA F 242 -20.10 32.23 -40.36
C ALA F 242 -20.96 32.84 -39.25
N MET F 243 -20.53 32.62 -38.01
CA MET F 243 -21.24 33.06 -36.82
C MET F 243 -20.41 33.99 -35.96
N THR F 244 -19.54 34.80 -36.57
CA THR F 244 -18.60 35.59 -35.76
C THR F 244 -19.34 36.53 -34.81
N GLY F 245 -20.37 37.22 -35.29
CA GLY F 245 -21.05 38.18 -34.42
C GLY F 245 -21.89 37.57 -33.30
N TRP F 246 -22.12 36.26 -33.36
CA TRP F 246 -22.95 35.59 -32.36
C TRP F 246 -22.18 35.31 -31.07
N ARG F 247 -20.85 35.18 -31.17
CA ARG F 247 -19.92 34.97 -30.06
C ARG F 247 -20.16 33.65 -29.32
N ILE F 248 -19.89 32.51 -29.97
CA ILE F 248 -19.97 31.22 -29.28
C ILE F 248 -18.68 30.46 -29.54
N GLY F 249 -17.92 30.21 -28.49
CA GLY F 249 -16.79 29.32 -28.54
C GLY F 249 -16.98 28.23 -27.51
N TYR F 250 -16.16 27.18 -27.61
CA TYR F 250 -16.30 26.12 -26.63
C TYR F 250 -14.99 25.35 -26.49
N ALA F 251 -14.95 24.49 -25.49
CA ALA F 251 -13.80 23.63 -25.29
C ALA F 251 -14.24 22.42 -24.47
N ALA F 252 -13.39 21.39 -24.48
CA ALA F 252 -13.51 20.28 -23.55
C ALA F 252 -12.13 19.97 -22.99
N GLY F 253 -12.11 19.41 -21.80
CA GLY F 253 -10.86 19.05 -21.18
C GLY F 253 -11.08 18.54 -19.79
N PRO F 254 -9.99 18.47 -19.00
CA PRO F 254 -10.10 17.90 -17.65
C PRO F 254 -10.99 18.75 -16.76
N LEU F 255 -11.76 18.06 -15.91
CA LEU F 255 -12.75 18.76 -15.09
C LEU F 255 -12.13 19.80 -14.17
N HIS F 256 -10.93 19.54 -13.65
CA HIS F 256 -10.40 20.50 -12.71
C HIS F 256 -10.02 21.81 -13.40
N LEU F 257 -9.73 21.78 -14.71
CA LEU F 257 -9.58 23.03 -15.44
C LEU F 257 -10.93 23.63 -15.79
N ILE F 258 -11.86 22.80 -16.25
CA ILE F 258 -13.17 23.30 -16.68
C ILE F 258 -13.87 24.00 -15.52
N LYS F 259 -13.75 23.46 -14.32
CA LYS F 259 -14.37 24.07 -13.14
C LYS F 259 -13.72 25.40 -12.78
N ALA F 260 -12.40 25.52 -12.98
CA ALA F 260 -11.76 26.82 -12.74
C ALA F 260 -12.21 27.85 -13.77
N MET F 261 -12.35 27.42 -15.03
CA MET F 261 -12.80 28.32 -16.09
C MET F 261 -14.25 28.73 -15.87
N ASP F 262 -15.09 27.79 -15.43
CA ASP F 262 -16.47 28.12 -15.10
C ASP F 262 -16.53 29.17 -13.99
N MET F 263 -15.65 29.05 -12.98
CA MET F 263 -15.68 30.01 -11.88
C MET F 263 -15.33 31.42 -12.36
N ILE F 264 -14.29 31.55 -13.18
CA ILE F 264 -13.91 32.86 -13.68
C ILE F 264 -14.99 33.41 -14.61
N GLN F 265 -15.52 32.55 -15.48
CA GLN F 265 -16.54 32.99 -16.42
C GLN F 265 -17.82 33.46 -15.72
N GLY F 266 -18.22 32.76 -14.66
CA GLY F 266 -19.33 33.21 -13.85
C GLY F 266 -19.13 34.59 -13.27
N GLN F 267 -17.89 34.95 -12.95
CA GLN F 267 -17.61 36.30 -12.46
CA GLN F 267 -17.61 36.30 -12.46
C GLN F 267 -17.61 37.33 -13.59
N GLN F 268 -17.26 36.92 -14.80
CA GLN F 268 -17.10 37.86 -15.91
C GLN F 268 -18.41 38.13 -16.67
N THR F 269 -19.13 37.09 -17.03
CA THR F 269 -20.28 37.21 -17.94
C THR F 269 -21.49 36.44 -17.49
N SER F 270 -21.36 35.49 -16.56
CA SER F 270 -22.38 34.43 -16.42
C SER F 270 -22.38 33.68 -17.77
N GLY F 271 -23.48 33.09 -18.18
CA GLY F 271 -23.42 32.35 -19.43
C GLY F 271 -23.29 33.24 -20.67
N ALA F 272 -23.07 32.59 -21.80
CA ALA F 272 -23.17 33.24 -23.09
C ALA F 272 -24.63 33.49 -23.44
N ALA F 273 -24.86 34.48 -24.31
CA ALA F 273 -26.20 34.84 -24.75
C ALA F 273 -27.01 33.59 -25.10
N SER F 274 -28.18 33.45 -24.47
CA SER F 274 -28.95 32.22 -24.57
C SER F 274 -29.36 31.94 -26.01
N ILE F 275 -29.85 32.97 -26.70
CA ILE F 275 -30.28 32.85 -28.09
C ILE F 275 -29.13 32.36 -28.97
N ALA F 276 -27.92 32.84 -28.70
CA ALA F 276 -26.76 32.39 -29.46
C ALA F 276 -26.43 30.93 -29.17
N GLN F 277 -26.55 30.52 -27.91
CA GLN F 277 -26.31 29.11 -27.58
C GLN F 277 -27.23 28.17 -28.35
N TRP F 278 -28.51 28.53 -28.47
CA TRP F 278 -29.43 27.70 -29.25
C TRP F 278 -29.07 27.72 -30.72
N ALA F 279 -28.64 28.88 -31.24
CA ALA F 279 -28.11 28.93 -32.61
C ALA F 279 -26.99 27.92 -32.79
N ALA F 280 -26.06 27.87 -31.84
CA ALA F 280 -24.93 26.96 -31.97
C ALA F 280 -25.35 25.50 -31.84
N VAL F 281 -26.36 25.20 -31.01
CA VAL F 281 -26.89 23.83 -30.97
C VAL F 281 -27.26 23.37 -32.37
N GLU F 282 -27.97 24.21 -33.13
CA GLU F 282 -28.37 23.80 -34.47
C GLU F 282 -27.17 23.75 -35.41
N ALA F 283 -26.23 24.68 -35.26
CA ALA F 283 -24.99 24.62 -36.03
C ALA F 283 -24.37 23.23 -35.95
N LEU F 284 -24.17 22.73 -34.72
CA LEU F 284 -23.43 21.47 -34.55
C LEU F 284 -24.28 20.27 -34.93
N ASN F 285 -25.55 20.25 -34.56
CA ASN F 285 -26.42 19.09 -34.74
C ASN F 285 -27.12 19.06 -36.08
N GLY F 286 -27.22 20.21 -36.76
CA GLY F 286 -27.95 20.29 -37.99
C GLY F 286 -27.15 19.76 -39.18
N PRO F 287 -27.75 19.90 -40.36
CA PRO F 287 -27.06 19.48 -41.59
C PRO F 287 -25.76 20.26 -41.75
N GLN F 288 -24.77 19.61 -42.37
CA GLN F 288 -23.44 20.22 -42.51
C GLN F 288 -23.14 20.61 -43.96
N ASP F 289 -24.16 20.81 -44.79
CA ASP F 289 -23.93 21.12 -46.19
C ASP F 289 -23.14 22.41 -46.36
N PHE F 290 -23.35 23.38 -45.47
CA PHE F 290 -22.63 24.64 -45.52
C PHE F 290 -21.12 24.41 -45.52
N ILE F 291 -20.65 23.48 -44.67
CA ILE F 291 -19.22 23.17 -44.59
C ILE F 291 -18.72 22.65 -45.93
N GLY F 292 -19.42 21.65 -46.48
CA GLY F 292 -18.98 21.04 -47.72
C GLY F 292 -18.98 22.01 -48.89
N ARG F 293 -20.07 22.77 -49.05
CA ARG F 293 -20.14 23.79 -50.09
C ARG F 293 -18.99 24.78 -49.97
N ASN F 294 -18.67 25.23 -48.75
CA ASN F 294 -17.69 26.29 -48.59
C ASN F 294 -16.27 25.80 -48.81
N LYS F 295 -16.01 24.51 -48.57
CA LYS F 295 -14.69 23.99 -48.91
C LYS F 295 -14.40 24.19 -50.39
N GLU F 296 -15.37 23.89 -51.25
CA GLU F 296 -15.15 24.05 -52.68
C GLU F 296 -15.03 25.52 -53.06
N ILE F 297 -15.86 26.38 -52.48
CA ILE F 297 -15.83 27.81 -52.80
C ILE F 297 -14.50 28.42 -52.38
N PHE F 298 -14.08 28.15 -51.15
CA PHE F 298 -12.84 28.73 -50.66
C PHE F 298 -11.63 28.15 -51.36
N GLN F 299 -11.67 26.86 -51.73
CA GLN F 299 -10.52 26.30 -52.42
C GLN F 299 -10.28 27.03 -53.73
N GLY F 300 -11.36 27.41 -54.42
CA GLY F 300 -11.22 28.17 -55.66
C GLY F 300 -10.66 29.56 -55.41
N ARG F 301 -11.15 30.23 -54.36
CA ARG F 301 -10.62 31.54 -54.00
C ARG F 301 -9.15 31.42 -53.62
N ARG F 302 -8.81 30.40 -52.82
CA ARG F 302 -7.43 30.14 -52.47
C ARG F 302 -6.56 29.98 -53.72
N ASP F 303 -6.98 29.09 -54.63
CA ASP F 303 -6.14 28.80 -55.78
C ASP F 303 -5.95 30.04 -56.64
N LEU F 304 -7.00 30.87 -56.74
CA LEU F 304 -6.89 32.09 -57.54
C LEU F 304 -5.86 33.04 -56.93
N VAL F 305 -5.92 33.23 -55.62
CA VAL F 305 -5.03 34.16 -54.96
C VAL F 305 -3.58 33.65 -54.99
N VAL F 306 -3.39 32.36 -54.70
CA VAL F 306 -2.05 31.79 -54.79
C VAL F 306 -1.46 31.98 -56.18
N SER F 307 -2.26 31.67 -57.21
CA SER F 307 -1.77 31.76 -58.58
C SER F 307 -1.42 33.20 -58.95
N MET F 308 -2.27 34.15 -58.58
CA MET F 308 -2.00 35.52 -59.01
C MET F 308 -0.86 36.14 -58.22
N LEU F 309 -0.75 35.82 -56.93
CA LEU F 309 0.35 36.37 -56.13
C LEU F 309 1.70 35.83 -56.58
N ASN F 310 1.77 34.59 -57.00
CA ASN F 310 3.04 34.08 -57.50
C ASN F 310 3.37 34.59 -58.88
N GLN F 311 2.48 35.41 -59.48
CA GLN F 311 2.78 36.12 -60.71
C GLN F 311 3.17 37.57 -60.45
N ALA F 312 3.21 37.98 -59.18
CA ALA F 312 3.59 39.34 -58.83
C ALA F 312 5.09 39.40 -58.56
N LYS F 313 5.75 40.41 -59.13
CA LYS F 313 7.19 40.51 -58.98
C LYS F 313 7.59 40.53 -57.52
N GLY F 314 8.53 39.66 -57.16
CA GLY F 314 9.11 39.64 -55.84
C GLY F 314 8.28 38.95 -54.79
N ILE F 315 7.10 38.39 -55.17
CA ILE F 315 6.19 37.75 -54.21
C ILE F 315 6.30 36.25 -54.34
N SER F 316 6.28 35.56 -53.20
CA SER F 316 6.33 34.10 -53.15
C SER F 316 5.24 33.64 -52.19
N CYS F 317 4.22 32.97 -52.70
CA CYS F 317 3.03 32.65 -51.91
C CYS F 317 2.88 31.15 -51.75
N PRO F 318 3.11 30.59 -50.58
CA PRO F 318 2.84 29.16 -50.39
C PRO F 318 1.34 28.88 -50.48
N THR F 319 1.02 27.61 -50.68
CA THR F 319 -0.35 27.17 -50.78
C THR F 319 -0.82 26.68 -49.41
N PRO F 320 -1.77 27.35 -48.77
CA PRO F 320 -2.19 26.92 -47.43
C PRO F 320 -3.08 25.69 -47.47
N GLU F 321 -3.05 24.94 -46.36
CA GLU F 321 -3.88 23.75 -46.23
C GLU F 321 -5.23 24.04 -45.60
N GLY F 322 -5.36 25.17 -44.91
CA GLY F 322 -6.61 25.45 -44.23
C GLY F 322 -6.74 26.90 -43.83
N ALA F 323 -7.83 27.19 -43.13
CA ALA F 323 -8.26 28.54 -42.78
C ALA F 323 -8.55 29.30 -44.06
N PHE F 324 -8.55 30.63 -44.04
CA PHE F 324 -8.80 31.38 -45.27
C PHE F 324 -7.81 32.52 -45.42
N TYR F 325 -6.55 32.24 -45.08
CA TYR F 325 -5.46 33.19 -45.17
C TYR F 325 -4.37 32.63 -46.09
N VAL F 326 -3.72 33.52 -46.84
CA VAL F 326 -2.42 33.22 -47.41
C VAL F 326 -1.43 34.13 -46.71
N TYR F 327 -0.17 33.71 -46.71
CA TYR F 327 0.90 34.42 -46.01
C TYR F 327 2.11 34.62 -46.93
N PRO F 328 1.92 35.29 -48.06
CA PRO F 328 3.02 35.44 -49.03
C PRO F 328 4.21 36.19 -48.46
N SER F 329 5.38 35.90 -49.02
CA SER F 329 6.60 36.62 -48.71
C SER F 329 6.77 37.78 -49.68
N CYS F 330 7.23 38.93 -49.17
CA CYS F 330 7.66 40.01 -50.05
C CYS F 330 9.17 40.18 -50.00
N ALA F 331 9.89 39.09 -49.69
CA ALA F 331 11.34 39.15 -49.62
C ALA F 331 11.94 39.62 -50.94
N GLY F 332 11.33 39.22 -52.05
CA GLY F 332 11.82 39.65 -53.35
C GLY F 332 11.76 41.14 -53.58
N LEU F 333 11.03 41.89 -52.75
CA LEU F 333 10.92 43.33 -52.90
C LEU F 333 11.73 44.12 -51.88
N ILE F 334 12.32 43.46 -50.89
CA ILE F 334 13.10 44.18 -49.90
C ILE F 334 14.28 44.85 -50.58
N GLY F 335 14.45 46.15 -50.34
CA GLY F 335 15.49 46.91 -51.00
C GLY F 335 15.08 47.57 -52.30
N LYS F 336 13.91 47.23 -52.85
CA LYS F 336 13.44 47.85 -54.07
C LYS F 336 12.74 49.17 -53.76
N THR F 337 12.60 50.00 -54.78
CA THR F 337 11.99 51.31 -54.64
C THR F 337 10.52 51.22 -55.09
N ALA F 338 9.61 51.51 -54.17
CA ALA F 338 8.20 51.53 -54.51
C ALA F 338 7.90 52.74 -55.41
N PRO F 339 6.74 52.75 -56.08
CA PRO F 339 6.44 53.86 -57.00
C PRO F 339 6.46 55.24 -56.34
N SER F 340 6.21 55.32 -55.03
CA SER F 340 6.27 56.61 -54.34
C SER F 340 7.70 57.08 -54.14
N GLY F 341 8.70 56.24 -54.40
CA GLY F 341 10.07 56.56 -54.07
C GLY F 341 10.56 55.90 -52.80
N LYS F 342 9.65 55.37 -51.99
CA LYS F 342 10.01 54.68 -50.76
C LYS F 342 10.83 53.43 -51.06
N VAL F 343 11.97 53.29 -50.38
CA VAL F 343 12.70 52.03 -50.42
C VAL F 343 12.09 51.09 -49.40
N ILE F 344 11.73 49.88 -49.85
CA ILE F 344 11.01 48.90 -49.03
C ILE F 344 12.04 48.15 -48.19
N GLU F 345 12.16 48.51 -46.91
CA GLU F 345 13.12 47.86 -46.02
C GLU F 345 12.49 46.77 -45.17
N THR F 346 11.17 46.79 -44.98
CA THR F 346 10.47 45.84 -44.13
C THR F 346 9.14 45.51 -44.78
N ASP F 347 8.47 44.48 -44.25
CA ASP F 347 7.15 44.17 -44.76
C ASP F 347 6.13 45.21 -44.35
N GLU F 348 6.37 45.94 -43.26
CA GLU F 348 5.45 47.04 -42.94
C GLU F 348 5.55 48.15 -43.98
N ASP F 349 6.76 48.42 -44.49
CA ASP F 349 6.92 49.35 -45.62
C ASP F 349 6.12 48.88 -46.83
N PHE F 350 6.26 47.59 -47.18
CA PHE F 350 5.53 47.05 -48.33
C PHE F 350 4.04 47.27 -48.17
N VAL F 351 3.51 46.91 -47.01
CA VAL F 351 2.09 46.95 -46.76
C VAL F 351 1.59 48.40 -46.72
N SER F 352 2.38 49.29 -46.13
CA SER F 352 2.02 50.71 -46.08
CA SER F 352 2.01 50.70 -46.09
C SER F 352 1.98 51.31 -47.48
N GLU F 353 3.03 51.05 -48.28
CA GLU F 353 3.06 51.58 -49.63
C GLU F 353 1.97 50.98 -50.49
N LEU F 354 1.71 49.68 -50.35
CA LEU F 354 0.64 49.04 -51.12
C LEU F 354 -0.71 49.69 -50.84
N LEU F 355 -0.99 49.98 -49.57
CA LEU F 355 -2.26 50.62 -49.21
C LEU F 355 -2.38 52.00 -49.83
N GLU F 356 -1.35 52.83 -49.66
CA GLU F 356 -1.42 54.21 -50.13
C GLU F 356 -1.53 54.28 -51.65
N THR F 357 -0.80 53.41 -52.37
CA THR F 357 -0.71 53.49 -53.82
C THR F 357 -1.86 52.78 -54.53
N GLU F 358 -2.24 51.60 -54.09
CA GLU F 358 -3.28 50.83 -54.78
C GLU F 358 -4.56 50.66 -53.96
N GLY F 359 -4.58 51.08 -52.70
CA GLY F 359 -5.79 50.92 -51.90
C GLY F 359 -6.14 49.49 -51.53
N VAL F 360 -5.15 48.61 -51.43
CA VAL F 360 -5.36 47.24 -50.98
C VAL F 360 -4.78 47.13 -49.58
N ALA F 361 -5.64 46.77 -48.61
CA ALA F 361 -5.24 46.72 -47.21
C ALA F 361 -4.96 45.29 -46.80
N VAL F 362 -3.70 45.00 -46.44
CA VAL F 362 -3.25 43.71 -45.91
C VAL F 362 -2.53 43.98 -44.58
N VAL F 363 -2.05 42.91 -43.93
CA VAL F 363 -1.36 43.04 -42.63
C VAL F 363 0.07 42.53 -42.78
N HIS F 364 1.03 43.28 -42.26
CA HIS F 364 2.43 42.89 -42.43
C HIS F 364 2.79 41.75 -41.48
N GLY F 365 3.63 40.84 -41.98
CA GLY F 365 3.97 39.64 -41.24
C GLY F 365 4.68 39.90 -39.93
N SER F 366 5.41 41.02 -39.84
CA SER F 366 6.06 41.40 -38.59
C SER F 366 5.07 41.50 -37.44
N ALA F 367 3.82 41.87 -37.73
CA ALA F 367 2.80 41.95 -36.68
C ALA F 367 2.51 40.59 -36.06
N PHE F 368 2.71 39.52 -36.83
CA PHE F 368 2.46 38.17 -36.33
C PHE F 368 3.76 37.46 -35.94
N GLY F 369 4.86 38.20 -35.85
CA GLY F 369 6.14 37.63 -35.47
C GLY F 369 6.94 36.94 -36.54
N LEU F 370 6.55 37.03 -37.83
CA LEU F 370 7.38 36.44 -38.89
C LEU F 370 7.25 37.23 -40.18
N GLY F 371 8.35 37.82 -40.63
CA GLY F 371 8.42 38.50 -41.90
C GLY F 371 9.67 38.13 -42.66
N PRO F 372 9.90 38.74 -43.84
CA PRO F 372 9.01 39.71 -44.49
C PRO F 372 7.87 39.03 -45.25
N ASN F 373 6.68 39.15 -44.68
CA ASN F 373 5.48 38.51 -45.20
C ASN F 373 4.31 39.47 -45.06
N PHE F 374 3.17 39.09 -45.63
CA PHE F 374 1.93 39.81 -45.36
C PHE F 374 0.78 38.82 -45.37
N ARG F 375 -0.21 39.07 -44.52
CA ARG F 375 -1.40 38.22 -44.47
C ARG F 375 -2.50 38.79 -45.33
N ILE F 376 -3.11 37.93 -46.14
CA ILE F 376 -4.29 38.26 -46.92
C ILE F 376 -5.38 37.27 -46.54
N SER F 377 -6.58 37.79 -46.26
CA SER F 377 -7.75 36.97 -46.08
C SER F 377 -8.48 36.89 -47.42
N TYR F 378 -8.79 35.67 -47.87
CA TYR F 378 -9.55 35.52 -49.11
C TYR F 378 -11.01 35.15 -48.85
N ALA F 379 -11.56 35.62 -47.73
CA ALA F 379 -13.01 35.58 -47.50
C ALA F 379 -13.71 36.76 -48.21
N THR F 380 -13.60 36.77 -49.54
CA THR F 380 -14.40 37.67 -50.37
CA THR F 380 -14.34 37.70 -50.38
C THR F 380 -14.50 37.06 -51.76
N SER F 381 -15.32 37.70 -52.60
CA SER F 381 -15.63 37.11 -53.91
C SER F 381 -14.37 36.98 -54.78
N GLU F 382 -14.38 35.97 -55.66
CA GLU F 382 -13.27 35.81 -56.59
C GLU F 382 -13.05 37.07 -57.42
N ALA F 383 -14.15 37.73 -57.80
CA ALA F 383 -14.04 38.93 -58.64
C ALA F 383 -13.28 40.03 -57.91
N LEU F 384 -13.55 40.21 -56.61
CA LEU F 384 -12.83 41.21 -55.85
C LEU F 384 -11.40 40.76 -55.55
N LEU F 385 -11.21 39.48 -55.26
CA LEU F 385 -9.85 38.98 -55.08
C LEU F 385 -9.03 39.18 -56.34
N GLU F 386 -9.63 38.97 -57.51
CA GLU F 386 -8.90 39.16 -58.75
C GLU F 386 -8.49 40.63 -58.90
N GLU F 387 -9.42 41.56 -58.66
CA GLU F 387 -9.08 42.97 -58.74
C GLU F 387 -7.98 43.34 -57.75
N ALA F 388 -8.08 42.86 -56.51
CA ALA F 388 -7.04 43.15 -55.53
C ALA F 388 -5.69 42.62 -56.01
N CYS F 389 -5.67 41.39 -56.53
CA CYS F 389 -4.41 40.82 -56.99
C CYS F 389 -3.89 41.52 -58.23
N ARG F 390 -4.78 41.98 -59.13
CA ARG F 390 -4.28 42.76 -60.25
C ARG F 390 -3.62 44.04 -59.77
N ARG F 391 -4.16 44.63 -58.70
CA ARG F 391 -3.55 45.84 -58.14
C ARG F 391 -2.21 45.53 -57.50
N ILE F 392 -2.12 44.43 -56.78
CA ILE F 392 -0.86 44.01 -56.18
C ILE F 392 0.19 43.73 -57.25
N GLN F 393 -0.20 43.05 -58.34
CA GLN F 393 0.73 42.82 -59.46
C GLN F 393 1.20 44.13 -60.09
N ARG F 394 0.26 45.06 -60.36
CA ARG F 394 0.67 46.35 -60.91
C ARG F 394 1.64 47.07 -59.99
N PHE F 395 1.39 47.03 -58.67
CA PHE F 395 2.27 47.71 -57.73
C PHE F 395 3.64 47.06 -57.72
N CYS F 396 3.70 45.73 -57.58
CA CYS F 396 4.98 45.06 -57.56
C CYS F 396 5.77 45.28 -58.84
N ALA F 397 5.09 45.26 -60.00
CA ALA F 397 5.80 45.48 -61.25
C ALA F 397 6.39 46.87 -61.32
N ALA F 398 5.73 47.85 -60.69
CA ALA F 398 6.22 49.22 -60.68
C ALA F 398 7.35 49.41 -59.67
N CYS F 399 7.60 48.44 -58.79
CA CYS F 399 8.76 48.52 -57.93
C CYS F 399 10.03 48.27 -58.74
N ARG F 400 11.07 49.07 -58.49
CA ARG F 400 12.30 49.01 -59.29
C ARG F 400 13.53 48.68 -58.45
N1 PLP G . -0.20 -38.75 22.28
C2 PLP G . -1.24 -39.28 23.01
C2A PLP G . -1.59 -38.63 24.33
C3 PLP G . -1.95 -40.37 22.52
O3 PLP G . -3.00 -40.89 23.24
C4 PLP G . -1.60 -40.94 21.29
C4A PLP G . -2.21 -42.24 20.82
O4A PLP G . -2.46 -43.17 21.59
C5 PLP G . -0.53 -40.38 20.58
C6 PLP G . 0.15 -39.29 21.08
C5A PLP G . -0.08 -40.93 19.24
O4P PLP G . -1.13 -40.94 18.29
P PLP G . -0.70 -41.43 16.84
O1P PLP G . -1.62 -42.56 16.47
O2P PLP G . 0.71 -41.95 16.94
O3P PLP G . -0.81 -40.37 15.77
N1 PLP H . 20.52 1.53 1.42
C2 PLP H . 21.24 1.89 0.30
C2A PLP H . 22.42 1.06 -0.08
C3 PLP H . 20.86 3.02 -0.45
O3 PLP H . 21.56 3.36 -1.56
C4 PLP H . 19.75 3.77 -0.07
C4A PLP H . 19.34 5.02 -0.80
O4A PLP H . 20.14 5.92 -1.06
C5 PLP H . 19.04 3.38 1.07
C6 PLP H . 19.43 2.27 1.80
C5A PLP H . 17.83 4.16 1.50
O4P PLP H . 16.78 3.70 0.70
P PLP H . 15.32 4.23 1.05
O1P PLP H . 14.32 3.12 1.02
O2P PLP H . 14.96 5.28 0.03
O3P PLP H . 15.42 4.82 2.43
N1 PLP I . -0.15 14.44 19.81
C2 PLP I . -1.35 13.99 20.34
C2A PLP I . -1.91 14.68 21.54
C3 PLP I . -2.02 12.92 19.75
O3 PLP I . -3.21 12.48 20.26
C4 PLP I . -1.47 12.30 18.63
C4A PLP I . -2.14 11.09 18.04
O4A PLP I . -2.34 10.08 18.71
C5 PLP I . -0.27 12.76 18.13
C6 PLP I . 0.39 13.83 18.72
C5A PLP I . 0.33 12.11 16.92
O4P PLP I . -0.44 12.43 15.79
P PLP I . 0.13 11.81 14.43
O1P PLP I . -0.78 10.67 14.05
O2P PLP I . 1.50 11.27 14.72
O3P PLP I . 0.14 12.85 13.34
N1 PLP J . -25.84 44.24 -10.39
C2 PLP J . -26.82 43.70 -9.57
C2A PLP J . -27.17 44.43 -8.30
C3 PLP J . -27.48 42.52 -9.93
O3 PLP J . -28.46 42.01 -9.11
C4 PLP J . -27.15 41.88 -11.12
C4A PLP J . -27.73 40.53 -11.47
O4A PLP J . -28.23 39.78 -10.61
C5 PLP J . -26.14 42.42 -11.92
C6 PLP J . -25.51 43.61 -11.56
C5A PLP J . -25.71 41.77 -13.23
O4P PLP J . -26.78 41.75 -14.15
P PLP J . -26.46 41.15 -15.59
O1P PLP J . -27.37 39.97 -15.77
O2P PLP J . -26.72 42.16 -16.66
O3P PLP J . -25.00 40.70 -15.58
N1 PLP K . -8.35 31.60 -32.74
C2 PLP K . -7.95 32.09 -33.96
C2A PLP K . -6.72 31.51 -34.60
C3 PLP K . -8.69 33.07 -34.61
O3 PLP K . -8.26 33.51 -35.83
C4 PLP K . -9.87 33.59 -34.03
C4A PLP K . -10.98 34.01 -34.98
C5 PLP K . -10.23 33.09 -32.77
C6 PLP K . -9.48 32.10 -32.15
C5A PLP K . -11.45 33.57 -31.99
O4P PLP K . -12.68 33.42 -32.64
P PLP K . -14.00 33.94 -31.89
O1P PLP K . -14.83 32.72 -31.57
O2P PLP K . -14.74 34.83 -32.85
O3P PLP K . -13.65 34.69 -30.61
#